data_8Y60
#
_entry.id   8Y60
#
loop_
_entity.id
_entity.type
_entity.pdbx_description
1 polymer 'Potassium/sodium hyperpolarization-activated cyclic nucleotide-gated channel 1'
2 non-polymer CHOLESTEROL
3 non-polymer Ivabradine
#
_entity_poly.entity_id   1
_entity_poly.type   'polypeptide(L)'
_entity_poly.pdbx_seq_one_letter_code
;MEGGGKPNSSSNSRDDGNSVFPAKASATGAGPAAAEKRLGTPPGGGGAGAKEHGNSVCFKVDGGGGGGGGGGGGEEPAGG
FEDAEGPRRQYGFMQRQFTSMLQPGVNKFSLRMFGSQKAVEKEQERVKTAGFWIIHPYSDFRFYWDLIMLIMMVGNLVII
PVGITFFTEQTTTPWIIFNVASDTVFLLDLIMNFRTGTVNEDSSEIILDPKVIKMNYLKSWFVVDFISSIPVDYIFLIVE
KGMDSEVYKTARALRIVRFTKILSLLRLLRLSRLIRYIHQWEEIFHMTYDLASAVVRIFNLIGMMLLLCHWDGCLQFLVP
LLQDFPPDCWVSLNEMVNDSWGKQYSYALFKAMSHMLCIGYGAQAPVSMSDLWITMLSMIVGATCYAMFVGHATALIQSL
DSSRRQYQEKYKQVEQYMSFHKLPADMRQKIHDYYEHRYQGKIFDEENILNELNDPLREEIVNFNCRKLVATMPLFANAD
PNFVTAMLSKLRFEVFQPGDYIIREGAVGKKMYFIQHGVAGVITKSSKEMKLTDGSYFGEICLLTKGRRTASVRADTYCR
LYSLSVDNFNEVLEEYPMMRRAFETVAIDRLDRIGKKNSILLQKFQKDLNTGVFNNQENEILKQIVKHDREMVQAIAPIN
YPQMTTLNSTSSTTTPTSRMRTQSPPVYTATSLSHSNLHSPSPSTQTPQPSAILSPCSYTTAVCSPPVQSPLAARTFHYA
SPTASQLSLMQQQPQQQVQQSQPPQTQPQQPSPQPQTPGSSTPKNEVHKSTQALHNTNLTREVRPLSASQPSLPHEVSTL
ISRPHPTVGESLASIPQPVTAVPGTGLQAGGRSTVPQRVTLFRQMSSGAIPPNRGVPPAPPPPAAALPRESSSVLNTDPD
AEKPRFASNL
;
_entity_poly.pdbx_strand_id   A,B,C,D
#
loop_
_chem_comp.id
_chem_comp.type
_chem_comp.name
_chem_comp.formula
CLR non-polymer CHOLESTEROL 'C27 H46 O'
VNZ non-polymer Ivabradine 'C27 H36 N2 O5'
#
# COMPACT_ATOMS: atom_id res chain seq x y z
N GLN A 97 34.34 23.44 -30.79
CA GLN A 97 33.15 22.71 -30.27
C GLN A 97 33.42 22.26 -28.83
N PHE A 98 34.67 22.38 -28.36
CA PHE A 98 35.00 21.88 -27.02
C PHE A 98 34.20 22.66 -25.98
N THR A 99 34.11 23.98 -26.14
CA THR A 99 33.29 24.78 -25.21
C THR A 99 31.82 24.34 -25.32
N SER A 100 31.33 24.09 -26.54
CA SER A 100 29.90 23.74 -26.72
C SER A 100 29.57 22.43 -26.01
N MET A 101 30.45 21.41 -26.12
CA MET A 101 30.18 20.09 -25.50
C MET A 101 30.17 20.27 -23.98
N LEU A 102 31.09 21.05 -23.43
CA LEU A 102 31.18 21.17 -21.96
C LEU A 102 30.01 22.01 -21.44
N GLN A 103 29.27 22.67 -22.33
CA GLN A 103 28.16 23.57 -21.89
C GLN A 103 26.77 22.94 -22.07
N PRO A 104 25.81 23.10 -21.12
CA PRO A 104 24.49 22.47 -21.21
C PRO A 104 23.69 22.97 -22.40
N GLY A 105 23.60 22.16 -23.45
CA GLY A 105 22.93 22.58 -24.65
C GLY A 105 21.43 22.64 -24.49
N VAL A 106 20.79 23.46 -25.32
CA VAL A 106 19.32 23.66 -25.23
C VAL A 106 18.64 22.35 -25.66
N ASN A 107 18.12 21.60 -24.69
CA ASN A 107 17.50 20.28 -24.97
C ASN A 107 16.18 20.25 -24.21
N LYS A 108 15.37 19.21 -24.42
CA LYS A 108 14.11 19.08 -23.66
C LYS A 108 14.42 19.03 -22.16
N PHE A 109 15.46 18.31 -21.73
CA PHE A 109 15.81 18.34 -20.29
C PHE A 109 16.26 19.73 -19.85
N SER A 110 17.15 20.38 -20.59
CA SER A 110 17.65 21.68 -20.15
C SER A 110 16.51 22.68 -20.03
N LEU A 111 15.67 22.75 -21.05
CA LEU A 111 14.53 23.69 -21.07
C LEU A 111 13.47 23.28 -20.03
N ARG A 112 13.54 22.18 -19.40
CA ARG A 112 12.57 21.76 -18.42
C ARG A 112 13.19 21.82 -17.06
N MET A 113 14.53 21.79 -17.02
CA MET A 113 15.22 21.99 -15.73
C MET A 113 15.41 23.50 -15.48
N PHE A 114 16.23 24.15 -16.30
CA PHE A 114 16.38 25.58 -16.24
C PHE A 114 15.15 25.97 -16.99
N GLY A 115 14.54 27.09 -16.67
CA GLY A 115 13.29 27.40 -17.31
C GLY A 115 13.16 27.42 -18.82
N SER A 116 13.98 28.22 -19.49
CA SER A 116 13.88 28.32 -20.93
C SER A 116 15.17 28.76 -21.51
N GLN A 117 15.20 28.98 -22.81
CA GLN A 117 16.46 29.33 -23.44
C GLN A 117 17.19 30.41 -22.66
N LYS A 118 16.60 31.57 -22.48
CA LYS A 118 17.32 32.68 -21.81
C LYS A 118 17.88 32.22 -20.46
N ALA A 119 17.24 31.25 -19.80
CA ALA A 119 17.82 30.66 -18.57
C ALA A 119 18.96 29.68 -18.89
N VAL A 120 18.79 28.84 -19.91
CA VAL A 120 19.85 27.88 -20.32
C VAL A 120 21.06 28.69 -20.77
N GLU A 121 20.84 29.73 -21.58
CA GLU A 121 21.95 30.56 -22.11
C GLU A 121 22.63 31.29 -20.95
N LYS A 122 21.89 31.59 -19.89
CA LYS A 122 22.52 32.20 -18.69
C LYS A 122 23.44 31.18 -18.02
N GLU A 123 23.01 29.92 -17.88
CA GLU A 123 23.86 28.85 -17.27
C GLU A 123 25.07 28.56 -18.17
N GLN A 124 24.87 28.55 -19.48
CA GLN A 124 25.97 28.27 -20.42
C GLN A 124 27.02 29.35 -20.18
N GLU A 125 26.60 30.59 -19.99
CA GLU A 125 27.56 31.69 -19.66
C GLU A 125 28.23 31.48 -18.31
N ARG A 126 27.50 30.95 -17.32
CA ARG A 126 28.07 30.72 -15.96
C ARG A 126 29.22 29.71 -16.09
N VAL A 127 29.07 28.70 -16.93
CA VAL A 127 30.19 27.73 -17.17
C VAL A 127 31.36 28.47 -17.81
N LYS A 128 31.10 29.38 -18.74
CA LYS A 128 32.20 30.07 -19.47
C LYS A 128 33.03 30.94 -18.52
N THR A 129 32.63 31.09 -17.25
CA THR A 129 33.49 31.83 -16.29
C THR A 129 34.80 31.08 -16.06
N ALA A 130 34.78 29.75 -15.91
CA ALA A 130 36.04 28.97 -15.80
C ALA A 130 36.43 28.46 -17.19
N GLY A 131 37.72 28.27 -17.48
CA GLY A 131 38.11 27.97 -18.88
C GLY A 131 38.65 26.59 -19.19
N PHE A 132 37.93 25.81 -20.01
CA PHE A 132 38.39 24.48 -20.50
C PHE A 132 38.44 23.48 -19.35
N TRP A 133 38.06 23.92 -18.15
CA TRP A 133 38.19 23.04 -16.98
C TRP A 133 36.87 22.99 -16.24
N ILE A 134 35.75 23.23 -16.84
CA ILE A 134 34.52 23.05 -16.10
C ILE A 134 33.56 22.36 -17.02
N ILE A 135 33.04 21.26 -16.60
CA ILE A 135 32.06 20.47 -17.41
C ILE A 135 30.76 20.52 -16.62
N HIS A 136 29.64 20.80 -17.27
CA HIS A 136 28.39 20.92 -16.48
C HIS A 136 27.88 19.51 -16.22
N PRO A 137 27.24 19.21 -15.07
CA PRO A 137 26.77 17.88 -14.81
C PRO A 137 25.79 17.44 -15.90
N TYR A 138 25.04 18.37 -16.48
CA TYR A 138 24.10 18.02 -17.54
C TYR A 138 24.72 18.13 -18.92
N SER A 139 26.01 18.45 -18.99
CA SER A 139 26.68 18.57 -20.28
C SER A 139 26.62 17.26 -21.06
N ASP A 140 26.61 17.37 -22.38
CA ASP A 140 26.54 16.18 -23.22
C ASP A 140 27.85 15.41 -23.17
N PHE A 141 28.92 16.07 -22.76
CA PHE A 141 30.20 15.40 -22.66
C PHE A 141 30.01 14.57 -21.43
N ARG A 142 29.52 15.15 -20.34
CA ARG A 142 29.25 14.28 -19.18
C ARG A 142 28.29 13.17 -19.63
N PHE A 143 27.35 13.46 -20.50
CA PHE A 143 26.50 12.35 -20.97
C PHE A 143 27.31 11.32 -21.74
N TYR A 144 28.14 11.76 -22.68
CA TYR A 144 28.92 10.81 -23.52
C TYR A 144 30.02 10.11 -22.71
N TRP A 145 30.72 10.83 -21.83
CA TRP A 145 31.72 10.15 -20.98
C TRP A 145 31.04 9.13 -20.09
N ASP A 146 29.90 9.49 -19.49
CA ASP A 146 29.17 8.56 -18.61
C ASP A 146 28.65 7.35 -19.38
N LEU A 147 28.23 7.48 -20.64
CA LEU A 147 27.81 6.31 -21.45
C LEU A 147 29.03 5.45 -21.80
N ILE A 148 30.19 6.05 -22.01
CA ILE A 148 31.44 5.26 -22.26
C ILE A 148 31.81 4.56 -20.95
N MET A 149 31.77 5.27 -19.83
CA MET A 149 32.20 4.65 -18.54
C MET A 149 31.26 3.51 -18.22
N LEU A 150 29.95 3.70 -18.31
CA LEU A 150 28.99 2.65 -17.88
C LEU A 150 29.20 1.37 -18.70
N ILE A 151 29.39 1.46 -20.02
CA ILE A 151 29.69 0.21 -20.79
C ILE A 151 31.00 -0.39 -20.27
N MET A 152 32.02 0.45 -20.11
CA MET A 152 33.33 -0.04 -19.62
C MET A 152 33.12 -0.58 -18.20
N MET A 153 32.47 0.01 -17.29
CA MET A 153 32.35 -0.48 -15.92
C MET A 153 31.47 -1.67 -15.79
N VAL A 154 30.52 -1.94 -16.73
CA VAL A 154 29.82 -3.26 -16.67
C VAL A 154 30.80 -4.31 -17.20
N GLY A 155 31.51 -4.01 -18.28
CA GLY A 155 32.40 -5.02 -18.82
C GLY A 155 33.48 -5.38 -17.82
N ASN A 156 34.08 -4.40 -17.16
CA ASN A 156 35.17 -4.63 -16.18
C ASN A 156 34.63 -5.40 -14.98
N LEU A 157 33.42 -5.09 -14.53
CA LEU A 157 32.88 -5.74 -13.32
C LEU A 157 32.41 -7.15 -13.66
N VAL A 158 32.28 -7.48 -14.96
CA VAL A 158 31.93 -8.89 -15.34
C VAL A 158 33.19 -9.70 -15.76
N ILE A 159 34.11 -9.11 -16.53
CA ILE A 159 35.37 -9.77 -16.99
C ILE A 159 36.42 -9.83 -15.88
N ILE A 160 36.54 -8.80 -15.01
CA ILE A 160 37.59 -8.75 -13.98
C ILE A 160 37.49 -9.76 -12.85
N PRO A 161 36.32 -10.02 -12.34
CA PRO A 161 36.22 -11.07 -11.34
C PRO A 161 36.57 -12.44 -11.92
N VAL A 162 36.10 -12.78 -13.13
CA VAL A 162 36.39 -14.08 -13.80
C VAL A 162 37.88 -14.17 -14.10
N GLY A 163 38.51 -13.10 -14.53
CA GLY A 163 39.92 -13.17 -14.91
C GLY A 163 40.82 -13.49 -13.74
N ILE A 164 40.59 -12.88 -12.60
CA ILE A 164 41.39 -13.18 -11.37
C ILE A 164 41.07 -14.60 -10.87
N THR A 165 39.80 -14.94 -10.72
CA THR A 165 39.42 -16.23 -10.10
C THR A 165 39.65 -17.46 -10.96
N PHE A 166 39.25 -17.46 -12.23
CA PHE A 166 39.30 -18.71 -13.04
C PHE A 166 40.47 -18.80 -14.01
N PHE A 167 41.35 -17.80 -14.07
CA PHE A 167 42.54 -17.87 -14.94
C PHE A 167 43.81 -17.68 -14.11
N THR A 168 44.72 -18.65 -14.19
CA THR A 168 45.96 -18.61 -13.36
C THR A 168 46.87 -17.43 -13.70
N GLU A 169 47.04 -17.10 -14.98
CA GLU A 169 48.00 -16.03 -15.35
C GLU A 169 47.26 -14.73 -15.69
N GLN A 170 47.46 -13.70 -14.89
CA GLN A 170 46.86 -12.37 -15.18
C GLN A 170 47.99 -11.40 -15.53
N THR A 171 49.20 -11.91 -15.73
CA THR A 171 50.35 -11.06 -16.14
C THR A 171 50.61 -11.28 -17.63
N THR A 172 49.72 -12.00 -18.31
CA THR A 172 49.89 -12.28 -19.76
C THR A 172 49.68 -10.98 -20.53
N THR A 173 50.19 -10.87 -21.75
CA THR A 173 50.10 -9.58 -22.49
C THR A 173 48.64 -9.18 -22.74
N PRO A 174 47.69 -10.04 -23.16
CA PRO A 174 46.32 -9.58 -23.36
C PRO A 174 45.65 -9.04 -22.09
N TRP A 175 45.92 -9.63 -20.92
CA TRP A 175 45.26 -9.18 -19.68
C TRP A 175 45.94 -7.91 -19.17
N ILE A 176 47.20 -7.68 -19.51
CA ILE A 176 47.88 -6.41 -19.10
C ILE A 176 47.38 -5.27 -20.00
N ILE A 177 47.20 -5.52 -21.29
CA ILE A 177 46.62 -4.45 -22.16
C ILE A 177 45.20 -4.13 -21.68
N PHE A 178 44.39 -5.14 -21.38
CA PHE A 178 42.99 -4.89 -20.94
C PHE A 178 42.99 -4.15 -19.60
N ASN A 179 43.75 -4.51 -18.63
CA ASN A 179 43.75 -3.87 -17.32
C ASN A 179 44.42 -2.50 -17.30
N VAL A 180 45.45 -2.28 -18.16
CA VAL A 180 46.03 -0.91 -18.31
C VAL A 180 45.07 0.00 -19.08
N ALA A 181 44.45 -0.47 -20.15
CA ALA A 181 43.56 0.39 -20.96
C ALA A 181 42.35 0.80 -20.12
N SER A 182 41.75 -0.15 -19.39
CA SER A 182 40.59 0.16 -18.53
C SER A 182 41.02 1.10 -17.41
N ASP A 183 42.19 0.88 -16.80
CA ASP A 183 42.68 1.74 -15.70
C ASP A 183 42.93 3.15 -16.24
N THR A 184 43.44 3.29 -17.46
CA THR A 184 43.63 4.64 -18.06
C THR A 184 42.29 5.36 -18.21
N VAL A 185 41.26 4.68 -18.73
CA VAL A 185 39.93 5.32 -18.95
C VAL A 185 39.39 5.72 -17.58
N PHE A 186 39.54 4.85 -16.60
CA PHE A 186 39.02 5.12 -15.23
C PHE A 186 39.82 6.24 -14.56
N LEU A 187 41.14 6.29 -14.77
CA LEU A 187 41.96 7.39 -14.20
C LEU A 187 41.59 8.72 -14.84
N LEU A 188 41.36 8.75 -16.16
CA LEU A 188 40.89 10.02 -16.80
C LEU A 188 39.61 10.42 -16.09
N ASP A 189 38.71 9.49 -15.84
CA ASP A 189 37.39 9.84 -15.24
C ASP A 189 37.62 10.50 -13.89
N LEU A 190 38.60 10.05 -13.11
CA LEU A 190 38.91 10.68 -11.81
C LEU A 190 39.36 12.12 -12.05
N ILE A 191 40.19 12.39 -13.05
CA ILE A 191 40.64 13.78 -13.38
C ILE A 191 39.43 14.61 -13.80
N MET A 192 38.56 14.06 -14.65
CA MET A 192 37.38 14.80 -15.13
C MET A 192 36.43 15.08 -13.97
N ASN A 193 36.27 14.15 -13.03
CA ASN A 193 35.32 14.35 -11.90
C ASN A 193 35.78 15.54 -11.08
N PHE A 194 37.09 15.79 -11.00
CA PHE A 194 37.63 16.97 -10.29
C PHE A 194 37.20 18.27 -10.98
N ARG A 195 36.87 18.21 -12.28
CA ARG A 195 36.51 19.43 -13.03
C ARG A 195 35.07 19.33 -13.57
N THR A 196 34.18 18.58 -12.92
CA THR A 196 32.76 18.55 -13.36
C THR A 196 31.87 19.08 -12.23
N GLY A 197 30.99 20.04 -12.54
CA GLY A 197 30.11 20.62 -11.53
C GLY A 197 29.18 19.58 -10.96
N THR A 198 28.86 19.66 -9.68
CA THR A 198 28.02 18.64 -9.05
C THR A 198 26.63 19.20 -8.79
N VAL A 199 25.59 18.54 -9.30
CA VAL A 199 24.20 18.97 -9.00
C VAL A 199 24.05 19.02 -7.49
N ASN A 200 23.37 20.02 -6.95
CA ASN A 200 23.24 20.15 -5.50
C ASN A 200 21.78 20.32 -5.08
N GLU A 201 21.34 19.52 -4.12
CA GLU A 201 19.97 19.62 -3.63
C GLU A 201 19.74 20.98 -3.00
N ASP A 202 18.67 21.66 -3.38
CA ASP A 202 18.41 22.99 -2.85
C ASP A 202 19.37 23.99 -3.48
N SER A 203 19.98 23.68 -4.59
CA SER A 203 20.83 24.74 -5.17
C SER A 203 21.13 24.66 -6.64
N SER A 204 22.20 25.33 -7.02
CA SER A 204 22.61 25.30 -8.40
C SER A 204 23.60 24.15 -8.56
N GLU A 205 24.28 24.09 -9.71
CA GLU A 205 25.30 23.08 -9.89
C GLU A 205 26.64 23.65 -9.48
N ILE A 206 27.17 23.19 -8.35
CA ILE A 206 28.46 23.68 -7.88
C ILE A 206 29.37 23.75 -9.10
N ILE A 207 29.94 24.92 -9.37
CA ILE A 207 30.72 25.05 -10.60
C ILE A 207 32.13 25.62 -10.43
N LEU A 208 32.44 26.22 -9.29
CA LEU A 208 33.78 26.86 -9.16
C LEU A 208 34.86 25.78 -9.16
N ASP A 209 35.74 25.77 -10.16
CA ASP A 209 36.71 24.64 -10.28
C ASP A 209 37.65 24.53 -9.09
N PRO A 210 38.28 25.60 -8.57
CA PRO A 210 39.30 25.43 -7.53
C PRO A 210 38.84 24.80 -6.21
N LYS A 211 37.69 25.21 -5.67
CA LYS A 211 37.37 24.64 -4.34
C LYS A 211 35.95 24.07 -4.31
N VAL A 212 35.04 24.62 -5.10
CA VAL A 212 33.65 24.13 -4.98
C VAL A 212 33.61 22.66 -5.41
N ILE A 213 34.33 22.30 -6.48
CA ILE A 213 34.27 20.90 -7.01
C ILE A 213 35.45 20.08 -6.50
N LYS A 214 36.68 20.61 -6.57
CA LYS A 214 37.87 19.81 -6.20
C LYS A 214 37.82 19.42 -4.72
N MET A 215 37.42 20.32 -3.84
CA MET A 215 37.46 20.02 -2.39
C MET A 215 36.20 19.27 -1.96
N ASN A 216 35.19 19.16 -2.83
CA ASN A 216 34.03 18.31 -2.47
C ASN A 216 34.31 16.86 -2.87
N TYR A 217 34.95 16.62 -4.01
CA TYR A 217 35.33 15.24 -4.42
C TYR A 217 36.32 14.66 -3.41
N LEU A 218 37.33 15.43 -3.00
CA LEU A 218 38.38 14.91 -2.10
C LEU A 218 37.73 14.50 -0.79
N LYS A 219 36.75 15.27 -0.33
CA LYS A 219 36.10 14.99 0.98
C LYS A 219 35.00 13.95 0.82
N SER A 220 34.73 13.52 -0.42
CA SER A 220 33.59 12.58 -0.64
C SER A 220 34.06 11.23 -1.17
N TRP A 221 34.15 11.07 -2.50
CA TRP A 221 34.46 9.75 -3.08
C TRP A 221 35.87 9.66 -3.69
N PHE A 222 36.78 10.57 -3.39
CA PHE A 222 38.09 10.48 -4.07
C PHE A 222 38.76 9.18 -3.66
N VAL A 223 38.82 8.80 -2.46
CA VAL A 223 39.57 7.61 -2.12
C VAL A 223 39.02 6.41 -2.85
N VAL A 224 37.67 6.12 -2.69
CA VAL A 224 37.16 4.86 -3.29
C VAL A 224 37.52 4.89 -4.77
N ASP A 225 37.37 6.04 -5.41
CA ASP A 225 37.70 6.20 -6.85
C ASP A 225 39.21 6.09 -7.12
N PHE A 226 40.06 6.60 -6.24
CA PHE A 226 41.52 6.43 -6.44
C PHE A 226 41.90 4.95 -6.35
N ILE A 227 41.40 4.24 -5.33
CA ILE A 227 41.81 2.83 -5.13
C ILE A 227 41.37 2.01 -6.35
N SER A 228 40.14 2.23 -6.84
CA SER A 228 39.64 1.50 -8.03
C SER A 228 40.43 1.84 -9.29
N SER A 229 40.72 3.12 -9.54
CA SER A 229 41.41 3.54 -10.79
C SER A 229 42.86 3.07 -10.85
N ILE A 230 43.60 3.17 -9.75
CA ILE A 230 45.05 2.83 -9.79
C ILE A 230 45.25 1.31 -9.96
N PRO A 231 46.29 0.81 -10.68
CA PRO A 231 46.52 -0.64 -10.76
C PRO A 231 47.37 -1.07 -9.55
N VAL A 232 46.75 -1.16 -8.38
CA VAL A 232 47.49 -1.52 -7.18
C VAL A 232 48.23 -2.82 -7.38
N ASP A 233 47.59 -3.76 -8.07
CA ASP A 233 48.21 -5.10 -8.24
C ASP A 233 49.54 -4.96 -8.97
N TYR A 234 49.57 -4.18 -10.04
CA TYR A 234 50.81 -4.00 -10.83
C TYR A 234 51.86 -3.21 -10.04
N ILE A 235 51.43 -2.23 -9.25
CA ILE A 235 52.39 -1.45 -8.41
C ILE A 235 53.06 -2.40 -7.41
N PHE A 236 52.29 -3.28 -6.77
CA PHE A 236 52.86 -4.26 -5.81
C PHE A 236 53.81 -5.20 -6.54
N LEU A 237 53.42 -5.65 -7.73
CA LEU A 237 54.25 -6.62 -8.48
C LEU A 237 55.59 -5.95 -8.82
N ILE A 238 55.55 -4.69 -9.28
CA ILE A 238 56.80 -3.96 -9.66
C ILE A 238 57.67 -3.72 -8.42
N VAL A 239 57.05 -3.29 -7.31
CA VAL A 239 57.82 -3.00 -6.06
C VAL A 239 58.43 -4.31 -5.53
N GLU A 240 57.69 -5.41 -5.54
CA GLU A 240 58.20 -6.68 -4.96
C GLU A 240 59.26 -7.28 -5.88
N LYS A 241 59.21 -6.98 -7.18
CA LYS A 241 60.25 -7.45 -8.12
C LYS A 241 61.11 -6.26 -8.55
N ARG A 252 58.01 -18.75 -2.78
CA ARG A 252 57.67 -17.45 -2.13
C ARG A 252 56.88 -16.60 -3.11
N ALA A 253 56.93 -16.96 -4.40
CA ALA A 253 56.13 -16.26 -5.44
C ALA A 253 54.64 -16.61 -5.33
N LEU A 254 54.31 -17.81 -4.82
CA LEU A 254 52.90 -18.24 -4.74
C LEU A 254 52.13 -17.33 -3.78
N ARG A 255 52.73 -16.94 -2.65
CA ARG A 255 52.05 -15.97 -1.75
C ARG A 255 51.89 -14.64 -2.49
N ILE A 256 52.87 -14.26 -3.31
CA ILE A 256 52.80 -13.00 -4.08
C ILE A 256 51.63 -13.08 -5.06
N VAL A 257 51.48 -14.22 -5.75
CA VAL A 257 50.34 -14.41 -6.70
C VAL A 257 49.02 -14.36 -5.93
N ARG A 258 48.96 -14.95 -4.74
CA ARG A 258 47.72 -14.88 -3.93
C ARG A 258 47.42 -13.44 -3.49
N PHE A 259 48.35 -12.65 -3.09
CA PHE A 259 48.03 -11.27 -2.78
C PHE A 259 47.59 -10.55 -4.02
N THR A 260 48.35 -10.69 -5.13
CA THR A 260 47.96 -9.88 -6.30
C THR A 260 46.49 -10.14 -6.62
N LYS A 261 46.03 -11.38 -6.49
CA LYS A 261 44.63 -11.70 -6.82
C LYS A 261 43.68 -10.94 -5.88
N ILE A 262 43.98 -10.84 -4.59
CA ILE A 262 43.15 -10.03 -3.66
C ILE A 262 43.27 -8.53 -3.97
N LEU A 263 44.46 -8.02 -4.29
CA LEU A 263 44.69 -6.58 -4.60
C LEU A 263 43.99 -6.17 -5.89
N SER A 264 43.79 -7.10 -6.82
CA SER A 264 43.17 -6.77 -8.12
C SER A 264 41.65 -6.80 -7.99
N LEU A 265 41.14 -7.06 -6.81
CA LEU A 265 39.68 -7.02 -6.61
C LEU A 265 39.37 -5.69 -5.94
N LEU A 266 40.33 -4.78 -5.85
CA LEU A 266 40.05 -3.41 -5.35
C LEU A 266 39.55 -2.65 -6.57
N ARG A 267 39.56 -3.29 -7.73
CA ARG A 267 39.12 -2.65 -8.99
C ARG A 267 37.63 -2.93 -9.12
N LEU A 268 37.03 -3.54 -8.11
CA LEU A 268 35.58 -3.84 -8.13
C LEU A 268 34.89 -2.73 -7.34
N LEU A 269 35.67 -1.74 -6.91
CA LEU A 269 35.09 -0.57 -6.19
C LEU A 269 34.53 0.38 -7.25
N ARG A 270 34.70 0.05 -8.53
CA ARG A 270 34.13 0.86 -9.63
C ARG A 270 32.62 0.68 -9.54
N LEU A 271 32.15 -0.26 -8.73
CA LEU A 271 30.69 -0.42 -8.53
C LEU A 271 30.17 0.89 -7.94
N SER A 272 31.01 1.62 -7.22
CA SER A 272 30.59 2.92 -6.64
C SER A 272 30.24 3.83 -7.79
N ARG A 273 31.14 3.97 -8.77
CA ARG A 273 30.86 4.82 -9.95
C ARG A 273 29.67 4.27 -10.75
N LEU A 274 29.54 2.97 -10.97
CA LEU A 274 28.39 2.50 -11.80
C LEU A 274 27.11 2.87 -11.07
N ILE A 275 27.06 2.69 -9.75
CA ILE A 275 25.84 3.02 -8.96
C ILE A 275 25.59 4.52 -9.03
N ARG A 276 26.62 5.35 -8.84
CA ARG A 276 26.44 6.83 -8.82
C ARG A 276 26.05 7.34 -10.20
N TYR A 277 26.71 6.88 -11.26
CA TYR A 277 26.42 7.35 -12.64
C TYR A 277 25.04 6.91 -13.09
N ILE A 278 24.63 5.69 -12.76
CA ILE A 278 23.28 5.18 -13.14
C ILE A 278 22.23 6.03 -12.43
N HIS A 279 22.44 6.34 -11.15
CA HIS A 279 21.47 7.18 -10.37
C HIS A 279 21.40 8.60 -10.91
N GLN A 280 22.51 9.19 -11.32
CA GLN A 280 22.53 10.57 -11.87
C GLN A 280 21.78 10.59 -13.18
N TRP A 281 22.04 9.64 -14.07
CA TRP A 281 21.41 9.69 -15.41
C TRP A 281 19.99 9.15 -15.38
N GLU A 282 19.64 8.32 -14.41
CA GLU A 282 18.23 7.90 -14.29
C GLU A 282 17.38 9.10 -13.86
N GLU A 283 17.89 9.93 -12.95
CA GLU A 283 17.16 11.16 -12.55
C GLU A 283 17.02 12.12 -13.72
N ILE A 284 18.06 12.28 -14.53
CA ILE A 284 17.99 13.15 -15.74
C ILE A 284 16.97 12.57 -16.71
N PHE A 285 16.94 11.25 -16.89
CA PHE A 285 15.94 10.61 -17.77
C PHE A 285 14.52 10.74 -17.22
N HIS A 286 14.34 10.72 -15.90
CA HIS A 286 13.00 10.89 -15.28
C HIS A 286 12.43 12.26 -15.65
N MET A 287 13.28 13.28 -15.76
CA MET A 287 12.80 14.58 -16.20
C MET A 287 12.58 14.54 -17.69
N THR A 288 13.49 13.91 -18.41
CA THR A 288 13.36 13.82 -19.86
C THR A 288 12.19 12.93 -20.26
N TYR A 289 11.92 11.89 -19.54
CA TYR A 289 10.80 11.08 -19.89
C TYR A 289 10.12 10.71 -18.63
N ASP A 290 8.98 10.09 -18.70
CA ASP A 290 8.20 9.68 -17.53
C ASP A 290 8.32 8.20 -17.27
N LEU A 291 9.50 7.75 -16.95
CA LEU A 291 9.71 6.35 -16.67
C LEU A 291 8.99 6.03 -15.38
N ALA A 292 8.31 4.89 -15.32
CA ALA A 292 7.65 4.52 -14.11
C ALA A 292 8.72 4.27 -13.11
N SER A 293 8.57 4.81 -11.92
CA SER A 293 9.58 4.62 -10.86
C SER A 293 9.78 3.15 -10.56
N ALA A 294 8.70 2.37 -10.48
CA ALA A 294 8.81 0.96 -10.09
C ALA A 294 9.60 0.17 -11.14
N VAL A 295 9.38 0.42 -12.43
CA VAL A 295 10.10 -0.29 -13.52
C VAL A 295 11.58 0.07 -13.49
N VAL A 296 11.91 1.33 -13.18
CA VAL A 296 13.34 1.76 -13.12
C VAL A 296 13.99 1.12 -11.90
N ARG A 297 13.30 1.09 -10.75
CA ARG A 297 13.88 0.54 -9.50
C ARG A 297 14.06 -0.98 -9.58
N ILE A 298 13.10 -1.70 -10.15
CA ILE A 298 13.19 -3.20 -10.23
C ILE A 298 14.36 -3.55 -11.13
N PHE A 299 14.58 -2.81 -12.22
CA PHE A 299 15.70 -3.08 -13.14
C PHE A 299 17.05 -2.77 -12.50
N ASN A 300 17.14 -1.76 -11.66
CA ASN A 300 18.42 -1.53 -10.94
C ASN A 300 18.71 -2.73 -10.03
N LEU A 301 17.71 -3.26 -9.33
CA LEU A 301 17.92 -4.48 -8.51
C LEU A 301 18.24 -5.68 -9.40
N ILE A 302 17.55 -5.89 -10.52
CA ILE A 302 17.84 -7.10 -11.34
C ILE A 302 19.29 -6.97 -11.81
N GLY A 303 19.76 -5.77 -12.13
CA GLY A 303 21.18 -5.62 -12.47
C GLY A 303 22.09 -5.89 -11.29
N MET A 304 21.74 -5.38 -10.11
CA MET A 304 22.56 -5.58 -8.88
C MET A 304 22.52 -7.05 -8.47
N MET A 305 21.37 -7.73 -8.57
CA MET A 305 21.26 -9.16 -8.22
C MET A 305 22.10 -10.01 -9.18
N LEU A 306 22.07 -9.72 -10.47
CA LEU A 306 22.89 -10.47 -11.45
C LEU A 306 24.37 -10.24 -11.16
N LEU A 307 24.77 -9.01 -10.84
CA LEU A 307 26.20 -8.71 -10.56
C LEU A 307 26.65 -9.40 -9.27
N LEU A 308 25.84 -9.36 -8.21
CA LEU A 308 26.20 -10.00 -6.92
C LEU A 308 26.23 -11.52 -7.10
N CYS A 309 25.32 -12.09 -7.89
CA CYS A 309 25.34 -13.54 -8.17
C CYS A 309 26.60 -13.90 -8.94
N HIS A 310 27.05 -13.07 -9.88
CA HIS A 310 28.31 -13.32 -10.63
C HIS A 310 29.47 -13.29 -9.65
N TRP A 311 29.56 -12.27 -8.81
CA TRP A 311 30.65 -12.10 -7.83
C TRP A 311 30.63 -13.20 -6.77
N ASP A 312 29.46 -13.61 -6.28
CA ASP A 312 29.38 -14.77 -5.32
C ASP A 312 29.85 -16.03 -6.02
N GLY A 313 29.51 -16.25 -7.27
CA GLY A 313 30.04 -17.44 -7.96
C GLY A 313 31.53 -17.41 -8.01
N CYS A 314 32.13 -16.28 -8.34
CA CYS A 314 33.60 -16.15 -8.40
C CYS A 314 34.22 -16.31 -7.00
N LEU A 315 33.60 -15.78 -5.95
CA LEU A 315 34.14 -15.85 -4.56
C LEU A 315 34.18 -17.31 -4.14
N GLN A 316 33.18 -18.08 -4.52
CA GLN A 316 33.09 -19.50 -4.14
C GLN A 316 34.25 -20.28 -4.76
N PHE A 317 34.84 -19.82 -5.85
CA PHE A 317 36.04 -20.49 -6.38
C PHE A 317 37.33 -19.76 -5.95
N LEU A 318 37.30 -18.44 -5.76
CA LEU A 318 38.51 -17.72 -5.28
C LEU A 318 38.90 -18.15 -3.87
N VAL A 319 37.97 -18.25 -2.92
CA VAL A 319 38.43 -18.61 -1.56
C VAL A 319 39.07 -20.00 -1.61
N PRO A 320 38.51 -21.05 -2.27
CA PRO A 320 39.20 -22.32 -2.46
C PRO A 320 40.52 -22.21 -3.24
N LEU A 321 40.59 -21.42 -4.31
CA LEU A 321 41.86 -21.22 -5.08
C LEU A 321 42.93 -20.58 -4.22
N LEU A 322 42.60 -19.58 -3.41
CA LEU A 322 43.62 -18.84 -2.63
C LEU A 322 44.12 -19.74 -1.49
N GLN A 323 43.53 -20.92 -1.34
CA GLN A 323 43.94 -21.86 -0.27
C GLN A 323 44.50 -23.11 -0.92
N ASP A 324 44.90 -23.02 -2.17
CA ASP A 324 45.48 -24.16 -2.94
C ASP A 324 44.49 -25.33 -2.98
N PHE A 325 43.20 -25.05 -3.17
CA PHE A 325 42.20 -26.12 -3.33
C PHE A 325 42.31 -27.12 -2.19
N PRO A 326 41.93 -26.74 -0.94
CA PRO A 326 42.12 -27.62 0.21
C PRO A 326 41.32 -28.91 0.00
N PRO A 327 41.67 -30.07 0.59
CA PRO A 327 40.99 -31.34 0.28
C PRO A 327 39.48 -31.41 0.57
N ASP A 328 38.96 -30.48 1.38
CA ASP A 328 37.53 -30.50 1.75
C ASP A 328 36.74 -29.44 0.98
N CYS A 329 37.41 -28.70 0.09
CA CYS A 329 36.73 -27.64 -0.70
C CYS A 329 35.85 -28.29 -1.75
N TRP A 330 34.78 -27.64 -2.15
CA TRP A 330 33.83 -28.24 -3.12
C TRP A 330 34.53 -28.53 -4.44
N VAL A 331 35.53 -27.69 -4.78
CA VAL A 331 36.24 -27.87 -6.04
C VAL A 331 36.91 -29.23 -6.03
N SER A 332 37.62 -29.53 -4.98
CA SER A 332 38.32 -30.84 -4.82
C SER A 332 37.35 -32.00 -4.59
N LEU A 333 36.31 -31.81 -3.77
CA LEU A 333 35.31 -32.88 -3.47
C LEU A 333 34.52 -33.27 -4.72
N ASN A 334 34.15 -32.30 -5.56
CA ASN A 334 33.41 -32.58 -6.83
C ASN A 334 34.42 -32.86 -7.93
N GLU A 335 35.72 -32.88 -7.60
CA GLU A 335 36.80 -33.21 -8.58
C GLU A 335 36.81 -32.23 -9.77
N MET A 336 36.66 -30.92 -9.52
CA MET A 336 36.62 -29.92 -10.61
C MET A 336 37.82 -28.98 -10.52
N VAL A 337 38.90 -29.39 -9.87
CA VAL A 337 40.15 -28.57 -9.80
C VAL A 337 40.74 -28.43 -11.20
N ASN A 338 40.70 -29.50 -12.01
CA ASN A 338 41.36 -29.51 -13.35
C ASN A 338 40.36 -29.33 -14.50
N ASP A 339 39.11 -29.00 -14.20
CA ASP A 339 38.07 -28.80 -15.26
C ASP A 339 38.31 -27.47 -15.99
N SER A 340 37.64 -27.26 -17.12
CA SER A 340 37.83 -26.05 -17.93
C SER A 340 37.21 -24.86 -17.20
N TRP A 341 37.58 -23.64 -17.59
CA TRP A 341 37.06 -22.44 -16.89
C TRP A 341 35.55 -22.40 -17.01
N GLY A 342 34.99 -22.91 -18.10
CA GLY A 342 33.53 -22.95 -18.27
C GLY A 342 32.87 -23.86 -17.28
N LYS A 343 33.43 -25.04 -16.99
CA LYS A 343 32.76 -26.01 -16.10
C LYS A 343 33.02 -25.61 -14.66
N GLN A 344 34.12 -24.91 -14.38
CA GLN A 344 34.39 -24.36 -13.04
C GLN A 344 33.51 -23.12 -12.80
N TYR A 345 33.40 -22.20 -13.76
CA TYR A 345 32.53 -21.01 -13.61
C TYR A 345 31.06 -21.39 -13.57
N SER A 346 30.62 -22.30 -14.44
CA SER A 346 29.19 -22.62 -14.50
C SER A 346 28.77 -23.27 -13.19
N TYR A 347 29.50 -24.10 -12.57
CA TYR A 347 29.13 -24.76 -11.31
C TYR A 347 29.31 -23.87 -10.13
N ALA A 348 30.27 -22.92 -10.20
CA ALA A 348 30.36 -21.88 -9.16
C ALA A 348 29.19 -20.93 -9.24
N LEU A 349 28.75 -20.48 -10.43
CA LEU A 349 27.54 -19.63 -10.55
C LEU A 349 26.33 -20.43 -10.11
N PHE A 350 26.26 -21.71 -10.47
CA PHE A 350 25.10 -22.55 -10.11
C PHE A 350 25.05 -22.62 -8.61
N LYS A 351 26.20 -22.82 -7.97
CA LYS A 351 26.26 -22.92 -6.51
C LYS A 351 25.84 -21.59 -5.91
N ALA A 352 26.26 -20.45 -6.46
CA ALA A 352 25.96 -19.13 -5.86
C ALA A 352 24.52 -18.70 -6.12
N MET A 353 23.99 -18.98 -7.30
CA MET A 353 22.57 -18.70 -7.61
C MET A 353 21.68 -19.58 -6.73
N SER A 354 22.07 -20.83 -6.52
CA SER A 354 21.25 -21.76 -5.70
C SER A 354 21.16 -21.24 -4.27
N HIS A 355 22.25 -20.76 -3.67
CA HIS A 355 22.21 -20.16 -2.32
C HIS A 355 21.37 -18.90 -2.34
N MET A 356 21.49 -18.09 -3.39
CA MET A 356 20.76 -16.80 -3.45
C MET A 356 19.25 -16.99 -3.55
N LEU A 357 18.74 -17.74 -4.51
CA LEU A 357 17.30 -17.97 -4.65
C LEU A 357 17.00 -19.00 -3.56
N CYS A 358 18.01 -19.31 -2.76
CA CYS A 358 17.81 -20.21 -1.63
C CYS A 358 17.28 -21.58 -2.03
N ILE A 359 17.66 -22.07 -3.20
CA ILE A 359 17.24 -23.48 -3.55
C ILE A 359 17.89 -24.63 -2.76
N GLY A 360 19.22 -24.73 -2.81
CA GLY A 360 19.92 -25.79 -2.10
C GLY A 360 21.44 -25.65 -2.22
N TYR A 361 22.10 -26.64 -2.80
CA TYR A 361 23.55 -26.58 -2.94
C TYR A 361 24.02 -27.14 -4.27
N GLY A 362 25.30 -26.98 -4.57
CA GLY A 362 25.85 -27.52 -5.80
C GLY A 362 25.82 -29.03 -5.76
N ALA A 363 26.49 -29.60 -4.77
CA ALA A 363 26.52 -31.06 -4.63
C ALA A 363 26.12 -31.51 -3.24
N GLN A 364 26.77 -30.95 -2.21
CA GLN A 364 26.48 -31.35 -0.84
C GLN A 364 26.64 -30.16 0.12
N ALA A 365 26.25 -30.35 1.37
CA ALA A 365 26.34 -29.24 2.35
C ALA A 365 27.80 -28.96 2.67
N PRO A 366 28.27 -27.69 2.82
CA PRO A 366 29.69 -27.42 3.02
C PRO A 366 30.46 -28.11 4.17
N VAL A 367 31.41 -28.97 3.86
CA VAL A 367 32.26 -29.64 4.90
C VAL A 367 33.27 -28.69 5.57
N SER A 368 34.00 -27.85 4.83
CA SER A 368 35.09 -27.04 5.43
C SER A 368 34.59 -25.73 6.03
N MET A 369 35.44 -25.04 6.77
CA MET A 369 34.96 -23.82 7.46
C MET A 369 35.03 -22.62 6.54
N SER A 370 35.94 -22.61 5.56
CA SER A 370 35.90 -21.51 4.57
C SER A 370 34.59 -21.65 3.80
N ASP A 371 34.22 -22.88 3.42
CA ASP A 371 32.97 -23.16 2.68
C ASP A 371 31.74 -22.87 3.54
N LEU A 372 31.70 -23.22 4.80
CA LEU A 372 30.51 -23.03 5.62
C LEU A 372 30.28 -21.56 5.84
N TRP A 373 31.35 -20.76 5.92
CA TRP A 373 31.22 -19.29 6.05
C TRP A 373 30.96 -18.56 4.73
N ILE A 374 31.59 -18.94 3.61
CA ILE A 374 31.33 -18.33 2.28
C ILE A 374 29.96 -18.74 1.78
N THR A 375 29.46 -19.89 2.15
CA THR A 375 28.07 -20.29 1.84
C THR A 375 27.11 -19.45 2.65
N MET A 376 27.40 -19.20 3.92
CA MET A 376 26.53 -18.37 4.80
C MET A 376 26.54 -16.91 4.35
N LEU A 377 27.66 -16.36 3.90
CA LEU A 377 27.67 -14.98 3.34
C LEU A 377 26.81 -14.95 2.08
N SER A 378 26.89 -15.96 1.21
CA SER A 378 26.13 -15.97 -0.05
C SER A 378 24.66 -16.26 0.24
N MET A 379 24.37 -16.97 1.33
CA MET A 379 22.96 -17.20 1.73
C MET A 379 22.36 -15.90 2.26
N ILE A 380 23.05 -15.15 3.11
CA ILE A 380 22.53 -13.86 3.69
C ILE A 380 22.43 -12.79 2.60
N VAL A 381 23.43 -12.67 1.71
CA VAL A 381 23.38 -11.71 0.56
C VAL A 381 22.24 -12.12 -0.37
N GLY A 382 22.09 -13.41 -0.65
CA GLY A 382 21.04 -13.88 -1.55
C GLY A 382 19.63 -13.69 -1.04
N ALA A 383 19.38 -14.04 0.22
CA ALA A 383 18.06 -13.88 0.83
C ALA A 383 17.67 -12.41 0.94
N THR A 384 18.58 -11.52 1.31
CA THR A 384 18.29 -10.07 1.37
C THR A 384 17.96 -9.54 -0.02
N CYS A 385 18.69 -9.96 -1.06
CA CYS A 385 18.38 -9.54 -2.45
C CYS A 385 17.02 -10.06 -2.90
N TYR A 386 16.68 -11.31 -2.61
CA TYR A 386 15.35 -11.87 -2.98
C TYR A 386 14.23 -11.20 -2.18
N ALA A 387 14.38 -10.97 -0.89
CA ALA A 387 13.37 -10.25 -0.09
C ALA A 387 13.13 -8.89 -0.72
N MET A 388 14.20 -8.23 -1.22
CA MET A 388 14.06 -6.94 -1.91
C MET A 388 13.41 -7.11 -3.28
N PHE A 389 13.67 -8.16 -3.99
CA PHE A 389 12.98 -8.44 -5.28
C PHE A 389 11.50 -8.73 -5.06
N VAL A 390 11.14 -9.49 -4.03
CA VAL A 390 9.69 -9.69 -3.72
C VAL A 390 9.09 -8.33 -3.36
N GLY A 391 9.80 -7.47 -2.64
CA GLY A 391 9.31 -6.12 -2.30
C GLY A 391 9.17 -5.21 -3.51
N HIS A 392 10.13 -5.19 -4.41
CA HIS A 392 10.06 -4.38 -5.65
C HIS A 392 8.97 -4.92 -6.58
N ALA A 393 8.80 -6.24 -6.64
CA ALA A 393 7.73 -6.85 -7.43
C ALA A 393 6.36 -6.45 -6.87
N THR A 394 6.20 -6.41 -5.55
CA THR A 394 4.92 -5.99 -4.93
C THR A 394 4.61 -4.54 -5.30
N ALA A 395 5.60 -3.66 -5.26
CA ALA A 395 5.39 -2.23 -5.62
C ALA A 395 5.08 -2.07 -7.11
N LEU A 396 5.73 -2.82 -8.00
CA LEU A 396 5.39 -2.74 -9.45
C LEU A 396 3.96 -3.23 -9.64
N ILE A 397 3.57 -4.33 -9.01
CA ILE A 397 2.22 -4.92 -9.21
C ILE A 397 1.16 -3.99 -8.66
N GLN A 398 1.39 -3.36 -7.50
CA GLN A 398 0.42 -2.39 -6.93
C GLN A 398 0.31 -1.16 -7.84
N SER A 399 1.31 -0.67 -8.43
CA SER A 399 1.26 0.53 -9.25
C SER A 399 0.76 0.33 -10.64
N LEU A 400 0.76 -0.92 -11.12
CA LEU A 400 0.13 -1.20 -12.44
C LEU A 400 -1.39 -1.05 -12.36
N ASP A 401 -2.03 -1.48 -11.26
CA ASP A 401 -3.52 -1.45 -11.19
C ASP A 401 -3.98 -0.33 -10.27
N SER A 402 -3.22 0.75 -10.13
CA SER A 402 -3.57 1.80 -9.13
C SER A 402 -4.95 2.37 -9.42
N SER A 403 -5.26 2.68 -10.67
CA SER A 403 -6.55 3.35 -10.97
C SER A 403 -7.74 2.43 -10.67
N ARG A 404 -7.66 1.16 -11.04
CA ARG A 404 -8.74 0.18 -10.76
C ARG A 404 -8.85 -0.10 -9.26
N ARG A 405 -7.73 -0.20 -8.54
CA ARG A 405 -7.75 -0.41 -7.07
C ARG A 405 -8.40 0.78 -6.40
N GLN A 406 -8.08 1.99 -6.85
CA GLN A 406 -8.65 3.22 -6.24
C GLN A 406 -10.17 3.28 -6.48
N TYR A 407 -10.67 2.87 -7.64
CA TYR A 407 -12.14 2.84 -7.83
C TYR A 407 -12.77 1.86 -6.84
N GLN A 408 -12.17 0.68 -6.66
CA GLN A 408 -12.80 -0.33 -5.78
C GLN A 408 -12.84 0.22 -4.36
N GLU A 409 -11.79 0.90 -3.92
CA GLU A 409 -11.78 1.51 -2.58
C GLU A 409 -12.85 2.60 -2.49
N LYS A 410 -13.17 3.29 -3.59
CA LYS A 410 -14.23 4.33 -3.59
C LYS A 410 -15.61 3.67 -3.49
N TYR A 411 -15.87 2.68 -4.32
CA TYR A 411 -17.17 1.97 -4.21
C TYR A 411 -17.29 1.25 -2.87
N LYS A 412 -16.22 0.68 -2.33
CA LYS A 412 -16.40 -0.05 -1.06
C LYS A 412 -16.90 0.94 -0.01
N GLN A 413 -16.42 2.18 -0.02
CA GLN A 413 -16.92 3.21 0.92
C GLN A 413 -18.40 3.51 0.65
N VAL A 414 -18.84 3.51 -0.60
CA VAL A 414 -20.31 3.69 -0.87
C VAL A 414 -21.05 2.52 -0.25
N GLU A 415 -20.52 1.30 -0.35
CA GLU A 415 -21.15 0.10 0.26
C GLU A 415 -21.21 0.27 1.77
N GLN A 416 -20.18 0.82 2.40
CA GLN A 416 -20.16 1.09 3.86
C GLN A 416 -21.18 2.16 4.22
N TYR A 417 -21.39 3.18 3.40
CA TYR A 417 -22.46 4.18 3.68
C TYR A 417 -23.80 3.48 3.64
N MET A 418 -24.01 2.65 2.63
CA MET A 418 -25.30 1.95 2.48
C MET A 418 -25.47 0.99 3.65
N SER A 419 -24.40 0.32 4.08
CA SER A 419 -24.47 -0.62 5.23
C SER A 419 -24.81 0.11 6.53
N PHE A 420 -24.22 1.27 6.77
CA PHE A 420 -24.45 2.02 8.03
C PHE A 420 -25.92 2.44 8.07
N HIS A 421 -26.45 2.90 6.95
CA HIS A 421 -27.85 3.38 6.92
C HIS A 421 -28.78 2.19 6.72
N LYS A 422 -28.21 0.99 6.54
CA LYS A 422 -29.01 -0.26 6.38
C LYS A 422 -29.98 -0.12 5.21
N LEU A 423 -29.52 0.41 4.08
CA LEU A 423 -30.41 0.66 2.92
C LEU A 423 -30.92 -0.67 2.39
N PRO A 424 -32.17 -0.80 1.89
CA PRO A 424 -32.69 -2.09 1.46
C PRO A 424 -31.87 -2.61 0.29
N ALA A 425 -31.89 -3.91 0.02
CA ALA A 425 -31.03 -4.48 -1.04
C ALA A 425 -31.42 -3.92 -2.42
N ASP A 426 -32.71 -3.61 -2.63
CA ASP A 426 -33.15 -3.02 -3.92
C ASP A 426 -32.49 -1.66 -4.13
N MET A 427 -32.45 -0.81 -3.11
CA MET A 427 -31.82 0.53 -3.21
C MET A 427 -30.32 0.35 -3.40
N ARG A 428 -29.74 -0.63 -2.74
CA ARG A 428 -28.29 -0.89 -2.88
C ARG A 428 -27.97 -1.25 -4.32
N GLN A 429 -28.86 -1.94 -5.04
CA GLN A 429 -28.60 -2.25 -6.48
C GLN A 429 -28.89 -1.04 -7.37
N LYS A 430 -29.84 -0.19 -7.02
CA LYS A 430 -30.03 1.03 -7.85
C LYS A 430 -28.75 1.86 -7.77
N ILE A 431 -28.17 1.99 -6.58
CA ILE A 431 -26.93 2.80 -6.38
C ILE A 431 -25.73 2.13 -7.08
N HIS A 432 -25.62 0.80 -7.04
CA HIS A 432 -24.52 0.12 -7.78
C HIS A 432 -24.66 0.36 -9.28
N ASP A 433 -25.86 0.28 -9.80
CA ASP A 433 -26.09 0.53 -11.25
C ASP A 433 -25.80 1.99 -11.56
N TYR A 434 -26.12 2.92 -10.68
CA TYR A 434 -25.76 4.34 -10.96
C TYR A 434 -24.24 4.48 -11.03
N TYR A 435 -23.50 3.89 -10.09
CA TYR A 435 -22.03 4.08 -10.08
C TYR A 435 -21.41 3.45 -11.32
N GLU A 436 -21.91 2.30 -11.76
CA GLU A 436 -21.40 1.65 -12.98
C GLU A 436 -21.66 2.53 -14.19
N HIS A 437 -22.81 3.18 -14.25
CA HIS A 437 -23.18 3.98 -15.46
C HIS A 437 -22.82 5.46 -15.30
N ARG A 438 -22.33 5.90 -14.14
CA ARG A 438 -21.90 7.32 -14.04
C ARG A 438 -20.40 7.40 -14.13
N TYR A 439 -19.68 6.60 -13.36
CA TYR A 439 -18.21 6.69 -13.34
C TYR A 439 -17.61 5.68 -14.32
N GLN A 440 -18.36 4.66 -14.70
CA GLN A 440 -17.90 3.69 -15.72
C GLN A 440 -16.59 3.02 -15.29
N GLY A 441 -16.43 2.77 -13.99
CA GLY A 441 -15.23 2.08 -13.49
C GLY A 441 -14.04 3.00 -13.43
N LYS A 442 -14.25 4.31 -13.56
CA LYS A 442 -13.13 5.26 -13.60
C LYS A 442 -13.14 6.16 -12.37
N ILE A 443 -12.02 6.26 -11.65
CA ILE A 443 -11.93 7.20 -10.51
C ILE A 443 -11.25 8.47 -11.01
N PHE A 444 -11.92 9.60 -10.90
CA PHE A 444 -11.31 10.89 -11.29
C PHE A 444 -12.03 11.97 -10.49
N ASP A 445 -11.40 13.13 -10.27
CA ASP A 445 -12.12 14.26 -9.64
C ASP A 445 -12.23 15.33 -10.70
N GLU A 446 -13.39 15.53 -11.30
CA GLU A 446 -13.47 16.48 -12.43
C GLU A 446 -13.10 17.86 -11.91
N GLU A 447 -13.58 18.24 -10.73
CA GLU A 447 -13.33 19.61 -10.24
C GLU A 447 -11.84 19.85 -10.02
N ASN A 448 -11.15 18.92 -9.37
CA ASN A 448 -9.68 19.06 -9.16
C ASN A 448 -8.95 18.99 -10.50
N ILE A 449 -9.28 18.05 -11.37
CA ILE A 449 -8.52 17.89 -12.65
C ILE A 449 -8.74 19.14 -13.49
N LEU A 450 -9.97 19.64 -13.53
CA LEU A 450 -10.26 20.88 -14.30
C LEU A 450 -9.57 22.11 -13.67
N ASN A 451 -9.51 22.19 -12.34
CA ASN A 451 -8.89 23.37 -11.68
C ASN A 451 -7.39 23.44 -12.03
N GLU A 452 -6.72 22.29 -12.09
CA GLU A 452 -5.26 22.24 -12.41
C GLU A 452 -5.01 22.77 -13.82
N LEU A 453 -5.89 22.47 -14.78
CA LEU A 453 -5.69 22.84 -16.20
C LEU A 453 -5.80 24.36 -16.40
N ASN A 454 -5.13 24.91 -17.42
CA ASN A 454 -5.10 26.37 -17.65
C ASN A 454 -6.38 26.76 -18.36
N ASP A 455 -6.65 28.06 -18.52
CA ASP A 455 -7.94 28.46 -19.11
C ASP A 455 -8.08 27.93 -20.54
N PRO A 456 -7.06 27.96 -21.44
CA PRO A 456 -7.22 27.35 -22.76
C PRO A 456 -7.50 25.85 -22.82
N LEU A 457 -6.83 25.02 -22.02
CA LEU A 457 -7.10 23.56 -21.95
C LEU A 457 -8.48 23.29 -21.36
N ARG A 458 -8.90 24.06 -20.34
CA ARG A 458 -10.26 23.85 -19.80
C ARG A 458 -11.29 24.14 -20.89
N GLU A 459 -11.10 25.22 -21.66
CA GLU A 459 -12.08 25.59 -22.72
C GLU A 459 -12.12 24.48 -23.77
N GLU A 460 -10.97 23.93 -24.14
CA GLU A 460 -10.93 22.89 -25.20
C GLU A 460 -11.69 21.65 -24.73
N ILE A 461 -11.46 21.22 -23.49
CA ILE A 461 -12.12 19.99 -22.96
C ILE A 461 -13.62 20.26 -22.88
N VAL A 462 -14.05 21.41 -22.43
CA VAL A 462 -15.47 21.74 -22.33
C VAL A 462 -16.12 21.88 -23.67
N ASN A 463 -15.46 22.49 -24.63
CA ASN A 463 -16.03 22.57 -25.99
C ASN A 463 -16.15 21.17 -26.60
N PHE A 464 -15.16 20.30 -26.46
CA PHE A 464 -15.29 18.98 -27.11
C PHE A 464 -16.46 18.24 -26.47
N ASN A 465 -16.54 18.26 -25.15
CA ASN A 465 -17.60 17.53 -24.41
C ASN A 465 -19.00 18.09 -24.63
N CYS A 466 -19.10 19.48 -24.58
CA CYS A 466 -20.43 20.07 -24.64
C CYS A 466 -20.83 20.92 -25.83
N ARG A 467 -19.98 21.24 -26.77
CA ARG A 467 -20.33 22.27 -27.80
C ARG A 467 -21.42 21.76 -28.74
N LYS A 468 -21.33 20.51 -29.18
CA LYS A 468 -22.33 20.00 -30.15
C LYS A 468 -23.74 20.19 -29.57
N LEU A 469 -24.00 19.71 -28.36
CA LEU A 469 -25.36 19.74 -27.78
C LEU A 469 -25.86 21.17 -27.59
N VAL A 470 -25.03 22.06 -27.03
CA VAL A 470 -25.47 23.46 -26.76
C VAL A 470 -25.73 24.19 -28.08
N ALA A 471 -24.94 23.89 -29.12
CA ALA A 471 -25.07 24.58 -30.43
C ALA A 471 -26.45 24.33 -31.04
N THR A 472 -27.00 23.12 -30.88
CA THR A 472 -28.33 22.78 -31.43
C THR A 472 -29.39 23.70 -30.80
N MET A 473 -29.29 24.00 -29.50
CA MET A 473 -30.35 24.79 -28.84
C MET A 473 -30.47 26.14 -29.55
N PRO A 474 -31.69 26.62 -29.87
CA PRO A 474 -31.87 27.87 -30.62
C PRO A 474 -31.35 29.12 -29.90
N LEU A 475 -31.55 29.21 -28.59
CA LEU A 475 -31.13 30.41 -27.83
C LEU A 475 -29.60 30.56 -27.92
N PHE A 476 -28.86 29.46 -27.82
CA PHE A 476 -27.37 29.54 -27.80
C PHE A 476 -26.79 29.53 -29.22
N ALA A 477 -27.61 29.25 -30.23
CA ALA A 477 -27.12 29.15 -31.63
C ALA A 477 -26.60 30.50 -32.14
N ASN A 478 -27.28 31.60 -31.83
CA ASN A 478 -26.89 32.94 -32.38
C ASN A 478 -25.98 33.69 -31.41
N ALA A 479 -25.67 33.11 -30.25
CA ALA A 479 -24.88 33.81 -29.21
C ALA A 479 -23.40 33.96 -29.60
N ASP A 480 -22.73 34.98 -29.05
CA ASP A 480 -21.28 35.22 -29.33
C ASP A 480 -20.46 34.04 -28.78
N PRO A 481 -19.45 33.48 -29.50
CA PRO A 481 -18.75 32.30 -29.03
C PRO A 481 -18.20 32.49 -27.61
N ASN A 482 -17.89 33.73 -27.23
CA ASN A 482 -17.39 34.01 -25.86
C ASN A 482 -18.50 33.62 -24.87
N PHE A 483 -19.73 34.07 -25.11
CA PHE A 483 -20.87 33.76 -24.21
C PHE A 483 -21.12 32.25 -24.17
N VAL A 484 -21.10 31.60 -25.33
CA VAL A 484 -21.42 30.14 -25.36
C VAL A 484 -20.36 29.43 -24.51
N THR A 485 -19.10 29.84 -24.63
CA THR A 485 -18.01 29.16 -23.87
C THR A 485 -18.26 29.34 -22.37
N ALA A 486 -18.73 30.51 -21.96
CA ALA A 486 -19.06 30.71 -20.53
C ALA A 486 -20.18 29.78 -20.09
N MET A 487 -21.24 29.65 -20.90
CA MET A 487 -22.38 28.76 -20.57
C MET A 487 -21.88 27.31 -20.54
N LEU A 488 -21.03 26.93 -21.49
CA LEU A 488 -20.60 25.51 -21.58
C LEU A 488 -19.89 25.12 -20.28
N SER A 489 -19.15 26.04 -19.68
CA SER A 489 -18.47 25.73 -18.38
C SER A 489 -19.52 25.44 -17.31
N LYS A 490 -20.63 26.17 -17.31
CA LYS A 490 -21.69 25.99 -16.26
C LYS A 490 -22.33 24.61 -16.34
N LEU A 491 -22.55 24.07 -17.55
CA LEU A 491 -23.23 22.75 -17.72
C LEU A 491 -22.63 21.73 -16.77
N ARG A 492 -23.48 20.98 -16.04
CA ARG A 492 -23.02 19.92 -15.11
C ARG A 492 -23.50 18.57 -15.65
N PHE A 493 -22.70 17.53 -15.54
CA PHE A 493 -23.03 16.22 -16.07
C PHE A 493 -23.86 15.43 -15.06
N GLU A 494 -24.99 14.88 -15.51
CA GLU A 494 -25.90 14.14 -14.60
C GLU A 494 -26.44 12.89 -15.31
N VAL A 495 -26.38 11.73 -14.67
CA VAL A 495 -26.90 10.47 -15.25
C VAL A 495 -28.20 10.10 -14.53
N PHE A 496 -29.31 9.94 -15.26
CA PHE A 496 -30.61 9.55 -14.65
C PHE A 496 -30.91 8.10 -15.04
N GLN A 497 -31.18 7.23 -14.07
CA GLN A 497 -31.41 5.78 -14.33
C GLN A 497 -32.78 5.57 -14.94
N PRO A 498 -33.08 4.40 -15.54
CA PRO A 498 -34.36 4.16 -16.18
C PRO A 498 -35.53 4.27 -15.20
N GLY A 499 -36.59 4.99 -15.57
CA GLY A 499 -37.76 5.19 -14.70
C GLY A 499 -37.65 6.43 -13.83
N ASP A 500 -36.47 7.04 -13.75
CA ASP A 500 -36.28 8.22 -12.86
C ASP A 500 -37.05 9.40 -13.44
N TYR A 501 -37.58 10.29 -12.61
CA TYR A 501 -38.23 11.49 -13.17
C TYR A 501 -37.24 12.64 -13.16
N ILE A 502 -36.71 13.00 -14.33
CA ILE A 502 -35.71 14.10 -14.43
C ILE A 502 -36.41 15.38 -14.00
N ILE A 503 -37.59 15.66 -14.56
CA ILE A 503 -38.38 16.87 -14.18
C ILE A 503 -39.77 16.37 -13.81
N ARG A 504 -40.39 16.93 -12.77
CA ARG A 504 -41.74 16.52 -12.33
C ARG A 504 -42.72 17.66 -12.57
N GLU A 505 -43.89 17.37 -13.15
CA GLU A 505 -44.85 18.43 -13.50
C GLU A 505 -45.32 19.17 -12.25
N GLY A 506 -45.38 20.49 -12.31
CA GLY A 506 -45.88 21.30 -11.17
C GLY A 506 -44.78 21.68 -10.19
N ALA A 507 -43.58 21.14 -10.36
CA ALA A 507 -42.45 21.55 -9.50
C ALA A 507 -41.85 22.85 -10.02
N VAL A 508 -41.26 23.66 -9.13
CA VAL A 508 -40.59 24.92 -9.56
C VAL A 508 -39.40 24.52 -10.44
N GLY A 509 -39.17 25.24 -11.55
CA GLY A 509 -38.08 24.84 -12.46
C GLY A 509 -36.81 25.60 -12.19
N LYS A 510 -35.78 24.92 -11.68
CA LYS A 510 -34.51 25.60 -11.31
C LYS A 510 -33.38 25.19 -12.27
N LYS A 511 -33.65 24.35 -13.26
CA LYS A 511 -32.55 23.85 -14.14
C LYS A 511 -33.07 23.23 -15.43
N MET A 512 -32.44 23.54 -16.56
CA MET A 512 -32.79 22.93 -17.83
C MET A 512 -31.76 21.87 -18.18
N TYR A 513 -32.15 20.95 -19.05
CA TYR A 513 -31.36 19.76 -19.33
C TYR A 513 -31.10 19.65 -20.82
N PHE A 514 -29.85 19.40 -21.17
CA PHE A 514 -29.45 19.08 -22.53
C PHE A 514 -29.20 17.58 -22.59
N ILE A 515 -29.81 16.80 -23.50
CA ILE A 515 -29.62 15.31 -23.47
C ILE A 515 -28.42 14.84 -24.29
N GLN A 516 -27.31 14.43 -23.68
CA GLN A 516 -26.16 13.86 -24.43
C GLN A 516 -26.46 12.47 -24.97
N HIS A 517 -27.07 11.59 -24.16
CA HIS A 517 -27.33 10.18 -24.57
C HIS A 517 -28.60 9.70 -23.87
N GLY A 518 -29.14 8.56 -24.29
CA GLY A 518 -30.32 7.98 -23.62
C GLY A 518 -31.63 8.42 -24.25
N VAL A 519 -32.70 7.66 -24.01
CA VAL A 519 -34.04 8.02 -24.56
C VAL A 519 -34.92 8.46 -23.40
N ALA A 520 -35.25 9.74 -23.30
CA ALA A 520 -36.16 10.21 -22.27
C ALA A 520 -37.59 10.18 -22.83
N GLY A 521 -38.54 10.71 -22.07
CA GLY A 521 -39.90 10.82 -22.56
C GLY A 521 -40.70 11.89 -21.85
N VAL A 522 -41.33 12.78 -22.61
CA VAL A 522 -42.06 13.90 -22.03
C VAL A 522 -43.52 13.48 -21.87
N ILE A 523 -43.91 13.16 -20.65
CA ILE A 523 -45.29 12.82 -20.31
C ILE A 523 -46.00 14.10 -19.85
N THR A 524 -47.08 14.45 -20.54
CA THR A 524 -47.86 15.64 -20.24
C THR A 524 -49.33 15.27 -20.15
N LYS A 525 -50.18 16.29 -20.02
CA LYS A 525 -51.62 16.06 -19.97
C LYS A 525 -52.28 16.23 -21.33
N SER A 526 -51.78 17.14 -22.16
CA SER A 526 -52.41 17.41 -23.45
C SER A 526 -52.00 16.38 -24.50
N SER A 527 -50.72 16.31 -24.82
CA SER A 527 -50.25 15.40 -25.86
C SER A 527 -49.88 14.04 -25.30
N LYS A 528 -49.17 14.00 -24.17
CA LYS A 528 -48.80 12.83 -23.38
C LYS A 528 -47.94 11.81 -24.11
N GLU A 529 -47.28 12.19 -25.21
CA GLU A 529 -46.40 11.26 -25.93
C GLU A 529 -45.36 12.08 -26.69
N MET A 530 -44.15 12.15 -26.14
CA MET A 530 -43.03 12.80 -26.85
C MET A 530 -41.74 12.19 -26.31
N LYS A 531 -41.10 11.29 -27.06
CA LYS A 531 -39.87 10.62 -26.58
C LYS A 531 -38.62 11.29 -27.14
N LEU A 532 -37.97 12.18 -26.38
CA LEU A 532 -36.72 12.88 -26.81
C LEU A 532 -35.54 11.91 -26.77
N THR A 533 -34.59 12.02 -27.71
CA THR A 533 -33.44 11.08 -27.78
C THR A 533 -32.12 11.86 -27.74
N ASP A 534 -31.02 11.25 -28.16
CA ASP A 534 -29.68 11.90 -28.06
C ASP A 534 -29.68 13.26 -28.76
N GLY A 535 -29.14 14.29 -28.11
CA GLY A 535 -29.01 15.63 -28.72
C GLY A 535 -30.17 16.55 -28.42
N SER A 536 -31.27 16.01 -27.90
CA SER A 536 -32.49 16.83 -27.62
C SER A 536 -32.31 17.69 -26.36
N TYR A 537 -33.06 18.79 -26.24
CA TYR A 537 -32.98 19.67 -25.04
C TYR A 537 -34.38 19.76 -24.42
N PHE A 538 -34.46 19.72 -23.09
CA PHE A 538 -35.78 19.83 -22.39
C PHE A 538 -35.65 20.73 -21.16
N GLY A 539 -36.76 21.32 -20.70
CA GLY A 539 -36.70 22.24 -19.57
C GLY A 539 -36.31 23.65 -19.99
N GLU A 540 -36.31 23.93 -21.29
CA GLU A 540 -35.82 25.24 -21.79
C GLU A 540 -36.63 26.42 -21.24
N ILE A 541 -37.97 26.29 -21.16
CA ILE A 541 -38.83 27.44 -20.73
C ILE A 541 -38.37 27.95 -19.36
N CYS A 542 -37.84 27.06 -18.52
CA CYS A 542 -37.38 27.45 -17.15
C CYS A 542 -36.07 28.21 -17.25
N LEU A 543 -36.06 29.35 -17.94
CA LEU A 543 -34.84 30.14 -18.00
C LEU A 543 -35.07 31.61 -17.69
N LEU A 544 -36.23 32.15 -18.06
CA LEU A 544 -36.58 33.54 -17.76
C LEU A 544 -37.98 33.70 -17.19
N THR A 545 -38.73 32.60 -17.02
CA THR A 545 -40.09 32.71 -16.51
C THR A 545 -40.12 32.68 -14.98
N LYS A 546 -39.29 31.84 -14.37
CA LYS A 546 -39.21 31.63 -12.91
C LYS A 546 -40.57 31.22 -12.33
N GLY A 547 -41.19 30.22 -12.98
CA GLY A 547 -42.51 29.72 -12.54
C GLY A 547 -42.50 28.23 -12.27
N ARG A 548 -43.39 27.46 -12.89
CA ARG A 548 -43.50 26.00 -12.61
C ARG A 548 -43.51 25.19 -13.90
N ARG A 549 -42.94 23.98 -13.87
CA ARG A 549 -42.81 23.14 -15.09
C ARG A 549 -44.18 22.58 -15.50
N THR A 550 -44.50 22.58 -16.79
CA THR A 550 -45.81 22.10 -17.28
C THR A 550 -45.76 20.64 -17.69
N ALA A 551 -44.57 20.05 -17.81
CA ALA A 551 -44.47 18.65 -18.31
C ALA A 551 -43.50 17.86 -17.44
N SER A 552 -43.70 16.54 -17.35
CA SER A 552 -42.83 15.68 -16.52
C SER A 552 -42.01 14.79 -17.45
N VAL A 553 -40.69 14.84 -17.35
CA VAL A 553 -39.84 14.04 -18.26
C VAL A 553 -39.28 12.86 -17.46
N ARG A 554 -39.50 11.65 -17.95
CA ARG A 554 -39.06 10.44 -17.23
C ARG A 554 -37.99 9.75 -18.08
N ALA A 555 -36.83 9.45 -17.51
CA ALA A 555 -35.81 8.71 -18.28
C ALA A 555 -36.37 7.34 -18.63
N ASP A 556 -36.20 6.91 -19.87
CA ASP A 556 -36.67 5.61 -20.29
C ASP A 556 -35.46 4.77 -20.61
N THR A 557 -34.28 5.20 -20.25
CA THR A 557 -33.12 4.36 -20.40
C THR A 557 -32.20 5.13 -19.56
N TYR A 558 -30.99 4.67 -19.34
CA TYR A 558 -30.11 5.52 -18.61
C TYR A 558 -30.14 6.76 -19.47
N CYS A 559 -29.77 7.90 -18.95
CA CYS A 559 -29.88 9.11 -19.73
C CYS A 559 -28.84 10.03 -19.26
N ARG A 560 -27.84 10.27 -20.06
CA ARG A 560 -26.72 11.10 -19.58
C ARG A 560 -27.06 12.51 -20.06
N LEU A 561 -27.26 13.46 -19.16
CA LEU A 561 -27.75 14.80 -19.57
C LEU A 561 -26.82 15.86 -19.02
N TYR A 562 -26.86 17.07 -19.56
CA TYR A 562 -26.03 18.17 -19.05
C TYR A 562 -27.01 19.22 -18.51
N SER A 563 -26.90 19.57 -17.24
CA SER A 563 -27.91 20.47 -16.63
C SER A 563 -27.35 21.86 -16.44
N LEU A 564 -28.08 22.87 -16.91
CA LEU A 564 -27.64 24.27 -16.70
C LEU A 564 -28.60 24.90 -15.69
N SER A 565 -28.22 25.24 -14.52
CA SER A 565 -29.13 25.79 -13.53
C SER A 565 -29.49 27.23 -13.84
N VAL A 566 -30.66 27.65 -13.59
CA VAL A 566 -31.17 29.00 -13.95
C VAL A 566 -30.27 30.05 -13.29
N ASP A 567 -29.80 29.77 -12.07
CA ASP A 567 -28.88 30.71 -11.38
C ASP A 567 -27.58 30.84 -12.18
N ASN A 568 -27.01 29.73 -12.64
CA ASN A 568 -25.74 29.75 -13.41
C ASN A 568 -25.95 30.45 -14.75
N PHE A 569 -27.11 30.25 -15.38
CA PHE A 569 -27.42 30.95 -16.65
C PHE A 569 -27.42 32.45 -16.37
N ASN A 570 -28.01 32.86 -15.26
CA ASN A 570 -28.08 34.30 -14.92
C ASN A 570 -26.65 34.84 -14.69
N GLU A 571 -25.79 34.08 -14.01
CA GLU A 571 -24.43 34.61 -13.68
C GLU A 571 -23.65 34.85 -14.97
N VAL A 572 -23.68 33.92 -15.92
CA VAL A 572 -22.98 34.11 -17.23
C VAL A 572 -23.68 35.24 -17.98
N LEU A 573 -25.01 35.34 -17.86
CA LEU A 573 -25.75 36.39 -18.55
C LEU A 573 -25.45 37.75 -17.95
N GLU A 574 -25.14 37.80 -16.67
CA GLU A 574 -24.75 39.07 -16.01
C GLU A 574 -23.44 39.58 -16.61
N GLU A 575 -22.50 38.68 -16.87
CA GLU A 575 -21.17 39.09 -17.41
C GLU A 575 -21.33 39.62 -18.83
N TYR A 576 -22.22 39.02 -19.64
CA TYR A 576 -22.48 39.53 -21.01
C TYR A 576 -23.85 40.22 -21.03
N PRO A 577 -23.93 41.55 -20.88
CA PRO A 577 -25.23 42.24 -20.79
C PRO A 577 -26.12 42.20 -22.03
N MET A 578 -25.55 42.35 -23.23
CA MET A 578 -26.37 42.42 -24.46
C MET A 578 -27.15 41.11 -24.65
N MET A 579 -26.45 39.98 -24.73
CA MET A 579 -27.07 38.69 -24.94
C MET A 579 -28.22 38.45 -23.97
N GLN B 97 -27.80 -13.61 -41.46
CA GLN B 97 -27.33 -13.37 -40.07
C GLN B 97 -25.83 -13.05 -40.09
N PHE B 98 -25.17 -13.25 -41.22
CA PHE B 98 -23.70 -13.03 -41.27
C PHE B 98 -23.40 -11.57 -40.97
N THR B 99 -24.17 -10.65 -41.53
CA THR B 99 -23.96 -9.21 -41.21
C THR B 99 -24.25 -8.98 -39.73
N SER B 100 -25.28 -9.61 -39.18
CA SER B 100 -25.66 -9.37 -37.76
C SER B 100 -24.55 -9.81 -36.83
N MET B 101 -23.94 -10.98 -37.08
CA MET B 101 -22.87 -11.50 -36.19
C MET B 101 -21.66 -10.57 -36.27
N LEU B 102 -21.32 -10.09 -37.46
CA LEU B 102 -20.11 -9.26 -37.60
C LEU B 102 -20.36 -7.87 -37.00
N GLN B 103 -21.62 -7.55 -36.68
CA GLN B 103 -21.94 -6.18 -36.17
C GLN B 103 -22.19 -6.15 -34.64
N PRO B 104 -21.71 -5.14 -33.90
CA PRO B 104 -21.84 -5.08 -32.43
C PRO B 104 -23.29 -5.00 -31.99
N GLY B 105 -23.83 -6.12 -31.51
CA GLY B 105 -25.22 -6.16 -31.14
C GLY B 105 -25.50 -5.41 -29.87
N VAL B 106 -26.76 -4.99 -29.72
CA VAL B 106 -27.17 -4.17 -28.54
C VAL B 106 -27.10 -5.06 -27.31
N ASN B 107 -26.07 -4.89 -26.48
CA ASN B 107 -25.87 -5.74 -25.29
C ASN B 107 -25.56 -4.82 -24.12
N LYS B 108 -25.46 -5.35 -22.90
CA LYS B 108 -25.10 -4.50 -21.74
C LYS B 108 -23.71 -3.87 -22.00
N PHE B 109 -22.76 -4.62 -22.55
CA PHE B 109 -21.46 -3.98 -22.85
C PHE B 109 -21.60 -2.91 -23.93
N SER B 110 -22.29 -3.20 -25.03
CA SER B 110 -22.38 -2.22 -26.11
C SER B 110 -23.05 -0.94 -25.63
N LEU B 111 -24.17 -1.08 -24.92
CA LEU B 111 -24.92 0.09 -24.40
C LEU B 111 -24.13 0.79 -23.29
N ARG B 112 -23.07 0.28 -22.80
CA ARG B 112 -22.30 0.90 -21.74
C ARG B 112 -21.02 1.42 -22.32
N MET B 113 -20.62 0.84 -23.46
CA MET B 113 -19.43 1.39 -24.16
C MET B 113 -19.87 2.54 -25.08
N PHE B 114 -20.65 2.24 -26.10
CA PHE B 114 -21.21 3.26 -26.94
C PHE B 114 -22.36 3.66 -26.08
N GLY B 115 -22.76 4.92 -26.11
CA GLY B 115 -23.77 5.33 -25.17
C GLY B 115 -25.09 4.60 -25.08
N SER B 116 -25.82 4.48 -26.17
CA SER B 116 -27.10 3.84 -26.13
C SER B 116 -27.46 3.31 -27.49
N GLN B 117 -28.66 2.77 -27.63
CA GLN B 117 -29.02 2.15 -28.88
C GLN B 117 -28.66 3.05 -30.05
N LYS B 118 -29.20 4.25 -30.11
CA LYS B 118 -28.96 5.13 -31.30
C LYS B 118 -27.45 5.26 -31.55
N ALA B 119 -26.61 5.17 -30.52
CA ALA B 119 -25.14 5.15 -30.73
C ALA B 119 -24.66 3.78 -31.23
N VAL B 120 -25.18 2.69 -30.66
CA VAL B 120 -24.80 1.32 -31.11
C VAL B 120 -25.25 1.15 -32.55
N GLU B 121 -26.47 1.60 -32.88
CA GLU B 121 -27.00 1.45 -34.26
C GLU B 121 -26.18 2.32 -35.20
N LYS B 122 -25.62 3.42 -34.72
CA LYS B 122 -24.72 4.24 -35.57
C LYS B 122 -23.42 3.46 -35.86
N GLU B 123 -22.84 2.79 -34.86
CA GLU B 123 -21.62 1.96 -35.06
C GLU B 123 -21.91 0.76 -35.96
N GLN B 124 -23.08 0.15 -35.78
CA GLN B 124 -23.44 -1.03 -36.61
C GLN B 124 -23.46 -0.55 -38.06
N GLU B 125 -23.99 0.65 -38.31
CA GLU B 125 -23.97 1.21 -39.68
C GLU B 125 -22.54 1.51 -40.16
N ARG B 126 -21.65 1.95 -39.27
CA ARG B 126 -20.25 2.25 -39.66
C ARG B 126 -19.58 0.98 -40.15
N VAL B 127 -19.87 -0.16 -39.51
CA VAL B 127 -19.32 -1.47 -39.99
C VAL B 127 -19.90 -1.76 -41.38
N LYS B 128 -21.18 -1.48 -41.62
CA LYS B 128 -21.82 -1.82 -42.91
C LYS B 128 -21.21 -1.03 -44.07
N THR B 129 -20.31 -0.08 -43.78
CA THR B 129 -19.61 0.62 -44.89
C THR B 129 -18.72 -0.36 -45.67
N ALA B 130 -17.99 -1.24 -44.98
CA ALA B 130 -17.20 -2.30 -45.68
C ALA B 130 -18.05 -3.57 -45.77
N GLY B 131 -17.86 -4.40 -46.80
CA GLY B 131 -18.80 -5.53 -46.98
C GLY B 131 -18.28 -6.94 -46.76
N PHE B 132 -18.80 -7.65 -45.75
CA PHE B 132 -18.49 -9.08 -45.50
C PHE B 132 -17.04 -9.22 -45.03
N TRP B 133 -16.33 -8.10 -44.94
CA TRP B 133 -14.89 -8.18 -44.61
C TRP B 133 -14.59 -7.26 -43.43
N ILE B 134 -15.50 -6.95 -42.59
CA ILE B 134 -15.13 -6.18 -41.43
C ILE B 134 -15.85 -6.76 -40.25
N ILE B 135 -15.12 -7.13 -39.25
CA ILE B 135 -15.69 -7.72 -38.01
C ILE B 135 -15.39 -6.72 -36.90
N HIS B 136 -16.37 -6.39 -36.07
CA HIS B 136 -16.09 -5.35 -35.06
C HIS B 136 -15.35 -6.03 -33.91
N PRO B 137 -14.41 -5.37 -33.19
CA PRO B 137 -13.71 -6.02 -32.14
C PRO B 137 -14.68 -6.51 -31.06
N TYR B 138 -15.80 -5.82 -30.88
CA TYR B 138 -16.78 -6.24 -29.87
C TYR B 138 -17.84 -7.16 -30.47
N SER B 139 -17.70 -7.50 -31.75
CA SER B 139 -18.66 -8.38 -32.40
C SER B 139 -18.75 -9.72 -31.69
N ASP B 140 -19.92 -10.34 -31.74
CA ASP B 140 -20.10 -11.63 -31.08
C ASP B 140 -19.36 -12.73 -31.83
N PHE B 141 -19.04 -12.47 -33.10
CA PHE B 141 -18.30 -13.46 -33.87
C PHE B 141 -16.92 -13.33 -33.29
N ARG B 142 -16.40 -12.13 -33.16
CA ARG B 142 -15.09 -12.03 -32.48
C ARG B 142 -15.21 -12.67 -31.12
N PHE B 143 -16.34 -12.52 -30.43
CA PHE B 143 -16.45 -13.23 -29.14
C PHE B 143 -16.41 -14.74 -29.33
N TYR B 144 -17.17 -15.27 -30.28
CA TYR B 144 -17.24 -16.74 -30.48
C TYR B 144 -15.95 -17.28 -31.08
N TRP B 145 -15.35 -16.60 -32.05
CA TRP B 145 -14.05 -17.06 -32.59
C TRP B 145 -13.01 -17.04 -31.47
N ASP B 146 -12.97 -15.99 -30.67
CA ASP B 146 -11.98 -15.89 -29.58
C ASP B 146 -12.22 -16.98 -28.52
N LEU B 147 -13.46 -17.37 -28.23
CA LEU B 147 -13.70 -18.48 -27.28
C LEU B 147 -13.30 -19.81 -27.90
N ILE B 148 -13.44 -19.97 -29.21
CA ILE B 148 -12.96 -21.21 -29.91
C ILE B 148 -11.43 -21.19 -29.88
N MET B 149 -10.80 -20.06 -30.20
CA MET B 149 -9.33 -20.01 -30.27
C MET B 149 -8.76 -20.27 -28.87
N LEU B 150 -9.28 -19.63 -27.84
CA LEU B 150 -8.69 -19.77 -26.48
C LEU B 150 -8.74 -21.24 -26.03
N ILE B 151 -9.84 -21.95 -26.23
CA ILE B 151 -9.84 -23.41 -25.88
C ILE B 151 -8.79 -24.12 -26.72
N MET B 152 -8.77 -23.86 -28.02
CA MET B 152 -7.77 -24.50 -28.90
C MET B 152 -6.38 -24.06 -28.46
N MET B 153 -6.05 -22.86 -28.19
CA MET B 153 -4.70 -22.44 -27.84
C MET B 153 -4.27 -22.88 -26.48
N VAL B 154 -5.20 -23.17 -25.53
CA VAL B 154 -4.72 -23.82 -24.27
C VAL B 154 -4.44 -25.29 -24.58
N GLY B 155 -5.30 -25.93 -25.35
CA GLY B 155 -5.05 -27.35 -25.63
C GLY B 155 -3.75 -27.53 -26.38
N ASN B 156 -3.48 -26.70 -27.39
CA ASN B 156 -2.26 -26.82 -28.22
C ASN B 156 -1.03 -26.52 -27.37
N LEU B 157 -1.12 -25.55 -26.46
CA LEU B 157 0.07 -25.15 -25.68
C LEU B 157 0.30 -26.17 -24.56
N VAL B 158 -0.67 -27.05 -24.29
CA VAL B 158 -0.44 -28.14 -23.29
C VAL B 158 -0.10 -29.48 -23.98
N ILE B 159 -0.77 -29.85 -25.07
CA ILE B 159 -0.53 -31.10 -25.84
C ILE B 159 0.72 -31.01 -26.72
N ILE B 160 1.01 -29.84 -27.32
CA ILE B 160 2.14 -29.70 -28.28
C ILE B 160 3.53 -29.79 -27.68
N PRO B 161 3.78 -29.22 -26.54
CA PRO B 161 5.08 -29.41 -25.93
C PRO B 161 5.32 -30.89 -25.55
N VAL B 162 4.33 -31.58 -24.98
CA VAL B 162 4.44 -33.01 -24.58
C VAL B 162 4.62 -33.87 -25.82
N GLY B 163 3.93 -33.57 -26.90
CA GLY B 163 4.01 -34.42 -28.09
C GLY B 163 5.38 -34.42 -28.71
N ILE B 164 6.01 -33.26 -28.82
CA ILE B 164 7.41 -33.16 -29.36
C ILE B 164 8.39 -33.81 -28.38
N THR B 165 8.34 -33.44 -27.10
CA THR B 165 9.37 -33.91 -26.13
C THR B 165 9.25 -35.36 -25.72
N PHE B 166 8.07 -35.87 -25.38
CA PHE B 166 7.98 -37.24 -24.80
C PHE B 166 7.51 -38.31 -25.77
N PHE B 167 7.23 -37.97 -27.03
CA PHE B 167 6.84 -38.99 -28.03
C PHE B 167 7.80 -38.95 -29.21
N THR B 168 8.42 -40.09 -29.53
CA THR B 168 9.43 -40.14 -30.62
C THR B 168 8.84 -39.83 -32.00
N GLU B 169 7.65 -40.34 -32.31
CA GLU B 169 7.10 -40.16 -33.68
C GLU B 169 6.01 -39.08 -33.68
N GLN B 170 6.26 -37.97 -34.37
CA GLN B 170 5.24 -36.90 -34.50
C GLN B 170 4.80 -36.84 -35.97
N THR B 171 5.18 -37.84 -36.78
CA THR B 171 4.75 -37.92 -38.20
C THR B 171 3.66 -38.99 -38.31
N THR B 172 3.19 -39.50 -37.18
CA THR B 172 2.14 -40.54 -37.19
C THR B 172 0.82 -39.90 -37.65
N THR B 173 -0.12 -40.69 -38.15
CA THR B 173 -1.37 -40.11 -38.71
C THR B 173 -2.16 -39.32 -37.65
N PRO B 174 -2.36 -39.78 -36.40
CA PRO B 174 -3.10 -38.97 -35.44
C PRO B 174 -2.46 -37.61 -35.12
N TRP B 175 -1.13 -37.54 -35.05
CA TRP B 175 -0.45 -36.28 -34.71
C TRP B 175 -0.43 -35.36 -35.93
N ILE B 176 -0.48 -35.90 -37.14
CA ILE B 176 -0.55 -35.03 -38.35
C ILE B 176 -1.97 -34.46 -38.50
N ILE B 177 -3.00 -35.25 -38.22
CA ILE B 177 -4.38 -34.69 -38.25
C ILE B 177 -4.50 -33.60 -37.17
N PHE B 178 -3.99 -33.83 -35.97
CA PHE B 178 -4.10 -32.84 -34.88
C PHE B 178 -3.30 -31.58 -35.25
N ASN B 179 -2.13 -31.65 -35.72
CA ASN B 179 -1.30 -30.48 -36.04
C ASN B 179 -1.74 -29.75 -37.30
N VAL B 180 -2.30 -30.48 -38.31
CA VAL B 180 -2.90 -29.80 -39.49
C VAL B 180 -4.24 -29.13 -39.11
N ALA B 181 -5.09 -29.79 -38.33
CA ALA B 181 -6.40 -29.20 -37.99
C ALA B 181 -6.19 -27.95 -37.15
N SER B 182 -5.30 -28.01 -36.16
CA SER B 182 -5.03 -26.83 -35.30
C SER B 182 -4.40 -25.72 -36.15
N ASP B 183 -3.48 -26.06 -37.04
CA ASP B 183 -2.81 -25.04 -37.89
C ASP B 183 -3.83 -24.40 -38.82
N THR B 184 -4.81 -25.16 -39.34
CA THR B 184 -5.89 -24.56 -40.17
C THR B 184 -6.71 -23.56 -39.36
N VAL B 185 -7.11 -23.90 -38.14
CA VAL B 185 -7.94 -22.98 -37.30
C VAL B 185 -7.11 -21.74 -37.02
N PHE B 186 -5.83 -21.91 -36.72
CA PHE B 186 -4.93 -20.77 -36.41
C PHE B 186 -4.67 -19.93 -37.66
N LEU B 187 -4.52 -20.55 -38.82
CA LEU B 187 -4.33 -19.79 -40.09
C LEU B 187 -5.59 -19.00 -40.42
N LEU B 188 -6.77 -19.57 -40.24
CA LEU B 188 -8.02 -18.80 -40.46
C LEU B 188 -7.95 -17.58 -39.57
N ASP B 189 -7.55 -17.76 -38.31
CA ASP B 189 -7.55 -16.63 -37.35
C ASP B 189 -6.65 -15.52 -37.87
N LEU B 190 -5.52 -15.85 -38.49
CA LEU B 190 -4.63 -14.83 -39.07
C LEU B 190 -5.37 -14.07 -40.19
N ILE B 191 -6.13 -14.77 -41.04
CA ILE B 191 -6.93 -14.12 -42.12
C ILE B 191 -7.99 -13.21 -41.49
N MET B 192 -8.68 -13.70 -40.47
CA MET B 192 -9.74 -12.91 -39.80
C MET B 192 -9.13 -11.69 -39.11
N ASN B 193 -7.95 -11.81 -38.51
CA ASN B 193 -7.35 -10.67 -37.78
C ASN B 193 -7.07 -9.54 -38.78
N PHE B 194 -6.78 -9.88 -40.03
CA PHE B 194 -6.58 -8.86 -41.10
C PHE B 194 -7.88 -8.09 -41.37
N ARG B 195 -9.03 -8.69 -41.06
CA ARG B 195 -10.33 -8.04 -41.35
C ARG B 195 -11.12 -7.79 -40.06
N THR B 196 -10.46 -7.62 -38.91
CA THR B 196 -11.19 -7.27 -37.65
C THR B 196 -10.73 -5.91 -37.14
N GLY B 197 -11.66 -5.01 -36.87
CA GLY B 197 -11.30 -3.66 -36.38
C GLY B 197 -10.59 -3.74 -35.07
N THR B 198 -9.63 -2.85 -34.84
CA THR B 198 -8.83 -2.92 -33.60
C THR B 198 -9.25 -1.79 -32.66
N VAL B 199 -9.66 -2.11 -31.43
CA VAL B 199 -9.97 -1.04 -30.44
C VAL B 199 -8.75 -0.14 -30.34
N ASN B 200 -8.94 1.17 -30.24
CA ASN B 200 -7.81 2.10 -30.19
C ASN B 200 -7.91 3.05 -29.01
N GLU B 201 -6.84 3.16 -28.24
CA GLU B 201 -6.84 4.07 -27.10
C GLU B 201 -6.98 5.51 -27.58
N ASP B 202 -7.91 6.24 -26.98
CA ASP B 202 -8.15 7.62 -27.41
C ASP B 202 -8.87 7.62 -28.75
N SER B 203 -9.52 6.54 -29.13
CA SER B 203 -10.27 6.65 -30.38
C SER B 203 -11.39 5.68 -30.61
N SER B 204 -11.74 5.53 -31.87
CA SER B 204 -12.78 4.59 -32.22
C SER B 204 -12.15 3.25 -32.50
N GLU B 205 -12.90 2.31 -33.05
CA GLU B 205 -12.32 1.04 -33.43
C GLU B 205 -11.88 1.12 -34.88
N ILE B 206 -10.57 1.15 -35.12
CA ILE B 206 -10.06 1.22 -36.49
C ILE B 206 -10.87 0.25 -37.30
N ILE B 207 -11.49 0.72 -38.37
CA ILE B 207 -12.39 -0.17 -39.12
C ILE B 207 -12.14 -0.25 -40.63
N LEU B 208 -11.37 0.67 -41.19
CA LEU B 208 -11.20 0.64 -42.67
C LEU B 208 -10.42 -0.62 -43.07
N ASP B 209 -11.02 -1.52 -43.82
CA ASP B 209 -10.36 -2.82 -44.11
C ASP B 209 -9.04 -2.68 -44.88
N PRO B 210 -8.92 -1.87 -45.95
CA PRO B 210 -7.70 -1.86 -46.75
C PRO B 210 -6.41 -1.44 -46.04
N LYS B 211 -6.44 -0.37 -45.26
CA LYS B 211 -5.15 0.07 -44.68
C LYS B 211 -5.23 0.25 -43.18
N VAL B 212 -6.40 0.61 -42.65
CA VAL B 212 -6.43 0.90 -41.19
C VAL B 212 -6.12 -0.38 -40.44
N ILE B 213 -6.68 -1.53 -40.88
CA ILE B 213 -6.50 -2.80 -40.14
C ILE B 213 -5.37 -3.63 -40.76
N LYS B 214 -5.36 -3.81 -42.08
CA LYS B 214 -4.35 -4.69 -42.72
C LYS B 214 -2.94 -4.18 -42.49
N MET B 215 -2.72 -2.87 -42.58
CA MET B 215 -1.34 -2.34 -42.47
C MET B 215 -0.97 -2.13 -40.99
N ASN B 216 -1.92 -2.25 -40.07
CA ASN B 216 -1.53 -2.19 -38.63
C ASN B 216 -1.12 -3.60 -38.15
N TYR B 217 -1.81 -4.65 -38.60
CA TYR B 217 -1.42 -6.03 -38.24
C TYR B 217 -0.03 -6.34 -38.81
N LEU B 218 0.22 -5.99 -40.07
CA LEU B 218 1.51 -6.33 -40.72
C LEU B 218 2.64 -5.66 -39.95
N LYS B 219 2.42 -4.43 -39.48
CA LYS B 219 3.48 -3.67 -38.78
C LYS B 219 3.52 -4.07 -37.30
N SER B 220 2.60 -4.92 -36.86
CA SER B 220 2.56 -5.24 -35.41
C SER B 220 2.84 -6.72 -35.15
N TRP B 221 1.83 -7.58 -35.14
CA TRP B 221 2.02 -8.99 -34.76
C TRP B 221 1.92 -9.96 -35.92
N PHE B 222 1.99 -9.53 -37.18
CA PHE B 222 1.80 -10.52 -38.27
C PHE B 222 2.93 -11.52 -38.21
N VAL B 223 4.14 -11.19 -38.06
CA VAL B 223 5.16 -12.20 -38.11
C VAL B 223 4.96 -13.25 -37.04
N VAL B 224 4.87 -12.80 -35.74
CA VAL B 224 4.81 -13.84 -34.66
C VAL B 224 3.64 -14.75 -34.99
N ASP B 225 2.52 -14.18 -35.44
CA ASP B 225 1.32 -14.96 -35.81
C ASP B 225 1.55 -15.83 -37.05
N PHE B 226 2.28 -15.35 -38.05
CA PHE B 226 2.57 -16.19 -39.23
C PHE B 226 3.43 -17.38 -38.82
N ILE B 227 4.48 -17.15 -38.03
CA ILE B 227 5.41 -18.27 -37.68
C ILE B 227 4.64 -19.32 -36.89
N SER B 228 3.81 -18.91 -35.95
CA SER B 228 3.00 -19.87 -35.14
C SER B 228 1.98 -20.61 -36.00
N SER B 229 1.26 -19.94 -36.88
CA SER B 229 0.19 -20.58 -37.69
C SER B 229 0.74 -21.57 -38.71
N ILE B 230 1.82 -21.22 -39.41
CA ILE B 230 2.33 -22.10 -40.51
C ILE B 230 2.93 -23.39 -39.92
N PRO B 231 2.83 -24.58 -40.56
CA PRO B 231 3.49 -25.78 -40.05
C PRO B 231 4.94 -25.81 -40.57
N VAL B 232 5.82 -25.01 -39.99
CA VAL B 232 7.19 -24.94 -40.46
C VAL B 232 7.81 -26.32 -40.44
N ASP B 233 7.49 -27.10 -39.43
CA ASP B 233 8.13 -28.43 -39.30
C ASP B 233 7.80 -29.27 -40.52
N TYR B 234 6.55 -29.29 -40.93
CA TYR B 234 6.12 -30.11 -42.11
C TYR B 234 6.71 -29.55 -43.40
N ILE B 235 6.81 -28.23 -43.52
CA ILE B 235 7.41 -27.60 -44.74
C ILE B 235 8.87 -28.05 -44.84
N PHE B 236 9.63 -28.04 -43.74
CA PHE B 236 11.03 -28.49 -43.75
C PHE B 236 11.10 -29.98 -44.10
N LEU B 237 10.20 -30.77 -43.54
CA LEU B 237 10.23 -32.23 -43.78
C LEU B 237 9.98 -32.47 -45.27
N ILE B 238 9.00 -31.79 -45.86
CA ILE B 238 8.68 -31.97 -47.31
C ILE B 238 9.85 -31.49 -48.19
N VAL B 239 10.43 -30.34 -47.87
CA VAL B 239 11.57 -29.79 -48.67
C VAL B 239 12.77 -30.73 -48.56
N GLU B 240 13.07 -31.23 -47.36
CA GLU B 240 14.29 -32.06 -47.17
C GLU B 240 14.06 -33.44 -47.80
N LYS B 241 12.81 -33.89 -47.90
CA LYS B 241 12.51 -35.17 -48.58
C LYS B 241 11.82 -34.88 -49.91
N ARG B 252 21.65 -39.69 -41.00
CA ARG B 252 21.52 -38.25 -41.36
C ARG B 252 20.07 -37.82 -41.10
N ALA B 253 19.16 -38.79 -40.96
CA ALA B 253 17.75 -38.49 -40.62
C ALA B 253 17.60 -38.06 -39.15
N LEU B 254 18.50 -38.53 -38.27
CA LEU B 254 18.40 -38.21 -36.82
C LEU B 254 18.59 -36.71 -36.61
N ARG B 255 19.52 -36.08 -37.32
CA ARG B 255 19.66 -34.60 -37.22
C ARG B 255 18.38 -33.94 -37.74
N ILE B 256 17.77 -34.52 -38.79
CA ILE B 256 16.50 -33.96 -39.35
C ILE B 256 15.41 -34.05 -38.28
N VAL B 257 15.32 -35.19 -37.59
CA VAL B 257 14.29 -35.36 -36.51
C VAL B 257 14.57 -34.36 -35.39
N ARG B 258 15.84 -34.13 -35.04
CA ARG B 258 16.17 -33.13 -34.00
C ARG B 258 15.78 -31.71 -34.46
N PHE B 259 16.02 -31.31 -35.66
CA PHE B 259 15.56 -29.99 -36.07
C PHE B 259 14.06 -29.94 -36.05
N THR B 260 13.38 -30.95 -36.63
CA THR B 260 11.91 -30.83 -36.71
C THR B 260 11.38 -30.56 -35.29
N LYS B 261 11.94 -31.20 -34.28
CA LYS B 261 11.44 -31.02 -32.90
C LYS B 261 11.62 -29.57 -32.46
N ILE B 262 12.74 -28.94 -32.77
CA ILE B 262 12.94 -27.49 -32.45
C ILE B 262 12.02 -26.60 -33.30
N LEU B 263 11.83 -26.91 -34.58
CA LEU B 263 10.97 -26.11 -35.51
C LEU B 263 9.50 -26.20 -35.10
N SER B 264 9.09 -27.29 -34.46
CA SER B 264 7.67 -27.47 -34.09
C SER B 264 7.39 -26.80 -32.75
N LEU B 265 8.38 -26.15 -32.19
CA LEU B 265 8.14 -25.39 -30.93
C LEU B 265 8.01 -23.92 -31.33
N LEU B 266 7.92 -23.62 -32.62
CA LEU B 266 7.64 -22.23 -33.06
C LEU B 266 6.13 -22.10 -32.99
N ARG B 267 5.43 -23.19 -32.70
CA ARG B 267 3.96 -23.21 -32.62
C ARG B 267 3.59 -22.86 -31.19
N LEU B 268 4.56 -22.51 -30.37
CA LEU B 268 4.30 -22.13 -28.96
C LEU B 268 4.27 -20.61 -28.93
N LEU B 269 4.38 -19.97 -30.09
CA LEU B 269 4.31 -18.50 -30.17
C LEU B 269 2.82 -18.13 -30.15
N ARG B 270 1.94 -19.12 -30.14
CA ARG B 270 0.48 -18.87 -30.05
C ARG B 270 0.24 -18.32 -28.65
N LEU B 271 1.23 -18.38 -27.78
CA LEU B 271 1.09 -17.77 -26.43
C LEU B 271 0.86 -16.28 -26.62
N SER B 272 1.35 -15.71 -27.72
CA SER B 272 1.13 -14.27 -28.00
C SER B 272 -0.36 -14.07 -28.16
N ARG B 273 -1.02 -14.86 -28.99
CA ARG B 273 -2.48 -14.74 -29.18
C ARG B 273 -3.22 -15.08 -27.88
N LEU B 274 -2.85 -16.10 -27.11
CA LEU B 274 -3.62 -16.39 -25.89
C LEU B 274 -3.52 -15.20 -24.96
N ILE B 275 -2.34 -14.61 -24.83
CA ILE B 275 -2.15 -13.44 -23.93
C ILE B 275 -2.96 -12.26 -24.46
N ARG B 276 -2.90 -11.99 -25.77
CA ARG B 276 -3.62 -10.81 -26.35
C ARG B 276 -5.13 -11.01 -26.26
N TYR B 277 -5.64 -12.19 -26.61
CA TYR B 277 -7.10 -12.46 -26.59
C TYR B 277 -7.64 -12.42 -25.17
N ILE B 278 -6.92 -12.99 -24.21
CA ILE B 278 -7.36 -12.99 -22.78
C ILE B 278 -7.41 -11.54 -22.30
N HIS B 279 -6.43 -10.71 -22.64
CA HIS B 279 -6.41 -9.29 -22.21
C HIS B 279 -7.54 -8.49 -22.85
N GLN B 280 -7.86 -8.75 -24.11
CA GLN B 280 -8.96 -8.04 -24.82
C GLN B 280 -10.28 -8.40 -24.16
N TRP B 281 -10.53 -9.68 -23.92
CA TRP B 281 -11.85 -10.09 -23.41
C TRP B 281 -11.96 -9.88 -21.90
N GLU B 282 -10.84 -9.82 -21.18
CA GLU B 282 -10.93 -9.47 -19.75
C GLU B 282 -11.33 -8.01 -19.61
N GLU B 283 -10.82 -7.13 -20.47
CA GLU B 283 -11.23 -5.70 -20.44
C GLU B 283 -12.70 -5.56 -20.80
N ILE B 284 -13.18 -6.31 -21.79
CA ILE B 284 -14.62 -6.28 -22.17
C ILE B 284 -15.45 -6.80 -20.99
N PHE B 285 -15.01 -7.84 -20.31
CA PHE B 285 -15.73 -8.37 -19.12
C PHE B 285 -15.69 -7.38 -17.95
N HIS B 286 -14.61 -6.63 -17.79
CA HIS B 286 -14.53 -5.61 -16.70
C HIS B 286 -15.62 -4.56 -16.90
N MET B 287 -15.95 -4.21 -18.13
CA MET B 287 -17.05 -3.29 -18.38
C MET B 287 -18.36 -4.01 -18.15
N THR B 288 -18.44 -5.25 -18.64
CA THR B 288 -19.66 -6.04 -18.48
C THR B 288 -19.90 -6.41 -17.03
N TYR B 289 -18.87 -6.68 -16.26
CA TYR B 289 -19.10 -6.98 -14.89
C TYR B 289 -18.03 -6.30 -14.12
N ASP B 290 -18.12 -6.30 -12.82
CA ASP B 290 -17.14 -5.66 -11.95
C ASP B 290 -16.21 -6.66 -11.30
N LEU B 291 -15.41 -7.32 -12.11
CA LEU B 291 -14.48 -8.29 -11.60
C LEU B 291 -13.42 -7.53 -10.80
N ALA B 292 -13.03 -8.06 -9.66
CA ALA B 292 -12.01 -7.40 -8.90
C ALA B 292 -10.76 -7.51 -9.70
N SER B 293 -10.05 -6.42 -9.84
CA SER B 293 -8.79 -6.41 -10.63
C SER B 293 -7.81 -7.42 -10.07
N ALA B 294 -7.67 -7.50 -8.75
CA ALA B 294 -6.67 -8.38 -8.12
C ALA B 294 -6.97 -9.84 -8.42
N VAL B 295 -8.23 -10.25 -8.35
CA VAL B 295 -8.64 -11.65 -8.63
C VAL B 295 -8.39 -11.99 -10.09
N VAL B 296 -8.63 -11.05 -11.01
CA VAL B 296 -8.39 -11.30 -12.46
C VAL B 296 -6.90 -11.40 -12.71
N ARG B 297 -6.09 -10.52 -12.10
CA ARG B 297 -4.62 -10.51 -12.32
C ARG B 297 -3.94 -11.73 -11.72
N ILE B 298 -4.34 -12.17 -10.52
CA ILE B 298 -3.70 -13.35 -9.87
C ILE B 298 -3.99 -14.58 -10.71
N PHE B 299 -5.19 -14.70 -11.26
CA PHE B 299 -5.56 -15.87 -12.11
C PHE B 299 -4.80 -15.88 -13.42
N ASN B 300 -4.53 -14.72 -14.01
CA ASN B 300 -3.69 -14.70 -15.22
C ASN B 300 -2.29 -15.22 -14.89
N LEU B 301 -1.70 -14.81 -13.75
CA LEU B 301 -0.39 -15.36 -13.32
C LEU B 301 -0.52 -16.86 -13.01
N ILE B 302 -1.55 -17.32 -12.31
CA ILE B 302 -1.61 -18.76 -11.96
C ILE B 302 -1.68 -19.52 -13.28
N GLY B 303 -2.38 -19.01 -14.28
CA GLY B 303 -2.37 -19.68 -15.59
C GLY B 303 -1.00 -19.64 -16.25
N MET B 304 -0.33 -18.49 -16.20
CA MET B 304 1.02 -18.33 -16.80
C MET B 304 2.04 -19.17 -16.03
N MET B 305 1.96 -19.24 -14.71
CA MET B 305 2.88 -20.06 -13.89
C MET B 305 2.70 -21.54 -14.20
N LEU B 306 1.45 -22.01 -14.32
CA LEU B 306 1.19 -23.43 -14.66
C LEU B 306 1.72 -23.73 -16.06
N LEU B 307 1.53 -22.83 -17.02
CA LEU B 307 2.01 -23.06 -18.41
C LEU B 307 3.54 -23.06 -18.45
N LEU B 308 4.20 -22.13 -17.77
CA LEU B 308 5.68 -22.07 -17.76
C LEU B 308 6.24 -23.29 -17.03
N CYS B 309 5.59 -23.75 -15.96
CA CYS B 309 6.04 -24.97 -15.25
C CYS B 309 5.87 -26.18 -16.17
N HIS B 310 4.83 -26.25 -16.97
CA HIS B 310 4.64 -27.37 -17.94
C HIS B 310 5.76 -27.31 -18.96
N TRP B 311 6.02 -26.15 -19.55
CA TRP B 311 7.07 -25.96 -20.58
C TRP B 311 8.46 -26.20 -20.01
N ASP B 312 8.76 -25.75 -18.79
CA ASP B 312 10.08 -26.06 -18.15
C ASP B 312 10.20 -27.55 -17.93
N GLY B 313 9.14 -28.24 -17.53
CA GLY B 313 9.26 -29.69 -17.39
C GLY B 313 9.59 -30.34 -18.71
N CYS B 314 8.94 -29.93 -19.78
CA CYS B 314 9.22 -30.48 -21.13
C CYS B 314 10.65 -30.13 -21.58
N LEU B 315 11.13 -28.91 -21.31
CA LEU B 315 12.49 -28.46 -21.74
C LEU B 315 13.53 -29.32 -21.05
N GLN B 316 13.29 -29.67 -19.80
CA GLN B 316 14.24 -30.48 -19.02
C GLN B 316 14.38 -31.86 -19.63
N PHE B 317 13.40 -32.35 -20.38
CA PHE B 317 13.58 -33.64 -21.09
C PHE B 317 13.94 -33.41 -22.57
N LEU B 318 13.50 -32.32 -23.19
CA LEU B 318 13.89 -32.06 -24.60
C LEU B 318 15.38 -31.78 -24.72
N VAL B 319 15.99 -30.96 -23.87
CA VAL B 319 17.44 -30.70 -24.09
C VAL B 319 18.20 -32.01 -23.95
N PRO B 320 17.98 -32.89 -22.94
CA PRO B 320 18.58 -34.22 -22.91
C PRO B 320 18.22 -35.11 -24.11
N LEU B 321 16.97 -35.13 -24.57
CA LEU B 321 16.56 -35.93 -25.76
C LEU B 321 17.27 -35.46 -27.02
N LEU B 322 17.41 -34.15 -27.22
CA LEU B 322 18.01 -33.62 -28.48
C LEU B 322 19.51 -33.89 -28.46
N GLN B 323 20.03 -34.43 -27.36
CA GLN B 323 21.48 -34.71 -27.25
C GLN B 323 21.66 -36.22 -27.11
N ASP B 324 20.65 -36.99 -27.51
CA ASP B 324 20.69 -38.47 -27.44
C ASP B 324 20.93 -38.94 -26.00
N PHE B 325 20.29 -38.29 -25.02
CA PHE B 325 20.39 -38.74 -23.62
C PHE B 325 21.85 -38.91 -23.21
N PRO B 326 22.63 -37.82 -23.08
CA PRO B 326 24.06 -37.92 -22.80
C PRO B 326 24.26 -38.65 -21.47
N PRO B 327 25.40 -39.34 -21.19
CA PRO B 327 25.53 -40.15 -19.97
C PRO B 327 25.42 -39.41 -18.63
N ASP B 328 25.54 -38.08 -18.64
CA ASP B 328 25.48 -37.29 -17.39
C ASP B 328 24.13 -36.59 -17.25
N CYS B 329 23.21 -36.80 -18.18
CA CYS B 329 21.88 -36.16 -18.12
C CYS B 329 21.05 -36.82 -17.04
N TRP B 330 20.12 -36.11 -16.43
CA TRP B 330 19.33 -36.66 -15.31
C TRP B 330 18.53 -37.87 -15.77
N VAL B 331 18.12 -37.86 -17.06
CA VAL B 331 17.33 -38.96 -17.59
C VAL B 331 18.14 -40.23 -17.49
N SER B 332 19.35 -40.20 -17.95
CA SER B 332 20.28 -41.37 -17.91
C SER B 332 20.75 -41.69 -16.49
N LEU B 333 21.08 -40.68 -15.68
CA LEU B 333 21.57 -40.87 -14.29
C LEU B 333 20.48 -41.49 -13.40
N ASN B 334 19.22 -41.08 -13.57
CA ASN B 334 18.08 -41.64 -12.79
C ASN B 334 17.55 -42.87 -13.52
N GLU B 335 18.18 -43.26 -14.64
CA GLU B 335 17.78 -44.47 -15.42
C GLU B 335 16.33 -44.38 -15.91
N MET B 336 15.89 -43.23 -16.43
CA MET B 336 14.50 -43.05 -16.90
C MET B 336 14.46 -42.82 -18.41
N VAL B 337 15.49 -43.24 -19.14
CA VAL B 337 15.50 -43.12 -20.63
C VAL B 337 14.41 -44.01 -21.21
N ASN B 338 14.20 -45.21 -20.65
CA ASN B 338 13.25 -46.20 -21.21
C ASN B 338 11.93 -46.26 -20.44
N ASP B 339 11.68 -45.34 -19.52
CA ASP B 339 10.43 -45.31 -18.71
C ASP B 339 9.26 -44.83 -19.58
N SER B 340 8.03 -45.00 -19.11
CA SER B 340 6.84 -44.61 -19.88
C SER B 340 6.74 -43.09 -19.93
N TRP B 341 5.95 -42.56 -20.85
CA TRP B 341 5.85 -41.08 -21.00
C TRP B 341 5.33 -40.48 -19.70
N GLY B 342 4.49 -41.20 -18.97
CA GLY B 342 3.98 -40.71 -17.69
C GLY B 342 5.07 -40.57 -16.66
N LYS B 343 6.01 -41.51 -16.56
CA LYS B 343 7.03 -41.47 -15.49
C LYS B 343 8.14 -40.53 -15.92
N GLN B 344 8.33 -40.32 -17.22
CA GLN B 344 9.28 -39.32 -17.73
C GLN B 344 8.69 -37.92 -17.58
N TYR B 345 7.42 -37.70 -17.94
CA TYR B 345 6.77 -36.38 -17.78
C TYR B 345 6.59 -36.02 -16.31
N SER B 346 6.15 -36.97 -15.48
CA SER B 346 5.87 -36.64 -14.07
C SER B 346 7.17 -36.23 -13.39
N TYR B 347 8.28 -36.82 -13.61
CA TYR B 347 9.55 -36.48 -12.96
C TYR B 347 10.18 -35.27 -13.57
N ALA B 348 9.94 -35.01 -14.87
CA ALA B 348 10.36 -33.74 -15.47
C ALA B 348 9.54 -32.59 -14.92
N LEU B 349 8.23 -32.71 -14.76
CA LEU B 349 7.41 -31.64 -14.14
C LEU B 349 7.82 -31.48 -12.69
N PHE B 350 8.09 -32.58 -11.99
CA PHE B 350 8.47 -32.53 -10.56
C PHE B 350 9.77 -31.75 -10.49
N LYS B 351 10.70 -32.05 -11.39
CA LYS B 351 12.00 -31.37 -11.39
C LYS B 351 11.78 -29.90 -11.68
N ALA B 352 10.91 -29.52 -12.62
CA ALA B 352 10.73 -28.11 -13.00
C ALA B 352 9.93 -27.33 -11.97
N MET B 353 8.92 -27.94 -11.38
CA MET B 353 8.14 -27.30 -10.29
C MET B 353 9.06 -27.10 -9.08
N SER B 354 9.93 -28.06 -8.79
CA SER B 354 10.83 -27.97 -7.62
C SER B 354 11.78 -26.79 -7.80
N HIS B 355 12.35 -26.59 -8.99
CA HIS B 355 13.22 -25.41 -9.26
C HIS B 355 12.39 -24.13 -9.15
N MET B 356 11.17 -24.14 -9.65
CA MET B 356 10.31 -22.93 -9.66
C MET B 356 9.93 -22.48 -8.25
N LEU B 357 9.32 -23.33 -7.44
CA LEU B 357 8.94 -22.97 -6.07
C LEU B 357 10.24 -23.02 -5.31
N CYS B 358 11.33 -23.24 -6.02
CA CYS B 358 12.65 -23.23 -5.40
C CYS B 358 12.81 -24.23 -4.25
N ILE B 359 12.14 -25.37 -4.35
CA ILE B 359 12.39 -26.40 -3.28
C ILE B 359 13.76 -27.11 -3.28
N GLY B 360 14.11 -27.77 -4.38
CA GLY B 360 15.39 -28.47 -4.47
C GLY B 360 15.63 -29.05 -5.85
N TYR B 361 15.76 -30.37 -5.93
CA TYR B 361 16.00 -31.02 -7.22
C TYR B 361 15.26 -32.33 -7.34
N GLY B 362 15.26 -32.91 -8.53
CA GLY B 362 14.61 -34.19 -8.74
C GLY B 362 15.34 -35.27 -7.96
N ALA B 363 16.62 -35.45 -8.26
CA ALA B 363 17.41 -36.46 -7.56
C ALA B 363 18.70 -35.88 -6.99
N GLN B 364 19.48 -35.20 -7.83
CA GLN B 364 20.75 -34.63 -7.38
C GLN B 364 21.06 -33.33 -8.11
N ALA B 365 22.10 -32.63 -7.69
CA ALA B 365 22.44 -31.33 -8.31
C ALA B 365 22.98 -31.59 -9.72
N PRO B 366 22.64 -30.76 -10.76
CA PRO B 366 23.07 -31.06 -12.13
C PRO B 366 24.55 -31.27 -12.44
N VAL B 367 24.94 -32.48 -12.84
CA VAL B 367 26.35 -32.77 -13.24
C VAL B 367 26.75 -32.14 -14.59
N SER B 368 25.93 -32.22 -15.64
CA SER B 368 26.34 -31.78 -17.00
C SER B 368 26.12 -30.28 -17.21
N MET B 369 26.66 -29.73 -18.29
CA MET B 369 26.56 -28.26 -18.48
C MET B 369 25.23 -27.91 -19.15
N SER B 370 24.64 -28.80 -19.93
CA SER B 370 23.29 -28.50 -20.44
C SER B 370 22.35 -28.46 -19.24
N ASP B 371 22.51 -29.41 -18.31
CA ASP B 371 21.67 -29.48 -17.09
C ASP B 371 21.95 -28.30 -16.16
N LEU B 372 23.16 -27.87 -15.96
CA LEU B 372 23.45 -26.79 -15.02
C LEU B 372 22.91 -25.51 -15.55
N TRP B 373 22.89 -25.31 -16.87
CA TRP B 373 22.28 -24.12 -17.48
C TRP B 373 20.76 -24.17 -17.63
N ILE B 374 20.15 -25.31 -17.99
CA ILE B 374 18.68 -25.46 -18.07
C ILE B 374 18.08 -25.44 -16.68
N THR B 375 18.79 -25.89 -15.67
CA THR B 375 18.34 -25.76 -14.26
C THR B 375 18.40 -24.30 -13.84
N MET B 376 19.44 -23.56 -14.22
CA MET B 376 19.56 -22.13 -13.88
C MET B 376 18.50 -21.29 -14.62
N LEU B 377 18.16 -21.61 -15.86
CA LEU B 377 17.06 -20.89 -16.55
C LEU B 377 15.76 -21.17 -15.82
N SER B 378 15.50 -22.41 -15.39
CA SER B 378 14.23 -22.77 -14.73
C SER B 378 14.23 -22.22 -13.32
N MET B 379 15.40 -22.03 -12.71
CA MET B 379 15.47 -21.39 -11.37
C MET B 379 15.16 -19.90 -11.50
N ILE B 380 15.72 -19.18 -12.47
CA ILE B 380 15.48 -17.71 -12.66
C ILE B 380 14.03 -17.48 -13.11
N VAL B 381 13.50 -18.27 -14.03
CA VAL B 381 12.07 -18.15 -14.46
C VAL B 381 11.17 -18.48 -13.27
N GLY B 382 11.48 -19.51 -12.51
CA GLY B 382 10.65 -19.89 -11.36
C GLY B 382 10.64 -18.88 -10.22
N ALA B 383 11.79 -18.37 -9.84
CA ALA B 383 11.88 -17.37 -8.76
C ALA B 383 11.20 -16.06 -9.15
N THR B 384 11.35 -15.61 -10.40
CA THR B 384 10.64 -14.37 -10.86
C THR B 384 9.14 -14.59 -10.84
N CYS B 385 8.64 -15.75 -11.26
CA CYS B 385 7.19 -16.05 -11.21
C CYS B 385 6.69 -16.11 -9.76
N TYR B 386 7.42 -16.74 -8.85
CA TYR B 386 7.01 -16.77 -7.42
C TYR B 386 7.08 -15.39 -6.78
N ALA B 387 8.12 -14.60 -7.03
CA ALA B 387 8.18 -13.22 -6.51
C ALA B 387 6.96 -12.45 -6.97
N MET B 388 6.52 -12.67 -8.23
CA MET B 388 5.31 -12.04 -8.75
C MET B 388 4.06 -12.62 -8.11
N PHE B 389 4.00 -13.88 -7.80
CA PHE B 389 2.86 -14.48 -7.07
C PHE B 389 2.78 -13.95 -5.65
N VAL B 390 3.91 -13.82 -4.95
CA VAL B 390 3.88 -13.19 -3.60
C VAL B 390 3.40 -11.73 -3.75
N GLY B 391 3.81 -11.02 -4.80
CA GLY B 391 3.33 -9.65 -5.05
C GLY B 391 1.86 -9.55 -5.37
N HIS B 392 1.34 -10.44 -6.22
CA HIS B 392 -0.11 -10.46 -6.56
C HIS B 392 -0.92 -10.89 -5.34
N ALA B 393 -0.41 -11.83 -4.54
CA ALA B 393 -1.09 -12.24 -3.30
C ALA B 393 -1.16 -11.07 -2.32
N THR B 394 -0.10 -10.28 -2.20
CA THR B 394 -0.11 -9.10 -1.30
C THR B 394 -1.17 -8.11 -1.75
N ALA B 395 -1.28 -7.84 -3.05
CA ALA B 395 -2.30 -6.91 -3.58
C ALA B 395 -3.72 -7.45 -3.39
N LEU B 396 -3.96 -8.74 -3.59
CA LEU B 396 -5.31 -9.31 -3.33
C LEU B 396 -5.62 -9.17 -1.84
N ILE B 397 -4.69 -9.48 -0.96
CA ILE B 397 -4.95 -9.45 0.51
C ILE B 397 -5.19 -8.02 0.97
N GLN B 398 -4.44 -7.04 0.45
CA GLN B 398 -4.66 -5.62 0.82
C GLN B 398 -6.02 -5.15 0.30
N SER B 399 -6.49 -5.52 -0.81
CA SER B 399 -7.74 -5.06 -1.37
C SER B 399 -8.96 -5.74 -0.83
N LEU B 400 -8.79 -6.91 -0.21
CA LEU B 400 -9.94 -7.55 0.47
C LEU B 400 -10.35 -6.76 1.73
N ASP B 401 -9.39 -6.22 2.48
CA ASP B 401 -9.74 -5.53 3.76
C ASP B 401 -9.60 -4.02 3.60
N SER B 402 -9.77 -3.48 2.41
CA SER B 402 -9.51 -2.03 2.20
C SER B 402 -10.38 -1.17 3.10
N SER B 403 -11.66 -1.48 3.22
CA SER B 403 -12.57 -0.61 4.00
C SER B 403 -12.21 -0.62 5.50
N ARG B 404 -11.91 -1.80 6.05
CA ARG B 404 -11.50 -1.90 7.48
C ARG B 404 -10.13 -1.27 7.71
N ARG B 405 -9.19 -1.43 6.80
CA ARG B 405 -7.85 -0.80 6.93
C ARG B 405 -8.00 0.71 6.89
N GLN B 406 -8.86 1.22 6.01
CA GLN B 406 -9.06 2.69 5.89
C GLN B 406 -9.69 3.24 7.17
N TYR B 407 -10.62 2.53 7.83
CA TYR B 407 -11.14 3.03 9.11
C TYR B 407 -10.02 3.10 10.14
N GLN B 408 -9.18 2.08 10.20
CA GLN B 408 -8.13 2.07 11.26
C GLN B 408 -7.19 3.24 11.02
N GLU B 409 -6.86 3.54 9.78
CA GLU B 409 -6.00 4.70 9.46
C GLU B 409 -6.72 6.00 9.85
N LYS B 410 -8.04 6.06 9.77
CA LYS B 410 -8.79 7.27 10.18
C LYS B 410 -8.78 7.42 11.70
N TYR B 411 -9.10 6.35 12.44
CA TYR B 411 -9.02 6.44 13.91
C TYR B 411 -7.58 6.67 14.36
N LYS B 412 -6.58 6.09 13.72
CA LYS B 412 -5.21 6.30 14.24
C LYS B 412 -4.91 7.80 14.18
N GLN B 413 -5.37 8.51 13.15
CA GLN B 413 -5.18 9.97 13.07
C GLN B 413 -5.93 10.68 14.20
N VAL B 414 -7.12 10.20 14.60
CA VAL B 414 -7.81 10.79 15.77
C VAL B 414 -6.94 10.58 17.01
N GLU B 415 -6.32 9.41 17.15
CA GLU B 415 -5.43 9.12 18.29
C GLU B 415 -4.23 10.08 18.26
N GLN B 416 -3.68 10.37 17.08
CA GLN B 416 -2.56 11.34 16.94
C GLN B 416 -3.02 12.76 17.30
N TYR B 417 -4.24 13.17 16.97
CA TYR B 417 -4.74 14.49 17.40
C TYR B 417 -4.82 14.51 18.92
N MET B 418 -5.35 13.46 19.50
CA MET B 418 -5.49 13.40 20.96
C MET B 418 -4.11 13.38 21.60
N SER B 419 -3.15 12.68 21.01
CA SER B 419 -1.76 12.63 21.52
C SER B 419 -1.08 13.99 21.46
N PHE B 420 -1.26 14.73 20.37
CA PHE B 420 -0.60 16.06 20.20
C PHE B 420 -1.14 17.00 21.26
N HIS B 421 -2.45 16.97 21.49
CA HIS B 421 -3.07 17.90 22.47
C HIS B 421 -2.94 17.30 23.87
N LYS B 422 -2.39 16.09 23.98
CA LYS B 422 -2.16 15.41 25.29
C LYS B 422 -3.47 15.30 26.06
N LEU B 423 -4.55 14.90 25.39
CA LEU B 423 -5.88 14.85 26.04
C LEU B 423 -5.85 13.80 27.15
N PRO B 424 -6.54 13.96 28.30
CA PRO B 424 -6.45 13.01 29.39
C PRO B 424 -6.99 11.65 28.93
N ALA B 425 -6.61 10.56 29.60
CA ALA B 425 -7.04 9.22 29.14
C ALA B 425 -8.56 9.08 29.20
N ASP B 426 -9.21 9.72 30.16
CA ASP B 426 -10.69 9.66 30.25
C ASP B 426 -11.33 10.26 29.00
N MET B 427 -10.85 11.43 28.55
CA MET B 427 -11.38 12.09 27.33
C MET B 427 -11.06 11.22 26.12
N ARG B 428 -9.89 10.60 26.11
CA ARG B 428 -9.51 9.73 24.97
C ARG B 428 -10.49 8.57 24.87
N GLN B 429 -11.01 8.04 25.99
CA GLN B 429 -12.02 6.95 25.92
C GLN B 429 -13.41 7.49 25.57
N LYS B 430 -13.76 8.70 25.98
CA LYS B 430 -15.07 9.23 25.52
C LYS B 430 -15.05 9.34 24.00
N ILE B 431 -13.94 9.83 23.43
CA ILE B 431 -13.81 10.00 21.95
C ILE B 431 -13.78 8.64 21.26
N HIS B 432 -13.11 7.63 21.81
CA HIS B 432 -13.12 6.28 21.21
C HIS B 432 -14.54 5.72 21.20
N ASP B 433 -15.28 5.89 22.29
CA ASP B 433 -16.68 5.39 22.35
C ASP B 433 -17.54 6.18 21.37
N TYR B 434 -17.31 7.48 21.19
CA TYR B 434 -18.10 8.21 20.17
C TYR B 434 -17.82 7.63 18.79
N TYR B 435 -16.57 7.39 18.44
CA TYR B 435 -16.25 6.93 17.07
C TYR B 435 -16.84 5.53 16.84
N GLU B 436 -16.82 4.66 17.85
CA GLU B 436 -17.42 3.31 17.72
C GLU B 436 -18.92 3.44 17.52
N HIS B 437 -19.58 4.37 18.20
CA HIS B 437 -21.05 4.47 18.11
C HIS B 437 -21.52 5.49 17.07
N ARG B 438 -20.61 6.22 16.43
CA ARG B 438 -21.06 7.14 15.36
C ARG B 438 -20.77 6.52 14.00
N TYR B 439 -19.56 6.04 13.78
CA TYR B 439 -19.20 5.49 12.45
C TYR B 439 -19.41 3.98 12.44
N GLN B 440 -19.46 3.34 13.60
CA GLN B 440 -19.75 1.89 13.68
C GLN B 440 -18.74 1.08 12.88
N GLY B 441 -17.48 1.52 12.87
CA GLY B 441 -16.42 0.77 12.17
C GLY B 441 -16.47 0.98 10.67
N LYS B 442 -17.23 1.97 10.21
CA LYS B 442 -17.42 2.17 8.76
C LYS B 442 -16.79 3.49 8.32
N ILE B 443 -15.94 3.46 7.31
CA ILE B 443 -15.36 4.72 6.76
C ILE B 443 -16.20 5.10 5.53
N PHE B 444 -16.81 6.28 5.55
CA PHE B 444 -17.57 6.76 4.38
C PHE B 444 -17.59 8.29 4.47
N ASP B 445 -17.77 8.98 3.34
CA ASP B 445 -17.95 10.46 3.42
C ASP B 445 -19.37 10.72 2.97
N GLU B 446 -20.28 11.04 3.89
CA GLU B 446 -21.69 11.17 3.47
C GLU B 446 -21.78 12.30 2.47
N GLU B 447 -21.09 13.41 2.69
CA GLU B 447 -21.23 14.59 1.79
C GLU B 447 -20.76 14.24 0.39
N ASN B 448 -19.59 13.61 0.25
CA ASN B 448 -19.11 13.21 -1.09
C ASN B 448 -20.02 12.14 -1.70
N ILE B 449 -20.40 11.12 -0.94
CA ILE B 449 -21.22 10.01 -1.52
C ILE B 449 -22.56 10.58 -1.95
N LEU B 450 -23.16 11.44 -1.14
CA LEU B 450 -24.45 12.07 -1.49
C LEU B 450 -24.31 13.01 -2.70
N ASN B 451 -23.20 13.75 -2.81
CA ASN B 451 -23.03 14.71 -3.93
C ASN B 451 -22.94 13.95 -5.25
N GLU B 452 -22.30 12.78 -5.27
CA GLU B 452 -22.16 11.96 -6.51
C GLU B 452 -23.53 11.49 -6.99
N LEU B 453 -24.43 11.13 -6.09
CA LEU B 453 -25.76 10.57 -6.44
C LEU B 453 -26.65 11.62 -7.10
N ASN B 454 -27.59 11.21 -7.96
CA ASN B 454 -28.45 12.14 -8.72
C ASN B 454 -29.58 12.59 -7.79
N ASP B 455 -30.38 13.57 -8.21
CA ASP B 455 -31.41 14.10 -7.29
C ASP B 455 -32.41 13.00 -6.91
N PRO B 456 -32.92 12.12 -7.80
CA PRO B 456 -33.80 11.03 -7.36
C PRO B 456 -33.23 10.02 -6.36
N LEU B 457 -31.99 9.56 -6.54
CA LEU B 457 -31.34 8.63 -5.58
C LEU B 457 -31.06 9.34 -4.25
N ARG B 458 -30.67 10.61 -4.26
CA ARG B 458 -30.48 11.31 -2.97
C ARG B 458 -31.81 11.38 -2.24
N GLU B 459 -32.91 11.69 -2.93
CA GLU B 459 -34.23 11.81 -2.27
C GLU B 459 -34.62 10.46 -1.69
N GLU B 460 -34.38 9.37 -2.41
CA GLU B 460 -34.79 8.04 -1.92
C GLU B 460 -34.02 7.69 -0.65
N ILE B 461 -32.70 7.93 -0.63
CA ILE B 461 -31.86 7.59 0.56
C ILE B 461 -32.32 8.46 1.73
N VAL B 462 -32.59 9.72 1.53
CA VAL B 462 -33.03 10.61 2.58
C VAL B 462 -34.40 10.28 3.09
N ASN B 463 -35.32 9.95 2.20
CA ASN B 463 -36.66 9.51 2.66
C ASN B 463 -36.56 8.22 3.47
N PHE B 464 -35.79 7.23 3.03
CA PHE B 464 -35.76 5.97 3.81
C PHE B 464 -35.19 6.26 5.19
N ASN B 465 -34.10 7.02 5.24
CA ASN B 465 -33.41 7.32 6.54
C ASN B 465 -34.23 8.20 7.47
N CYS B 466 -34.86 9.29 6.86
CA CYS B 466 -35.52 10.26 7.72
C CYS B 466 -37.04 10.41 7.64
N ARG B 467 -37.76 9.79 6.74
CA ARG B 467 -39.20 10.14 6.54
C ARG B 467 -40.04 9.74 7.75
N LYS B 468 -39.82 8.54 8.29
CA LYS B 468 -40.67 8.07 9.41
C LYS B 468 -40.64 9.11 10.53
N LEU B 469 -39.45 9.51 10.99
CA LEU B 469 -39.34 10.42 12.16
C LEU B 469 -39.97 11.78 11.88
N VAL B 470 -39.70 12.38 10.73
CA VAL B 470 -40.22 13.74 10.42
C VAL B 470 -41.74 13.68 10.28
N ALA B 471 -42.28 12.58 9.74
CA ALA B 471 -43.74 12.44 9.50
C ALA B 471 -44.51 12.51 10.83
N THR B 472 -43.95 11.94 11.90
CA THR B 472 -44.62 11.97 13.23
C THR B 472 -44.79 13.42 13.69
N MET B 473 -43.80 14.29 13.45
CA MET B 473 -43.89 15.67 13.98
C MET B 473 -45.15 16.33 13.41
N PRO B 474 -45.95 17.03 14.22
CA PRO B 474 -47.21 17.62 13.77
C PRO B 474 -47.05 18.70 12.69
N LEU B 475 -46.03 19.56 12.82
CA LEU B 475 -45.82 20.66 11.85
C LEU B 475 -45.57 20.09 10.46
N PHE B 476 -44.78 19.01 10.36
CA PHE B 476 -44.41 18.46 9.03
C PHE B 476 -45.46 17.44 8.54
N ALA B 477 -46.39 17.05 9.39
CA ALA B 477 -47.40 16.03 9.01
C ALA B 477 -48.32 16.54 7.88
N ASN B 478 -48.74 17.79 7.93
CA ASN B 478 -49.72 18.31 6.92
C ASN B 478 -49.01 19.00 5.76
N ALA B 479 -47.68 19.06 5.78
CA ALA B 479 -46.92 19.79 4.74
C ALA B 479 -46.93 19.07 3.39
N ASP B 480 -46.75 19.83 2.29
CA ASP B 480 -46.71 19.25 0.92
C ASP B 480 -45.48 18.33 0.81
N PRO B 481 -45.58 17.12 0.20
CA PRO B 481 -44.43 16.20 0.18
C PRO B 481 -43.17 16.86 -0.39
N ASN B 482 -43.35 17.84 -1.28
CA ASN B 482 -42.18 18.57 -1.84
C ASN B 482 -41.46 19.28 -0.69
N PHE B 483 -42.20 19.99 0.16
CA PHE B 483 -41.59 20.73 1.30
C PHE B 483 -40.93 19.75 2.27
N VAL B 484 -41.60 18.64 2.56
CA VAL B 484 -41.05 17.69 3.57
C VAL B 484 -39.72 17.16 3.01
N THR B 485 -39.67 16.88 1.71
CA THR B 485 -38.43 16.32 1.11
C THR B 485 -37.31 17.36 1.22
N ALA B 486 -37.62 18.64 1.06
CA ALA B 486 -36.59 19.68 1.23
C ALA B 486 -36.09 19.70 2.68
N MET B 487 -37.00 19.61 3.66
CA MET B 487 -36.60 19.62 5.10
C MET B 487 -35.78 18.37 5.38
N LEU B 488 -36.18 17.22 4.84
CA LEU B 488 -35.48 15.95 5.16
C LEU B 488 -34.02 16.06 4.74
N SER B 489 -33.73 16.75 3.63
CA SER B 489 -32.32 16.91 3.21
C SER B 489 -31.55 17.71 4.26
N LYS B 490 -32.18 18.72 4.86
CA LYS B 490 -31.50 19.59 5.86
C LYS B 490 -31.10 18.79 7.12
N LEU B 491 -31.93 17.85 7.57
CA LEU B 491 -31.65 17.08 8.82
C LEU B 491 -30.20 16.58 8.82
N ARG B 492 -29.47 16.78 9.91
CA ARG B 492 -28.07 16.30 10.05
C ARG B 492 -28.03 15.23 11.14
N PHE B 493 -27.24 14.19 10.96
CA PHE B 493 -27.18 13.08 11.89
C PHE B 493 -26.19 13.38 13.00
N GLU B 494 -26.62 13.21 14.26
CA GLU B 494 -25.74 13.53 15.43
C GLU B 494 -25.91 12.46 16.50
N VAL B 495 -24.80 11.94 17.03
CA VAL B 495 -24.86 10.91 18.12
C VAL B 495 -24.43 11.57 19.42
N PHE B 496 -25.26 11.54 20.47
CA PHE B 496 -24.90 12.12 21.78
C PHE B 496 -24.66 10.98 22.77
N GLN B 497 -23.51 10.97 23.44
CA GLN B 497 -23.12 9.86 24.35
C GLN B 497 -23.90 9.96 25.66
N PRO B 498 -23.95 8.90 26.50
CA PRO B 498 -24.71 8.93 27.73
C PRO B 498 -24.24 10.03 28.69
N GLY B 499 -25.17 10.80 29.25
CA GLY B 499 -24.83 11.91 30.17
C GLY B 499 -24.64 13.23 29.45
N ASP B 500 -24.55 13.23 28.12
CA ASP B 500 -24.28 14.49 27.38
C ASP B 500 -25.53 15.37 27.45
N TYR B 501 -25.38 16.68 27.46
CA TYR B 501 -26.57 17.54 27.44
C TYR B 501 -26.83 17.98 26.00
N ILE B 502 -27.84 17.39 25.37
CA ILE B 502 -28.18 17.73 23.96
C ILE B 502 -28.59 19.20 23.92
N ILE B 503 -29.50 19.60 24.80
CA ILE B 503 -29.94 21.01 24.89
C ILE B 503 -29.78 21.44 26.34
N ARG B 504 -29.30 22.66 26.59
CA ARG B 504 -29.10 23.16 27.99
C ARG B 504 -30.10 24.28 28.26
N GLU B 505 -30.76 24.26 29.43
CA GLU B 505 -31.81 25.26 29.73
C GLU B 505 -31.20 26.67 29.76
N GLY B 506 -31.88 27.64 29.16
CA GLY B 506 -31.42 29.04 29.20
C GLY B 506 -30.48 29.38 28.06
N ALA B 507 -30.05 28.38 27.28
CA ALA B 507 -29.21 28.66 26.09
C ALA B 507 -30.09 29.09 24.92
N VAL B 508 -29.55 29.91 24.02
CA VAL B 508 -30.33 30.31 22.81
C VAL B 508 -30.58 29.06 21.97
N GLY B 509 -31.78 28.91 21.40
CA GLY B 509 -32.10 27.67 20.67
C GLY B 509 -31.86 27.84 19.18
N LYS B 510 -30.84 27.17 18.64
CA LYS B 510 -30.52 27.33 17.20
C LYS B 510 -30.84 26.05 16.42
N LYS B 511 -31.37 25.01 17.07
CA LYS B 511 -31.59 23.72 16.36
C LYS B 511 -32.53 22.80 17.12
N MET B 512 -33.47 22.16 16.43
CA MET B 512 -34.36 21.18 17.02
C MET B 512 -33.88 19.78 16.66
N TYR B 513 -34.30 18.81 17.46
CA TYR B 513 -33.78 17.46 17.37
C TYR B 513 -34.93 16.46 17.19
N PHE B 514 -34.78 15.57 16.22
CA PHE B 514 -35.67 14.44 16.04
C PHE B 514 -34.96 13.21 16.57
N ILE B 515 -35.54 12.41 17.49
CA ILE B 515 -34.77 11.25 18.07
C ILE B 515 -34.94 9.95 17.26
N GLN B 516 -33.94 9.52 16.49
CA GLN B 516 -34.00 8.22 15.78
C GLN B 516 -33.89 7.04 16.73
N HIS B 517 -32.97 7.07 17.70
CA HIS B 517 -32.73 5.94 18.63
C HIS B 517 -32.25 6.48 19.97
N GLY B 518 -32.24 5.66 21.01
CA GLY B 518 -31.71 6.08 22.32
C GLY B 518 -32.78 6.62 23.23
N VAL B 519 -32.53 6.63 24.54
CA VAL B 519 -33.51 7.17 25.52
C VAL B 519 -32.95 8.48 26.08
N ALA B 520 -33.55 9.61 25.71
CA ALA B 520 -33.15 10.89 26.28
C ALA B 520 -33.97 11.17 27.52
N GLY B 521 -33.84 12.37 28.08
CA GLY B 521 -34.65 12.77 29.21
C GLY B 521 -34.76 14.26 29.38
N VAL B 522 -35.97 14.78 29.48
CA VAL B 522 -36.20 16.21 29.56
C VAL B 522 -36.26 16.61 31.03
N ILE B 523 -35.17 17.19 31.53
CA ILE B 523 -35.10 17.71 32.89
C ILE B 523 -35.49 19.18 32.86
N THR B 524 -36.51 19.53 33.64
CA THR B 524 -37.01 20.89 33.72
C THR B 524 -37.16 21.28 35.19
N LYS B 525 -37.75 22.46 35.40
CA LYS B 525 -37.98 22.93 36.77
C LYS B 525 -39.38 22.61 37.27
N SER B 526 -40.37 22.63 36.37
CA SER B 526 -41.76 22.40 36.79
C SER B 526 -42.06 20.91 36.95
N SER B 527 -41.96 20.16 35.86
CA SER B 527 -42.29 18.73 35.91
C SER B 527 -41.10 17.86 36.27
N LYS B 528 -39.94 18.15 35.66
CA LYS B 528 -38.63 17.55 35.94
C LYS B 528 -38.56 16.04 35.69
N GLU B 529 -39.48 15.46 34.93
CA GLU B 529 -39.44 14.04 34.63
C GLU B 529 -40.17 13.79 33.33
N MET B 530 -39.44 13.63 32.23
CA MET B 530 -40.03 13.26 30.95
C MET B 530 -38.95 12.55 30.14
N LYS B 531 -39.01 11.22 30.02
CA LYS B 531 -37.95 10.47 29.29
C LYS B 531 -38.42 10.14 27.86
N LEU B 532 -38.00 10.92 26.86
CA LEU B 532 -38.37 10.68 25.44
C LEU B 532 -37.57 9.49 24.90
N THR B 533 -38.17 8.68 24.02
CA THR B 533 -37.50 7.46 23.48
C THR B 533 -37.45 7.49 21.95
N ASP B 534 -37.26 6.36 21.29
CA ASP B 534 -37.11 6.33 19.81
C ASP B 534 -38.32 6.96 19.13
N GLY B 535 -38.11 7.83 18.15
CA GLY B 535 -39.21 8.44 17.37
C GLY B 535 -39.68 9.76 17.92
N SER B 536 -39.29 10.11 19.14
CA SER B 536 -39.75 11.37 19.78
C SER B 536 -39.04 12.59 19.21
N TYR B 537 -39.63 13.77 19.31
CA TYR B 537 -39.02 15.03 18.81
C TYR B 537 -38.89 16.03 19.97
N PHE B 538 -37.77 16.73 20.08
CA PHE B 538 -37.58 17.74 21.15
C PHE B 538 -36.92 19.00 20.60
N GLY B 539 -37.09 20.13 21.27
CA GLY B 539 -36.54 21.41 20.76
C GLY B 539 -37.43 22.04 19.73
N GLU B 540 -38.67 21.56 19.58
CA GLU B 540 -39.57 22.05 18.49
C GLU B 540 -39.86 23.56 18.63
N ILE B 541 -40.09 24.07 19.83
CA ILE B 541 -40.48 25.49 20.02
C ILE B 541 -39.43 26.41 19.37
N CYS B 542 -38.17 25.98 19.35
CA CYS B 542 -37.09 26.79 18.76
C CYS B 542 -37.16 26.75 17.24
N LEU B 543 -38.26 27.21 16.67
CA LEU B 543 -38.36 27.26 15.21
C LEU B 543 -38.84 28.60 14.69
N LEU B 544 -39.71 29.28 15.42
CA LEU B 544 -40.18 30.60 15.03
C LEU B 544 -40.15 31.62 16.17
N THR B 545 -39.69 31.22 17.37
CA THR B 545 -39.67 32.15 18.49
C THR B 545 -38.38 32.95 18.54
N LYS B 546 -37.24 32.31 18.22
CA LYS B 546 -35.89 32.89 18.27
C LYS B 546 -35.57 33.47 19.65
N GLY B 547 -35.84 32.66 20.69
CA GLY B 547 -35.58 33.08 22.07
C GLY B 547 -34.65 32.12 22.81
N ARG B 548 -35.06 31.60 23.97
CA ARG B 548 -34.17 30.73 24.78
C ARG B 548 -34.89 29.44 25.20
N ARG B 549 -34.17 28.32 25.31
CA ARG B 549 -34.79 27.01 25.62
C ARG B 549 -35.22 26.96 27.09
N THR B 550 -36.41 26.42 27.35
CA THR B 550 -36.95 26.35 28.74
C THR B 550 -36.61 25.03 29.42
N ALA B 551 -36.12 24.03 28.67
CA ALA B 551 -35.87 22.71 29.28
C ALA B 551 -34.51 22.17 28.84
N SER B 552 -33.89 21.34 29.67
CA SER B 552 -32.56 20.78 29.33
C SER B 552 -32.72 19.29 29.08
N VAL B 553 -32.30 18.83 27.90
CA VAL B 553 -32.48 17.39 27.55
C VAL B 553 -31.12 16.72 27.67
N ARG B 554 -31.03 15.66 28.46
CA ARG B 554 -29.75 14.95 28.67
C ARG B 554 -29.87 13.55 28.09
N ALA B 555 -28.94 13.15 27.23
CA ALA B 555 -28.97 11.76 26.71
C ALA B 555 -28.79 10.81 27.88
N ASP B 556 -29.59 9.76 27.95
CA ASP B 556 -29.47 8.78 29.01
C ASP B 556 -29.03 7.48 28.37
N THR B 557 -28.62 7.50 27.13
CA THR B 557 -28.06 6.31 26.55
C THR B 557 -27.46 6.93 25.37
N TYR B 558 -26.73 6.20 24.55
CA TYR B 558 -26.27 6.84 23.36
C TYR B 558 -27.58 7.31 22.77
N CYS B 559 -27.57 8.27 21.87
CA CYS B 559 -28.81 8.80 21.37
C CYS B 559 -28.57 9.28 20.01
N ARG B 560 -29.09 8.61 19.02
CA ARG B 560 -28.77 9.01 17.65
C ARG B 560 -29.91 9.93 17.25
N LEU B 561 -29.64 11.18 16.95
CA LEU B 561 -30.74 12.15 16.70
C LEU B 561 -30.52 12.83 15.35
N TYR B 562 -31.55 13.45 14.80
CA TYR B 562 -31.40 14.19 13.52
C TYR B 562 -31.69 15.65 13.85
N SER B 563 -30.74 16.55 13.60
CA SER B 563 -30.90 17.96 14.03
C SER B 563 -31.23 18.85 12.84
N LEU B 564 -32.30 19.63 12.97
CA LEU B 564 -32.64 20.60 11.89
C LEU B 564 -32.34 22.00 12.40
N SER B 565 -31.41 22.71 11.91
CA SER B 565 -31.05 24.03 12.44
C SER B 565 -32.09 25.07 12.02
N VAL B 566 -32.38 26.00 12.84
CA VAL B 566 -33.44 27.03 12.60
C VAL B 566 -33.11 27.75 11.30
N ASP B 567 -31.84 28.00 11.03
CA ASP B 567 -31.44 28.68 9.77
C ASP B 567 -31.82 27.80 8.57
N ASN B 568 -31.56 26.50 8.63
CA ASN B 568 -31.88 25.57 7.52
C ASN B 568 -33.41 25.47 7.35
N PHE B 569 -34.15 25.47 8.45
CA PHE B 569 -35.63 25.44 8.37
C PHE B 569 -36.08 26.69 7.62
N ASN B 570 -35.49 27.83 7.94
CA ASN B 570 -35.88 29.10 7.28
C ASN B 570 -35.55 29.02 5.78
N GLU B 571 -34.40 28.46 5.41
CA GLU B 571 -34.02 28.44 3.97
C GLU B 571 -35.01 27.61 3.15
N VAL B 572 -35.39 26.43 3.65
CA VAL B 572 -36.41 25.58 2.95
C VAL B 572 -37.75 26.31 2.99
N LEU B 573 -38.04 27.01 4.10
CA LEU B 573 -39.30 27.72 4.23
C LEU B 573 -39.34 28.90 3.28
N GLU B 574 -38.19 29.49 2.99
CA GLU B 574 -38.12 30.62 2.03
C GLU B 574 -38.52 30.12 0.64
N GLU B 575 -38.07 28.92 0.26
CA GLU B 575 -38.37 28.39 -1.09
C GLU B 575 -39.86 28.09 -1.22
N TYR B 576 -40.50 27.58 -0.15
CA TYR B 576 -41.97 27.35 -0.18
C TYR B 576 -42.67 28.41 0.66
N PRO B 577 -43.17 29.51 0.07
CA PRO B 577 -43.75 30.61 0.86
C PRO B 577 -45.02 30.30 1.66
N MET B 578 -45.96 29.53 1.08
CA MET B 578 -47.25 29.27 1.76
C MET B 578 -47.01 28.53 3.09
N MET B 579 -46.38 27.37 3.03
CA MET B 579 -46.13 26.57 4.22
C MET B 579 -45.50 27.40 5.34
N GLN C 97 -36.20 -20.33 30.86
CA GLN C 97 -35.01 -19.62 30.34
C GLN C 97 -34.77 -20.02 28.88
N PHE C 98 -35.47 -21.05 28.40
CA PHE C 98 -35.22 -21.54 27.02
C PHE C 98 -35.56 -20.42 26.03
N THR C 99 -36.68 -19.73 26.23
CA THR C 99 -37.01 -18.59 25.36
C THR C 99 -35.93 -17.50 25.48
N SER C 100 -35.45 -17.24 26.70
CA SER C 100 -34.46 -16.15 26.90
C SER C 100 -33.16 -16.45 26.15
N MET C 101 -32.68 -17.69 26.21
CA MET C 101 -31.41 -18.06 25.54
C MET C 101 -31.58 -17.92 24.03
N LEU C 102 -32.72 -18.35 23.50
CA LEU C 102 -32.90 -18.32 22.02
C LEU C 102 -33.10 -16.88 21.56
N GLN C 103 -33.31 -15.94 22.49
CA GLN C 103 -33.60 -14.53 22.09
C GLN C 103 -32.39 -13.60 22.28
N PRO C 104 -32.09 -12.65 21.36
CA PRO C 104 -30.91 -11.78 21.46
C PRO C 104 -30.95 -10.87 22.67
N GLY C 105 -30.18 -11.22 23.69
CA GLY C 105 -30.21 -10.46 24.93
C GLY C 105 -29.56 -9.11 24.80
N VAL C 106 -29.96 -8.19 25.68
CA VAL C 106 -29.44 -6.80 25.62
C VAL C 106 -27.97 -6.82 26.01
N ASN C 107 -27.08 -6.69 25.04
CA ASN C 107 -25.62 -6.77 25.29
C ASN C 107 -24.98 -5.59 24.55
N LYS C 108 -23.68 -5.38 24.74
CA LYS C 108 -22.99 -4.29 23.99
C LYS C 108 -23.12 -4.55 22.49
N PHE C 109 -22.99 -5.79 22.02
CA PHE C 109 -23.20 -6.03 20.58
C PHE C 109 -24.64 -5.76 20.17
N SER C 110 -25.63 -6.26 20.91
CA SER C 110 -27.02 -6.09 20.51
C SER C 110 -27.37 -4.60 20.45
N LEU C 111 -27.01 -3.86 21.48
CA LEU C 111 -27.31 -2.41 21.56
C LEU C 111 -26.47 -1.63 20.54
N ARG C 112 -25.54 -2.20 19.87
CA ARG C 112 -24.73 -1.50 18.88
C ARG C 112 -25.11 -1.98 17.52
N MET C 113 -25.72 -3.17 17.45
CA MET C 113 -26.25 -3.64 16.15
C MET C 113 -27.67 -3.09 15.95
N PHE C 114 -28.61 -3.53 16.78
CA PHE C 114 -29.94 -2.99 16.75
C PHE C 114 -29.70 -1.76 17.55
N GLY C 115 -30.40 -0.68 17.27
CA GLY C 115 -30.07 0.55 17.96
C GLY C 115 -29.99 0.62 19.46
N SER C 116 -31.07 0.25 20.15
CA SER C 116 -31.08 0.34 21.59
C SER C 116 -32.08 -0.61 22.16
N GLN C 117 -32.27 -0.58 23.46
CA GLN C 117 -33.14 -1.55 24.08
C GLN C 117 -34.45 -1.66 23.32
N LYS C 118 -35.20 -0.58 23.19
CA LYS C 118 -36.54 -0.68 22.54
C LYS C 118 -36.42 -1.35 21.18
N ALA C 119 -35.28 -1.22 20.50
CA ALA C 119 -35.05 -1.97 19.23
C ALA C 119 -34.72 -3.43 19.49
N VAL C 120 -33.88 -3.72 20.49
CA VAL C 120 -33.52 -5.12 20.84
C VAL C 120 -34.79 -5.82 21.31
N GLU C 121 -35.59 -5.16 22.15
CA GLU C 121 -36.84 -5.78 22.68
C GLU C 121 -37.82 -5.99 21.54
N LYS C 122 -37.77 -5.16 20.50
CA LYS C 122 -38.62 -5.38 19.31
C LYS C 122 -38.17 -6.66 18.57
N GLU C 123 -36.86 -6.87 18.41
CA GLU C 123 -36.32 -8.09 17.76
C GLU C 123 -36.61 -9.33 18.61
N GLN C 124 -36.49 -9.19 19.93
CA GLN C 124 -36.74 -10.34 20.82
C GLN C 124 -38.19 -10.76 20.60
N GLU C 125 -39.09 -9.79 20.46
CA GLU C 125 -40.51 -10.11 20.17
C GLU C 125 -40.67 -10.74 18.78
N ARG C 126 -39.89 -10.32 17.79
CA ARG C 126 -39.99 -10.90 16.42
C ARG C 126 -39.64 -12.38 16.49
N VAL C 127 -38.65 -12.76 17.30
CA VAL C 127 -38.31 -14.20 17.47
C VAL C 127 -39.50 -14.91 18.12
N LYS C 128 -40.17 -14.28 19.09
CA LYS C 128 -41.28 -14.96 19.82
C LYS C 128 -42.46 -15.25 18.88
N THR C 129 -42.42 -14.78 17.63
CA THR C 129 -43.50 -15.15 16.68
C THR C 129 -43.47 -16.66 16.39
N ALA C 130 -42.28 -17.25 16.20
CA ALA C 130 -42.19 -18.73 16.04
C ALA C 130 -41.90 -19.36 17.40
N GLY C 131 -42.34 -20.60 17.65
CA GLY C 131 -42.22 -21.13 19.04
C GLY C 131 -41.25 -22.26 19.29
N PHE C 132 -40.20 -22.03 20.10
CA PHE C 132 -39.25 -23.08 20.53
C PHE C 132 -38.40 -23.54 19.35
N TRP C 133 -38.65 -22.97 18.18
CA TRP C 133 -37.95 -23.45 16.97
C TRP C 133 -37.30 -22.29 16.25
N ILE C 134 -36.97 -21.22 16.88
CA ILE C 134 -36.25 -20.19 16.17
C ILE C 134 -35.17 -19.69 17.09
N ILE C 135 -33.96 -19.74 16.64
CA ILE C 135 -32.79 -19.27 17.44
C ILE C 135 -32.22 -18.07 16.67
N HIS C 136 -31.93 -16.98 17.36
CA HIS C 136 -31.48 -15.79 16.60
C HIS C 136 -30.00 -15.99 16.30
N PRO C 137 -29.46 -15.52 15.16
CA PRO C 137 -28.07 -15.73 14.86
C PRO C 137 -27.19 -15.11 15.96
N TYR C 138 -27.64 -14.03 16.58
CA TYR C 138 -26.87 -13.40 17.65
C TYR C 138 -27.23 -13.95 19.02
N SER C 139 -28.12 -14.94 19.07
CA SER C 139 -28.52 -15.52 20.34
C SER C 139 -27.33 -16.10 21.09
N ASP C 140 -27.39 -16.08 22.41
CA ASP C 140 -26.28 -16.60 23.21
C ASP C 140 -26.23 -18.13 23.12
N PHE C 141 -27.32 -18.74 22.70
CA PHE C 141 -27.32 -20.19 22.55
C PHE C 141 -26.53 -20.37 21.30
N ARG C 142 -26.84 -19.63 20.24
CA ARG C 142 -25.96 -19.75 19.06
C ARG C 142 -24.54 -19.45 19.48
N PHE C 143 -24.32 -18.50 20.38
CA PHE C 143 -22.93 -18.29 20.83
C PHE C 143 -22.39 -19.51 21.55
N TYR C 144 -23.16 -20.09 22.48
CA TYR C 144 -22.66 -21.24 23.27
C TYR C 144 -22.58 -22.50 22.42
N TRP C 145 -23.56 -22.77 21.55
CA TRP C 145 -23.44 -23.94 20.66
C TRP C 145 -22.24 -23.78 19.75
N ASP C 146 -22.04 -22.59 19.19
CA ASP C 146 -20.90 -22.35 18.28
C ASP C 146 -19.56 -22.49 19.03
N LEU C 147 -19.46 -22.10 20.30
CA LEU C 147 -18.21 -22.31 21.07
C LEU C 147 -18.02 -23.79 21.38
N ILE C 148 -19.09 -24.54 21.59
CA ILE C 148 -18.98 -26.02 21.77
C ILE C 148 -18.56 -26.63 20.44
N MET C 149 -19.19 -26.24 19.34
CA MET C 149 -18.87 -26.86 18.04
C MET C 149 -17.43 -26.56 17.68
N LEU C 150 -16.98 -25.31 17.81
CA LEU C 150 -15.61 -24.95 17.37
C LEU C 150 -14.57 -25.76 18.14
N ILE C 151 -14.70 -25.93 19.45
CA ILE C 151 -13.73 -26.81 20.18
C ILE C 151 -13.83 -28.22 19.60
N MET C 152 -15.06 -28.73 19.46
CA MET C 152 -15.24 -30.09 18.92
C MET C 152 -14.71 -30.12 17.50
N MET C 153 -14.93 -29.24 16.62
CA MET C 153 -14.48 -29.31 15.23
C MET C 153 -13.01 -29.09 15.08
N VAL C 154 -12.32 -28.41 16.03
CA VAL C 154 -10.82 -28.42 15.94
C VAL C 154 -10.34 -29.78 16.42
N GLY C 155 -10.92 -30.30 17.49
CA GLY C 155 -10.44 -31.59 17.98
C GLY C 155 -10.64 -32.68 16.94
N ASN C 156 -11.81 -32.72 16.30
CA ASN C 156 -12.13 -33.76 15.29
C ASN C 156 -11.22 -33.61 14.08
N LEU C 157 -10.93 -32.37 13.67
CA LEU C 157 -10.13 -32.16 12.45
C LEU C 157 -8.65 -32.42 12.75
N VAL C 158 -8.28 -32.51 14.03
CA VAL C 158 -6.87 -32.88 14.37
C VAL C 158 -6.74 -34.38 14.74
N ILE C 159 -7.67 -34.94 15.50
CA ILE C 159 -7.69 -36.37 15.92
C ILE C 159 -8.14 -37.30 14.79
N ILE C 160 -9.12 -36.88 13.96
CA ILE C 160 -9.69 -37.76 12.91
C ILE C 160 -8.77 -38.09 11.75
N PRO C 161 -8.00 -37.18 11.25
CA PRO C 161 -7.05 -37.55 10.21
C PRO C 161 -5.99 -38.52 10.75
N VAL C 162 -5.45 -38.31 11.95
CA VAL C 162 -4.42 -39.20 12.57
C VAL C 162 -5.03 -40.56 12.84
N GLY C 163 -6.26 -40.62 13.29
CA GLY C 163 -6.86 -41.91 13.64
C GLY C 163 -7.02 -42.82 12.44
N ILE C 164 -7.48 -42.30 11.32
CA ILE C 164 -7.61 -43.10 10.07
C ILE C 164 -6.23 -43.47 9.53
N THR C 165 -5.32 -42.50 9.40
CA THR C 165 -4.02 -42.75 8.74
C THR C 165 -3.03 -43.56 9.55
N PHE C 166 -2.81 -43.26 10.83
CA PHE C 166 -1.71 -43.91 11.60
C PHE C 166 -2.18 -45.01 12.54
N PHE C 167 -3.47 -45.31 12.61
CA PHE C 167 -3.95 -46.43 13.46
C PHE C 167 -4.71 -47.44 12.60
N THR C 168 -4.30 -48.71 12.63
CA THR C 168 -4.93 -49.75 11.78
C THR C 168 -6.39 -50.01 12.14
N GLU C 169 -6.74 -50.04 13.42
CA GLU C 169 -8.13 -50.40 13.81
C GLU C 169 -8.91 -49.15 14.22
N GLN C 170 -9.95 -48.81 13.44
CA GLN C 170 -10.82 -47.67 13.80
C GLN C 170 -12.21 -48.22 14.15
N THR C 171 -12.33 -49.54 14.32
CA THR C 171 -13.60 -50.17 14.72
C THR C 171 -13.50 -50.55 16.20
N THR C 172 -12.43 -50.14 16.87
CA THR C 172 -12.24 -50.46 18.31
C THR C 172 -13.28 -49.68 19.13
N THR C 173 -13.58 -50.13 20.34
CA THR C 173 -14.66 -49.47 21.13
C THR C 173 -14.33 -48.00 21.42
N PRO C 174 -13.11 -47.58 21.83
CA PRO C 174 -12.87 -46.17 22.06
C PRO C 174 -13.05 -45.27 20.83
N TRP C 175 -12.68 -45.74 19.65
CA TRP C 175 -12.79 -44.92 18.43
C TRP C 175 -14.24 -44.90 17.95
N ILE C 176 -15.04 -45.92 18.27
CA ILE C 176 -16.48 -45.90 17.90
C ILE C 176 -17.24 -44.96 18.83
N ILE C 177 -16.91 -44.96 20.12
CA ILE C 177 -17.56 -43.98 21.04
C ILE C 177 -17.19 -42.56 20.61
N PHE C 178 -15.92 -42.30 20.27
CA PHE C 178 -15.49 -40.95 19.87
C PHE C 178 -16.17 -40.55 18.57
N ASN C 179 -16.22 -41.36 17.58
CA ASN C 179 -16.82 -41.01 16.28
C ASN C 179 -18.34 -40.96 16.30
N VAL C 180 -18.99 -41.79 17.15
CA VAL C 180 -20.47 -41.67 17.33
C VAL C 180 -20.81 -40.41 18.14
N ALA C 181 -20.08 -40.13 19.22
CA ALA C 181 -20.41 -38.96 20.06
C ALA C 181 -20.21 -37.68 19.26
N SER C 182 -19.11 -37.58 18.52
CA SER C 182 -18.87 -36.37 17.70
C SER C 182 -19.92 -36.27 16.60
N ASP C 183 -20.27 -37.37 15.96
CA ASP C 183 -21.29 -37.37 14.88
C ASP C 183 -22.65 -36.95 15.45
N THR C 184 -22.99 -37.37 16.68
CA THR C 184 -24.26 -36.92 17.30
C THR C 184 -24.25 -35.41 17.51
N VAL C 185 -23.16 -34.84 18.03
CA VAL C 185 -23.10 -33.37 18.30
C VAL C 185 -23.22 -32.66 16.97
N PHE C 186 -22.53 -33.16 15.94
CA PHE C 186 -22.57 -32.55 14.59
C PHE C 186 -23.94 -32.70 13.94
N LEU C 187 -24.60 -33.84 14.13
CA LEU C 187 -25.97 -34.03 13.58
C LEU C 187 -26.96 -33.10 14.29
N LEU C 188 -26.85 -32.93 15.60
CA LEU C 188 -27.72 -31.95 16.29
C LEU C 188 -27.50 -30.60 15.63
N ASP C 189 -26.26 -30.24 15.37
CA ASP C 189 -25.96 -28.90 14.80
C ASP C 189 -26.68 -28.74 13.46
N LEU C 190 -26.75 -29.79 12.66
CA LEU C 190 -27.49 -29.72 11.38
C LEU C 190 -28.97 -29.44 11.65
N ILE C 191 -29.57 -30.09 12.65
CA ILE C 191 -31.00 -29.85 13.01
C ILE C 191 -31.16 -28.40 13.48
N MET C 192 -30.25 -27.93 14.33
CA MET C 192 -30.33 -26.54 14.86
C MET C 192 -30.15 -25.54 13.72
N ASN C 193 -29.27 -25.80 12.76
CA ASN C 193 -29.03 -24.83 11.66
C ASN C 193 -30.31 -24.65 10.87
N PHE C 194 -31.15 -25.69 10.77
CA PHE C 194 -32.46 -25.59 10.09
C PHE C 194 -33.39 -24.62 10.85
N ARG C 195 -33.16 -24.41 12.13
CA ARG C 195 -34.05 -23.54 12.94
C ARG C 195 -33.28 -22.34 13.50
N THR C 196 -32.21 -21.88 12.84
CA THR C 196 -31.50 -20.65 13.31
C THR C 196 -31.58 -19.57 12.23
N GLY C 197 -32.00 -18.37 12.58
CA GLY C 197 -32.12 -17.28 11.61
C GLY C 197 -30.78 -16.93 11.02
N THR C 198 -30.74 -16.56 9.76
CA THR C 198 -29.45 -16.29 9.10
C THR C 198 -29.28 -14.78 8.89
N VAL C 199 -28.20 -14.19 9.40
CA VAL C 199 -27.93 -12.75 9.14
C VAL C 199 -27.94 -12.55 7.63
N ASN C 200 -28.51 -11.46 7.15
CA ASN C 200 -28.60 -11.23 5.71
C ASN C 200 -28.07 -9.85 5.33
N GLU C 201 -27.18 -9.81 4.34
CA GLU C 201 -26.63 -8.54 3.89
C GLU C 201 -27.75 -7.67 3.30
N ASP C 202 -27.82 -6.42 3.74
CA ASP C 202 -28.88 -5.54 3.26
C ASP C 202 -30.21 -5.95 3.89
N SER C 203 -30.20 -6.67 4.98
CA SER C 203 -31.52 -6.94 5.58
C SER C 203 -31.55 -7.29 7.04
N SER C 204 -32.65 -7.94 7.42
CA SER C 204 -32.79 -8.37 8.79
C SER C 204 -32.23 -9.78 8.90
N GLU C 205 -32.47 -10.44 10.02
CA GLU C 205 -32.06 -11.82 10.15
C GLU C 205 -33.20 -12.72 9.73
N ILE C 206 -33.07 -13.38 8.58
CA ILE C 206 -34.13 -14.26 8.10
C ILE C 206 -34.59 -15.07 9.29
N ILE C 207 -35.88 -15.03 9.60
CA ILE C 207 -36.34 -15.70 10.81
C ILE C 207 -37.51 -16.67 10.63
N LEU C 208 -38.21 -16.62 9.51
CA LEU C 208 -39.41 -17.50 9.38
C LEU C 208 -38.95 -18.96 9.32
N ASP C 209 -39.34 -19.78 10.30
CA ASP C 209 -38.80 -21.16 10.37
C ASP C 209 -39.17 -22.02 9.16
N PRO C 210 -40.42 -22.05 8.65
CA PRO C 210 -40.78 -22.98 7.59
C PRO C 210 -40.02 -22.84 6.25
N LYS C 211 -39.86 -21.62 5.75
CA LYS C 211 -39.23 -21.54 4.41
C LYS C 211 -38.06 -20.56 4.39
N VAL C 212 -38.10 -19.53 5.22
CA VAL C 212 -37.01 -18.53 5.11
C VAL C 212 -35.68 -19.20 5.49
N ILE C 213 -35.68 -20.04 6.53
CA ILE C 213 -34.42 -20.66 7.02
C ILE C 213 -34.27 -22.08 6.45
N LYS C 214 -35.30 -22.91 6.51
CA LYS C 214 -35.17 -24.33 6.09
C LYS C 214 -34.83 -24.42 4.60
N MET C 215 -35.46 -23.60 3.76
CA MET C 215 -35.24 -23.74 2.31
C MET C 215 -33.99 -22.96 1.88
N ASN C 216 -33.40 -22.15 2.76
CA ASN C 216 -32.11 -21.51 2.40
C ASN C 216 -30.95 -22.45 2.74
N TYR C 217 -31.03 -23.18 3.86
CA TYR C 217 -29.98 -24.17 4.22
C TYR C 217 -29.95 -25.28 3.17
N LEU C 218 -31.12 -25.80 2.77
CA LEU C 218 -31.17 -26.94 1.82
C LEU C 218 -30.53 -26.51 0.50
N LYS C 219 -30.75 -25.27 0.09
CA LYS C 219 -30.23 -24.79 -1.21
C LYS C 219 -28.79 -24.31 -1.05
N SER C 220 -28.25 -24.31 0.17
CA SER C 220 -26.89 -23.75 0.38
C SER C 220 -25.91 -24.82 0.85
N TRP C 221 -25.79 -25.02 2.17
CA TRP C 221 -24.76 -25.94 2.71
C TRP C 221 -25.32 -27.23 3.28
N PHE C 222 -26.57 -27.61 3.00
CA PHE C 222 -27.08 -28.83 3.65
C PHE C 222 -26.27 -30.01 3.18
N VAL C 223 -25.98 -30.21 1.96
CA VAL C 223 -25.28 -31.41 1.57
C VAL C 223 -23.94 -31.51 2.27
N VAL C 224 -23.07 -30.46 2.12
CA VAL C 224 -21.71 -30.62 2.70
C VAL C 224 -21.87 -30.98 4.17
N ASP C 225 -22.81 -30.33 4.85
CA ASP C 225 -23.08 -30.59 6.29
C ASP C 225 -23.66 -31.98 6.52
N PHE C 226 -24.55 -32.47 5.65
CA PHE C 226 -25.08 -33.84 5.81
C PHE C 226 -23.96 -34.85 5.66
N ILE C 227 -23.11 -34.71 4.64
CA ILE C 227 -22.06 -35.74 4.38
C ILE C 227 -21.10 -35.78 5.58
N SER C 228 -20.71 -34.61 6.08
CA SER C 228 -19.81 -34.55 7.27
C SER C 228 -20.46 -35.13 8.53
N SER C 229 -21.71 -34.79 8.81
CA SER C 229 -22.39 -35.24 10.05
C SER C 229 -22.64 -36.74 10.07
N ILE C 230 -23.10 -37.31 8.96
CA ILE C 230 -23.50 -38.76 8.96
C ILE C 230 -22.25 -39.65 9.08
N PRO C 231 -22.27 -40.82 9.76
CA PRO C 231 -21.10 -41.71 9.77
C PRO C 231 -21.15 -42.62 8.53
N VAL C 232 -20.80 -42.09 7.38
CA VAL C 232 -20.86 -42.86 6.15
C VAL C 232 -20.05 -44.13 6.30
N ASP C 233 -18.91 -44.03 6.97
CA ASP C 233 -18.02 -45.20 7.07
C ASP C 233 -18.75 -46.34 7.78
N TYR C 234 -19.43 -46.05 8.88
CA TYR C 234 -20.16 -47.08 9.65
C TYR C 234 -21.36 -47.61 8.87
N ILE C 235 -22.04 -46.74 8.11
CA ILE C 235 -23.20 -47.19 7.29
C ILE C 235 -22.70 -48.19 6.24
N PHE C 236 -21.57 -47.92 5.59
CA PHE C 236 -20.99 -48.85 4.58
C PHE C 236 -20.59 -50.15 5.27
N LEU C 237 -19.99 -50.06 6.44
CA LEU C 237 -19.51 -51.27 7.14
C LEU C 237 -20.73 -52.14 7.48
N ILE C 238 -21.80 -51.53 7.98
CA ILE C 238 -23.03 -52.30 8.36
C ILE C 238 -23.68 -52.91 7.11
N VAL C 239 -23.79 -52.13 6.03
CA VAL C 239 -24.42 -52.63 4.77
C VAL C 239 -23.58 -53.77 4.19
N GLU C 240 -22.25 -53.63 4.18
CA GLU C 240 -21.39 -54.66 3.54
C GLU C 240 -21.34 -55.91 4.42
N LYS C 241 -21.55 -55.76 5.73
CA LYS C 241 -21.61 -56.94 6.63
C LYS C 241 -23.06 -57.15 7.09
N ARG C 252 -10.69 -60.09 0.95
CA ARG C 252 -11.69 -59.16 0.35
C ARG C 252 -12.06 -58.10 1.39
N ALA C 253 -11.73 -58.35 2.66
CA ALA C 253 -11.95 -57.35 3.74
C ALA C 253 -10.95 -56.20 3.65
N LEU C 254 -9.75 -56.46 3.11
CA LEU C 254 -8.70 -55.40 3.04
C LEU C 254 -9.16 -54.27 2.12
N ARG C 255 -9.81 -54.58 1.00
CA ARG C 255 -10.37 -53.49 0.15
C ARG C 255 -11.45 -52.75 0.93
N ILE C 256 -12.23 -53.47 1.74
CA ILE C 256 -13.30 -52.82 2.56
C ILE C 256 -12.64 -51.87 3.56
N VAL C 257 -11.56 -52.29 4.21
CA VAL C 257 -10.84 -51.42 5.18
C VAL C 257 -10.28 -50.20 4.44
N ARG C 258 -9.75 -50.38 3.23
CA ARG C 258 -9.24 -49.23 2.45
C ARG C 258 -10.38 -48.27 2.07
N PHE C 259 -11.52 -48.71 1.67
CA PHE C 259 -12.60 -47.77 1.41
C PHE C 259 -13.01 -47.09 2.69
N THR C 260 -13.21 -47.85 3.78
CA THR C 260 -13.72 -47.18 4.98
C THR C 260 -12.79 -46.01 5.32
N LYS C 261 -11.49 -46.18 5.16
CA LYS C 261 -10.53 -45.11 5.51
C LYS C 261 -10.78 -43.88 4.62
N ILE C 262 -11.04 -44.05 3.32
CA ILE C 262 -11.38 -42.91 2.44
C ILE C 262 -12.75 -42.32 2.79
N LEU C 263 -13.75 -43.14 3.11
CA LEU C 263 -15.13 -42.68 3.45
C LEU C 263 -15.13 -41.91 4.77
N SER C 264 -14.19 -42.20 5.68
CA SER C 264 -14.17 -41.55 7.01
C SER C 264 -13.43 -40.22 6.91
N LEU C 265 -12.98 -39.85 5.72
CA LEU C 265 -12.34 -38.54 5.56
C LEU C 265 -13.38 -37.61 4.95
N LEU C 266 -14.64 -38.04 4.87
CA LEU C 266 -15.72 -37.12 4.41
C LEU C 266 -16.14 -36.36 5.66
N ARG C 267 -15.56 -36.71 6.81
CA ARG C 267 -15.88 -36.07 8.10
C ARG C 267 -14.93 -34.89 8.25
N LEU C 268 -14.13 -34.61 7.23
CA LEU C 268 -13.19 -33.48 7.27
C LEU C 268 -13.86 -32.33 6.54
N LEU C 269 -15.10 -32.52 6.12
CA LEU C 269 -15.88 -31.45 5.45
C LEU C 269 -16.42 -30.54 6.55
N ARG C 270 -16.20 -30.89 7.82
CA ARG C 270 -16.62 -30.05 8.96
C ARG C 270 -15.76 -28.79 8.90
N LEU C 271 -14.73 -28.80 8.07
CA LEU C 271 -13.90 -27.57 7.88
C LEU C 271 -14.81 -26.47 7.35
N SER C 272 -15.88 -26.85 6.63
CA SER C 272 -16.83 -25.85 6.11
C SER C 272 -17.46 -25.16 7.30
N ARG C 273 -17.97 -25.91 8.27
CA ARG C 273 -18.57 -25.30 9.48
C ARG C 273 -17.52 -24.55 10.28
N LEU C 274 -16.29 -25.04 10.46
CA LEU C 274 -15.33 -24.28 11.29
C LEU C 274 -15.07 -22.96 10.60
N ILE C 275 -14.91 -22.95 9.29
CA ILE C 275 -14.64 -21.70 8.54
C ILE C 275 -15.85 -20.77 8.65
N ARG C 276 -17.07 -21.28 8.46
CA ARG C 276 -18.28 -20.43 8.50
C ARG C 276 -18.52 -19.89 9.92
N TYR C 277 -18.41 -20.73 10.94
CA TYR C 277 -18.66 -20.30 12.34
C TYR C 277 -17.62 -19.29 12.80
N ILE C 278 -16.34 -19.50 12.44
CA ILE C 278 -15.25 -18.56 12.83
C ILE C 278 -15.53 -17.21 12.17
N HIS C 279 -15.93 -17.21 10.89
CA HIS C 279 -16.23 -15.93 10.17
C HIS C 279 -17.43 -15.21 10.75
N GLN C 280 -18.47 -15.94 11.17
CA GLN C 280 -19.69 -15.33 11.76
C GLN C 280 -19.31 -14.69 13.09
N TRP C 281 -18.58 -15.40 13.93
CA TRP C 281 -18.31 -14.87 15.28
C TRP C 281 -17.17 -13.87 15.27
N GLU C 282 -16.28 -13.92 14.28
CA GLU C 282 -15.25 -12.86 14.18
C GLU C 282 -15.92 -11.54 13.81
N GLU C 283 -16.92 -11.57 12.91
CA GLU C 283 -17.66 -10.33 12.57
C GLU C 283 -18.42 -9.80 13.78
N ILE C 284 -19.04 -10.68 14.56
CA ILE C 284 -19.75 -10.25 15.80
C ILE C 284 -18.73 -9.64 16.78
N PHE C 285 -17.55 -10.24 16.90
CA PHE C 285 -16.50 -9.69 17.79
C PHE C 285 -15.95 -8.36 17.27
N HIS C 286 -15.88 -8.17 15.96
CA HIS C 286 -15.41 -6.88 15.38
C HIS C 286 -16.34 -5.75 15.80
N MET C 287 -17.64 -6.02 15.92
CA MET C 287 -18.56 -5.01 16.42
C MET C 287 -18.39 -4.87 17.91
N THR C 288 -18.24 -6.00 18.59
CA THR C 288 -18.08 -5.98 20.04
C THR C 288 -16.73 -5.38 20.43
N TYR C 289 -15.70 -5.60 19.68
CA TYR C 289 -14.45 -5.00 20.03
C TYR C 289 -13.82 -4.54 18.76
N ASP C 290 -12.74 -3.82 18.84
CA ASP C 290 -12.05 -3.30 17.68
C ASP C 290 -10.79 -4.08 17.37
N LEU C 291 -10.96 -5.33 17.00
CA LEU C 291 -9.83 -6.17 16.68
C LEU C 291 -9.23 -5.62 15.39
N ALA C 292 -7.91 -5.57 15.30
CA ALA C 292 -7.30 -5.11 14.10
C ALA C 292 -7.61 -6.15 13.07
N SER C 293 -8.04 -5.71 11.90
CA SER C 293 -8.37 -6.66 10.81
C SER C 293 -7.17 -7.51 10.45
N ALA C 294 -5.98 -6.93 10.37
CA ALA C 294 -4.78 -7.67 9.94
C ALA C 294 -4.44 -8.78 10.94
N VAL C 295 -4.53 -8.50 12.24
CA VAL C 295 -4.22 -9.52 13.29
C VAL C 295 -5.24 -10.65 13.24
N VAL C 296 -6.51 -10.35 12.98
CA VAL C 296 -7.57 -11.39 12.90
C VAL C 296 -7.33 -12.23 11.64
N ARG C 297 -7.00 -11.60 10.51
CA ARG C 297 -6.81 -12.32 9.23
C ARG C 297 -5.56 -13.20 9.25
N ILE C 298 -4.45 -12.71 9.81
CA ILE C 298 -3.18 -13.50 9.84
C ILE C 298 -3.41 -14.72 10.71
N PHE C 299 -4.13 -14.61 11.81
CA PHE C 299 -4.41 -15.76 12.71
C PHE C 299 -5.31 -16.78 12.05
N ASN C 300 -6.28 -16.35 11.23
CA ASN C 300 -7.10 -17.34 10.50
C ASN C 300 -6.20 -18.13 9.55
N LEU C 301 -5.27 -17.48 8.84
CA LEU C 301 -4.30 -18.21 7.98
C LEU C 301 -3.38 -19.08 8.82
N ILE C 302 -2.85 -18.62 9.95
CA ILE C 302 -1.90 -19.47 10.72
C ILE C 302 -2.69 -20.70 11.16
N GLY C 303 -3.96 -20.56 11.52
CA GLY C 303 -4.76 -21.76 11.84
C GLY C 303 -4.97 -22.65 10.63
N MET C 304 -5.28 -22.06 9.48
CA MET C 304 -5.50 -22.83 8.23
C MET C 304 -4.20 -23.47 7.76
N MET C 305 -3.06 -22.78 7.86
CA MET C 305 -1.75 -23.33 7.47
C MET C 305 -1.38 -24.51 8.37
N LEU C 306 -1.59 -24.40 9.69
CA LEU C 306 -1.30 -25.51 10.62
C LEU C 306 -2.20 -26.71 10.31
N LEU C 307 -3.49 -26.47 10.02
CA LEU C 307 -4.43 -27.57 9.71
C LEU C 307 -4.06 -28.24 8.40
N LEU C 308 -3.74 -27.48 7.36
CA LEU C 308 -3.36 -28.05 6.05
C LEU C 308 -2.04 -28.80 6.17
N CYS C 309 -1.09 -28.29 6.96
CA CYS C 309 0.19 -29.00 7.18
C CYS C 309 -0.07 -30.30 7.91
N HIS C 310 -0.99 -30.34 8.87
CA HIS C 310 -1.34 -31.60 9.58
C HIS C 310 -1.94 -32.58 8.58
N TRP C 311 -2.90 -32.14 7.78
CA TRP C 311 -3.58 -33.01 6.78
C TRP C 311 -2.62 -33.46 5.68
N ASP C 312 -1.72 -32.61 5.21
CA ASP C 312 -0.69 -33.04 4.22
C ASP C 312 0.23 -34.08 4.85
N GLY C 313 0.60 -33.92 6.11
CA GLY C 313 1.41 -34.96 6.74
C GLY C 313 0.69 -36.29 6.77
N CYS C 314 -0.59 -36.28 7.13
CA CYS C 314 -1.39 -37.52 7.16
C CYS C 314 -1.57 -38.09 5.75
N LEU C 315 -1.77 -37.26 4.72
CA LEU C 315 -1.99 -37.73 3.32
C LEU C 315 -0.73 -38.44 2.85
N GLN C 316 0.43 -37.93 3.23
CA GLN C 316 1.72 -38.50 2.80
C GLN C 316 1.87 -39.91 3.37
N PHE C 317 1.21 -40.25 4.46
CA PHE C 317 1.25 -41.65 4.94
C PHE C 317 0.00 -42.41 4.52
N LEU C 318 -1.16 -41.76 4.37
CA LEU C 318 -2.37 -42.48 3.89
C LEU C 318 -2.21 -42.98 2.46
N VAL C 319 -1.71 -42.18 1.52
CA VAL C 319 -1.63 -42.71 0.14
C VAL C 319 -0.70 -43.93 0.14
N PRO C 320 0.49 -43.94 0.76
CA PRO C 320 1.30 -45.16 0.90
C PRO C 320 0.60 -46.30 1.65
N LEU C 321 -0.12 -46.02 2.75
CA LEU C 321 -0.86 -47.07 3.51
C LEU C 321 -1.96 -47.69 2.64
N LEU C 322 -2.70 -46.90 1.87
CA LEU C 322 -3.85 -47.43 1.10
C LEU C 322 -3.31 -48.25 -0.07
N GLN C 323 -2.00 -48.28 -0.26
CA GLN C 323 -1.38 -49.04 -1.37
C GLN C 323 -0.53 -50.15 -0.78
N ASP C 324 -0.78 -50.51 0.48
CA ASP C 324 -0.02 -51.58 1.18
C ASP C 324 1.47 -51.25 1.21
N PHE C 325 1.84 -49.99 1.44
CA PHE C 325 3.26 -49.61 1.58
C PHE C 325 4.07 -50.14 0.40
N PRO C 326 3.89 -49.60 -0.82
CA PRO C 326 4.54 -50.12 -2.01
C PRO C 326 6.06 -50.03 -1.82
N PRO C 327 6.92 -50.88 -2.46
CA PRO C 327 8.36 -50.87 -2.18
C PRO C 327 9.12 -49.57 -2.44
N ASP C 328 8.53 -48.65 -3.21
CA ASP C 328 9.22 -47.38 -3.55
C ASP C 328 8.66 -46.21 -2.72
N CYS C 329 7.72 -46.48 -1.83
CA CYS C 329 7.12 -45.42 -0.99
C CYS C 329 8.13 -44.99 0.06
N TRP C 330 8.06 -43.74 0.51
CA TRP C 330 9.06 -43.21 1.47
C TRP C 330 9.01 -44.02 2.76
N VAL C 331 7.81 -44.53 3.11
CA VAL C 331 7.66 -45.28 4.35
C VAL C 331 8.54 -46.50 4.27
N SER C 332 8.46 -47.24 3.21
CA SER C 332 9.28 -48.46 2.99
C SER C 332 10.75 -48.14 2.74
N LEU C 333 11.06 -47.11 1.95
CA LEU C 333 12.46 -46.72 1.63
C LEU C 333 13.20 -46.24 2.88
N ASN C 334 12.54 -45.49 3.76
CA ASN C 334 13.16 -45.01 5.03
C ASN C 334 12.96 -46.08 6.11
N GLU C 335 12.36 -47.22 5.75
CA GLU C 335 12.15 -48.36 6.70
C GLU C 335 11.31 -47.95 7.91
N MET C 336 10.23 -47.21 7.72
CA MET C 336 9.38 -46.73 8.84
C MET C 336 7.98 -47.34 8.76
N VAL C 337 7.83 -48.47 8.07
CA VAL C 337 6.51 -49.17 8.01
C VAL C 337 6.15 -49.68 9.40
N ASN C 338 7.12 -50.18 10.17
CA ASN C 338 6.84 -50.81 11.49
C ASN C 338 7.18 -49.88 12.66
N ASP C 339 7.47 -48.61 12.42
CA ASP C 339 7.81 -47.64 13.49
C ASP C 339 6.54 -47.25 14.26
N SER C 340 6.69 -46.60 15.41
CA SER C 340 5.54 -46.23 16.26
C SER C 340 4.77 -45.10 15.59
N TRP C 341 3.54 -44.86 16.01
CA TRP C 341 2.70 -43.82 15.36
C TRP C 341 3.39 -42.46 15.51
N GLY C 342 4.12 -42.25 16.59
CA GLY C 342 4.84 -40.99 16.79
C GLY C 342 5.93 -40.80 15.78
N LYS C 343 6.70 -41.84 15.44
CA LYS C 343 7.86 -41.67 14.53
C LYS C 343 7.36 -41.67 13.10
N GLN C 344 6.22 -42.30 12.83
CA GLN C 344 5.57 -42.23 11.50
C GLN C 344 4.89 -40.87 11.32
N TYR C 345 4.15 -40.37 12.32
CA TYR C 345 3.51 -39.03 12.22
C TYR C 345 4.53 -37.92 12.20
N SER C 346 5.56 -37.99 13.05
CA SER C 346 6.52 -36.87 13.13
C SER C 346 7.26 -36.76 11.81
N TYR C 347 7.64 -37.78 11.14
CA TYR C 347 8.37 -37.72 9.86
C TYR C 347 7.47 -37.42 8.72
N ALA C 348 6.19 -37.83 8.80
CA ALA C 348 5.20 -37.38 7.79
C ALA C 348 4.91 -35.90 7.93
N LEU C 349 4.76 -35.35 9.13
CA LEU C 349 4.58 -33.88 9.31
C LEU C 349 5.85 -33.18 8.87
N PHE C 350 7.01 -33.73 9.19
CA PHE C 350 8.30 -33.09 8.82
C PHE C 350 8.34 -33.02 7.32
N LYS C 351 7.97 -34.10 6.66
CA LYS C 351 8.00 -34.16 5.18
C LYS C 351 7.01 -33.14 4.65
N ALA C 352 5.82 -33.00 5.21
CA ALA C 352 4.79 -32.09 4.68
C ALA C 352 5.09 -30.64 4.98
N MET C 353 5.61 -30.33 6.16
CA MET C 353 6.03 -28.96 6.51
C MET C 353 7.20 -28.56 5.62
N SER C 354 8.13 -29.49 5.35
CA SER C 354 9.31 -29.17 4.52
C SER C 354 8.86 -28.80 3.11
N HIS C 355 7.92 -29.51 2.51
CA HIS C 355 7.39 -29.16 1.17
C HIS C 355 6.66 -27.82 1.26
N MET C 356 5.91 -27.58 2.32
CA MET C 356 5.13 -26.33 2.46
C MET C 356 6.00 -25.09 2.57
N LEU C 357 6.93 -25.02 3.52
CA LEU C 357 7.81 -23.87 3.67
C LEU C 357 8.82 -24.05 2.57
N CYS C 358 8.62 -25.06 1.73
CA CYS C 358 9.49 -25.27 0.58
C CYS C 358 10.96 -25.46 0.94
N ILE C 359 11.23 -26.07 2.09
CA ILE C 359 12.67 -26.37 2.39
C ILE C 359 13.37 -27.46 1.55
N GLY C 360 12.83 -28.68 1.57
CA GLY C 360 13.42 -29.78 0.82
C GLY C 360 12.58 -31.04 0.90
N TYR C 361 13.15 -32.11 1.44
CA TYR C 361 12.43 -33.37 1.56
C TYR C 361 12.73 -34.09 2.85
N GLY C 362 11.99 -35.16 3.14
CA GLY C 362 12.23 -35.93 4.34
C GLY C 362 13.58 -36.61 4.24
N ALA C 363 13.75 -37.45 3.22
CA ALA C 363 15.02 -38.15 3.03
C ALA C 363 15.58 -37.96 1.63
N GLN C 364 14.76 -38.23 0.61
CA GLN C 364 15.21 -38.11 -0.77
C GLN C 364 14.08 -37.68 -1.68
N ALA C 365 14.39 -37.38 -2.93
CA ALA C 365 13.36 -36.90 -3.88
C ALA C 365 12.42 -38.05 -4.22
N PRO C 366 11.08 -37.86 -4.34
CA PRO C 366 10.16 -38.98 -4.56
C PRO C 366 10.38 -39.93 -5.74
N VAL C 367 10.71 -41.20 -5.48
CA VAL C 367 10.87 -42.23 -6.56
C VAL C 367 9.55 -42.65 -7.22
N SER C 368 8.48 -42.92 -6.47
CA SER C 368 7.23 -43.48 -7.05
C SER C 368 6.30 -42.41 -7.60
N MET C 369 5.27 -42.81 -8.34
CA MET C 369 4.41 -41.78 -8.98
C MET C 369 3.34 -41.32 -8.00
N SER C 370 2.92 -42.15 -7.05
CA SER C 370 1.99 -41.62 -6.03
C SER C 370 2.75 -40.57 -5.23
N ASP C 371 4.02 -40.82 -4.89
CA ASP C 371 4.86 -39.87 -4.14
C ASP C 371 5.17 -38.63 -4.96
N LEU C 372 5.47 -38.72 -6.23
CA LEU C 372 5.84 -37.55 -7.02
C LEU C 372 4.66 -36.66 -7.18
N TRP C 373 3.45 -37.22 -7.26
CA TRP C 373 2.21 -36.40 -7.33
C TRP C 373 1.71 -35.89 -5.98
N ILE C 374 1.77 -36.65 -4.89
CA ILE C 374 1.39 -36.18 -3.55
C ILE C 374 2.39 -35.18 -3.03
N THR C 375 3.65 -35.28 -3.42
CA THR C 375 4.65 -34.24 -3.10
C THR C 375 4.35 -32.97 -3.87
N MET C 376 3.97 -33.07 -5.14
CA MET C 376 3.62 -31.88 -5.96
C MET C 376 2.34 -31.22 -5.46
N LEU C 377 1.34 -31.97 -5.01
CA LEU C 377 0.14 -31.34 -4.41
C LEU C 377 0.53 -30.61 -3.14
N SER C 378 1.40 -31.19 -2.30
CA SER C 378 1.79 -30.56 -1.02
C SER C 378 2.73 -29.40 -1.29
N MET C 379 3.47 -29.43 -2.40
CA MET C 379 4.33 -28.28 -2.78
C MET C 379 3.45 -27.12 -3.25
N ILE C 380 2.45 -27.35 -4.09
CA ILE C 380 1.55 -26.26 -4.61
C ILE C 380 0.68 -25.72 -3.49
N VAL C 381 0.12 -26.57 -2.63
CA VAL C 381 -0.68 -26.12 -1.45
C VAL C 381 0.24 -25.34 -0.50
N GLY C 382 1.44 -25.82 -0.26
CA GLY C 382 2.38 -25.15 0.65
C GLY C 382 2.87 -23.80 0.16
N ALA C 383 3.26 -23.70 -1.09
CA ALA C 383 3.74 -22.43 -1.67
C ALA C 383 2.62 -21.39 -1.73
N THR C 384 1.40 -21.77 -2.08
CA THR C 384 0.25 -20.83 -2.09
C THR C 384 -0.04 -20.33 -0.67
N CYS C 385 0.02 -21.20 0.34
CA CYS C 385 -0.18 -20.79 1.75
C CYS C 385 0.93 -19.85 2.21
N TYR C 386 2.18 -20.13 1.89
CA TYR C 386 3.31 -19.23 2.26
C TYR C 386 3.23 -17.90 1.50
N ALA C 387 2.93 -17.88 0.21
CA ALA C 387 2.75 -16.62 -0.52
C ALA C 387 1.68 -15.79 0.16
N MET C 388 0.60 -16.43 0.65
CA MET C 388 -0.45 -15.73 1.38
C MET C 388 0.03 -15.30 2.76
N PHE C 389 0.85 -16.03 3.44
CA PHE C 389 1.44 -15.60 4.73
C PHE C 389 2.39 -14.43 4.52
N VAL C 390 3.21 -14.43 3.47
CA VAL C 390 4.06 -13.24 3.19
C VAL C 390 3.14 -12.06 2.89
N GLY C 391 2.03 -12.26 2.17
CA GLY C 391 1.06 -11.18 1.90
C GLY C 391 0.35 -10.66 3.13
N HIS C 392 -0.09 -11.54 4.02
CA HIS C 392 -0.76 -11.13 5.29
C HIS C 392 0.25 -10.45 6.22
N ALA C 393 1.50 -10.93 6.24
CA ALA C 393 2.57 -10.29 7.04
C ALA C 393 2.84 -8.88 6.51
N THR C 394 2.85 -8.68 5.20
CA THR C 394 3.07 -7.33 4.62
C THR C 394 1.95 -6.40 5.05
N ALA C 395 0.69 -6.84 5.01
CA ALA C 395 -0.45 -6.01 5.43
C ALA C 395 -0.43 -5.71 6.93
N LEU C 396 -0.06 -6.66 7.77
CA LEU C 396 0.07 -6.37 9.22
C LEU C 396 1.18 -5.35 9.44
N ILE C 397 2.32 -5.51 8.78
CA ILE C 397 3.48 -4.59 8.99
C ILE C 397 3.14 -3.19 8.49
N GLN C 398 2.46 -3.07 7.35
CA GLN C 398 2.06 -1.74 6.84
C GLN C 398 1.03 -1.09 7.78
N SER C 399 0.14 -1.76 8.37
CA SER C 399 -0.88 -1.19 9.23
C SER C 399 -0.43 -0.88 10.63
N LEU C 400 0.68 -1.49 11.05
CA LEU C 400 1.26 -1.11 12.38
C LEU C 400 1.84 0.30 12.33
N ASP C 401 2.49 0.70 11.24
CA ASP C 401 3.16 2.03 11.19
C ASP C 401 2.36 3.01 10.32
N SER C 402 1.05 2.84 10.21
CA SER C 402 0.29 3.67 9.26
C SER C 402 0.42 5.16 9.59
N SER C 403 0.32 5.53 10.85
CA SER C 403 0.34 6.98 11.19
C SER C 403 1.71 7.61 10.90
N ARG C 404 2.81 6.92 11.22
CA ARG C 404 4.16 7.42 10.93
C ARG C 404 4.44 7.44 9.42
N ARG C 405 3.99 6.42 8.68
CA ARG C 405 4.16 6.40 7.21
C ARG C 405 3.39 7.56 6.59
N GLN C 406 2.18 7.83 7.07
CA GLN C 406 1.36 8.92 6.53
C GLN C 406 2.01 10.28 6.79
N TYR C 407 2.65 10.49 7.95
CA TYR C 407 3.37 11.77 8.17
C TYR C 407 4.51 11.90 7.16
N GLN C 408 5.25 10.82 6.93
CA GLN C 408 6.42 10.93 6.03
C GLN C 408 5.94 11.27 4.63
N GLU C 409 4.84 10.68 4.18
CA GLU C 409 4.26 11.01 2.85
C GLU C 409 3.81 12.47 2.83
N LYS C 410 3.36 13.03 3.96
CA LYS C 410 2.94 14.46 4.01
C LYS C 410 4.17 15.36 3.93
N TYR C 411 5.20 15.10 4.74
CA TYR C 411 6.42 15.93 4.63
C TYR C 411 7.09 15.73 3.25
N LYS C 412 7.07 14.54 2.67
CA LYS C 412 7.77 14.40 1.39
C LYS C 412 7.12 15.33 0.38
N GLN C 413 5.80 15.50 0.43
CA GLN C 413 5.10 16.45 -0.47
C GLN C 413 5.54 17.89 -0.16
N VAL C 414 5.78 18.26 1.10
CA VAL C 414 6.31 19.61 1.40
C VAL C 414 7.69 19.74 0.77
N GLU C 415 8.51 18.69 0.81
CA GLU C 415 9.86 18.71 0.17
C GLU C 415 9.70 18.89 -1.34
N GLN C 416 8.71 18.25 -1.96
CA GLN C 416 8.44 18.42 -3.41
C GLN C 416 7.98 19.84 -3.72
N TYR C 417 7.18 20.47 -2.87
CA TYR C 417 6.81 21.90 -3.08
C TYR C 417 8.05 22.75 -3.03
N MET C 418 8.90 22.50 -2.05
CA MET C 418 10.13 23.31 -1.90
C MET C 418 11.04 23.05 -3.09
N SER C 419 11.11 21.81 -3.57
CA SER C 419 11.94 21.46 -4.76
C SER C 419 11.44 22.15 -6.02
N PHE C 420 10.13 22.18 -6.24
CA PHE C 420 9.55 22.78 -7.46
C PHE C 420 9.88 24.26 -7.46
N HIS C 421 9.74 24.92 -6.32
CA HIS C 421 9.97 26.38 -6.24
C HIS C 421 11.47 26.64 -6.05
N LYS C 422 12.27 25.57 -5.93
CA LYS C 422 13.74 25.68 -5.80
C LYS C 422 14.10 26.56 -4.60
N LEU C 423 13.44 26.37 -3.47
CA LEU C 423 13.66 27.23 -2.28
C LEU C 423 15.09 27.03 -1.79
N PRO C 424 15.80 28.06 -1.27
CA PRO C 424 17.20 27.90 -0.87
C PRO C 424 17.29 26.89 0.27
N ALA C 425 18.46 26.29 0.49
CA ALA C 425 18.57 25.23 1.53
C ALA C 425 18.28 25.79 2.91
N ASP C 426 18.62 27.05 3.17
CA ASP C 426 18.33 27.69 4.48
C ASP C 426 16.83 27.73 4.72
N MET C 427 16.04 28.14 3.74
CA MET C 427 14.56 28.20 3.87
C MET C 427 14.02 26.79 4.02
N ARG C 428 14.60 25.84 3.31
CA ARG C 428 14.15 24.43 3.42
C ARG C 428 14.34 23.93 4.85
N GLN C 429 15.38 24.36 5.56
CA GLN C 429 15.57 23.94 6.97
C GLN C 429 14.66 24.74 7.91
N LYS C 430 14.35 25.99 7.62
CA LYS C 430 13.38 26.70 8.49
C LYS C 430 12.04 25.97 8.40
N ILE C 431 11.62 25.56 7.21
CA ILE C 431 10.33 24.84 7.02
C ILE C 431 10.38 23.46 7.66
N HIS C 432 11.49 22.74 7.58
CA HIS C 432 11.59 21.42 8.27
C HIS C 432 11.46 21.60 9.77
N ASP C 433 12.12 22.61 10.33
CA ASP C 433 12.03 22.87 11.78
C ASP C 433 10.61 23.29 12.15
N TYR C 434 9.92 24.05 11.29
CA TYR C 434 8.51 24.38 11.62
C TYR C 434 7.68 23.11 11.67
N TYR C 435 7.83 22.22 10.69
CA TYR C 435 6.97 21.00 10.66
C TYR C 435 7.26 20.11 11.85
N GLU C 436 8.52 20.00 12.27
CA GLU C 436 8.88 19.20 13.47
C GLU C 436 8.24 19.82 14.71
N HIS C 437 8.21 21.14 14.81
CA HIS C 437 7.70 21.78 16.04
C HIS C 437 6.23 22.17 15.93
N ARG C 438 5.59 21.99 14.79
CA ARG C 438 4.14 22.28 14.72
C ARG C 438 3.35 20.98 14.78
N TYR C 439 3.71 19.99 13.96
CA TYR C 439 2.93 18.74 13.92
C TYR C 439 3.56 17.71 14.85
N GLN C 440 4.83 17.87 15.22
CA GLN C 440 5.49 16.98 16.21
C GLN C 440 5.46 15.53 15.71
N GLY C 441 5.57 15.32 14.41
CA GLY C 441 5.60 13.96 13.86
C GLY C 441 4.23 13.33 13.81
N LYS C 442 3.18 14.13 13.97
CA LYS C 442 1.81 13.59 14.03
C LYS C 442 1.00 14.06 12.83
N ILE C 443 0.38 13.14 12.10
CA ILE C 443 -0.52 13.53 10.98
C ILE C 443 -1.95 13.51 11.51
N PHE C 444 -2.64 14.64 11.45
CA PHE C 444 -4.06 14.70 11.87
C PHE C 444 -4.69 15.87 11.13
N ASP C 445 -6.01 15.86 10.93
CA ASP C 445 -6.68 17.06 10.36
C ASP C 445 -7.55 17.62 11.47
N GLU C 446 -7.17 18.72 12.09
CA GLU C 446 -7.95 19.18 13.25
C GLU C 446 -9.35 19.53 12.78
N GLU C 447 -9.49 20.16 11.61
CA GLU C 447 -10.82 20.61 11.16
C GLU C 447 -11.73 19.41 10.92
N ASN C 448 -11.26 18.39 10.22
CA ASN C 448 -12.08 17.18 10.00
C ASN C 448 -12.33 16.44 11.31
N ILE C 449 -11.33 16.27 12.16
CA ILE C 449 -11.51 15.48 13.41
C ILE C 449 -12.50 16.23 14.31
N LEU C 450 -12.37 17.55 14.39
CA LEU C 450 -13.31 18.37 15.20
C LEU C 450 -14.72 18.35 14.60
N ASN C 451 -14.86 18.38 13.28
CA ASN C 451 -16.20 18.41 12.64
C ASN C 451 -16.95 17.12 12.96
N GLU C 452 -16.26 15.98 12.97
CA GLU C 452 -16.89 14.66 13.25
C GLU C 452 -17.44 14.63 14.68
N LEU C 453 -16.75 15.24 15.65
CA LEU C 453 -17.15 15.19 17.08
C LEU C 453 -18.43 15.99 17.33
N ASN C 454 -19.20 15.62 18.35
CA ASN C 454 -20.51 16.28 18.64
C ASN C 454 -20.24 17.56 19.39
N ASP C 455 -21.25 18.40 19.58
CA ASP C 455 -21.00 19.71 20.23
C ASP C 455 -20.42 19.54 21.64
N PRO C 456 -20.91 18.63 22.51
CA PRO C 456 -20.27 18.43 23.82
C PRO C 456 -18.81 17.98 23.83
N LEU C 457 -18.42 17.02 22.98
CA LEU C 457 -17.01 16.58 22.88
C LEU C 457 -16.13 17.69 22.30
N ARG C 458 -16.62 18.45 21.33
CA ARG C 458 -15.81 19.57 20.80
C ARG C 458 -15.57 20.58 21.92
N GLU C 459 -16.59 20.89 22.73
CA GLU C 459 -16.44 21.89 23.81
C GLU C 459 -15.42 21.37 24.82
N GLU C 460 -15.46 20.09 25.15
CA GLU C 460 -14.54 19.53 26.18
C GLU C 460 -13.11 19.64 25.68
N ILE C 461 -12.85 19.27 24.42
CA ILE C 461 -11.46 19.30 23.86
C ILE C 461 -11.00 20.75 23.82
N VAL C 462 -11.82 21.68 23.43
CA VAL C 462 -11.44 23.08 23.36
C VAL C 462 -11.23 23.69 24.72
N ASN C 463 -12.07 23.36 25.68
CA ASN C 463 -11.84 23.85 27.06
C ASN C 463 -10.53 23.28 27.62
N PHE C 464 -10.24 22.00 27.44
CA PHE C 464 -9.00 21.48 28.04
C PHE C 464 -7.81 22.18 27.40
N ASN C 465 -7.81 22.31 26.08
CA ASN C 465 -6.69 22.93 25.34
C ASN C 465 -6.52 24.42 25.61
N CYS C 466 -7.70 25.16 25.62
CA CYS C 466 -7.60 26.59 25.71
C CYS C 466 -8.13 27.32 26.94
N ARG C 467 -8.80 26.69 27.88
CA ARG C 467 -9.51 27.44 28.95
C ARG C 467 -8.53 28.14 29.89
N LYS C 468 -7.46 27.46 30.28
CA LYS C 468 -6.52 28.07 31.26
C LYS C 468 -6.04 29.42 30.71
N LEU C 469 -5.51 29.45 29.50
CA LEU C 469 -4.92 30.69 28.94
C LEU C 469 -5.95 31.81 28.81
N VAL C 470 -7.14 31.52 28.27
CA VAL C 470 -8.17 32.58 28.05
C VAL C 470 -8.66 33.10 29.40
N ALA C 471 -8.75 32.23 30.41
CA ALA C 471 -9.27 32.61 31.74
C ALA C 471 -8.39 33.70 32.38
N THR C 472 -7.06 33.61 32.19
CA THR C 472 -6.13 34.63 32.74
C THR C 472 -6.46 36.01 32.18
N MET C 473 -6.80 36.10 30.89
CA MET C 473 -7.01 37.43 30.27
C MET C 473 -8.13 38.14 31.03
N PRO C 474 -7.97 39.43 31.39
CA PRO C 474 -8.97 40.15 32.19
C PRO C 474 -10.33 40.30 31.50
N LEU C 475 -10.35 40.58 30.19
CA LEU C 475 -11.62 40.79 29.47
C LEU C 475 -12.47 39.52 29.53
N PHE C 476 -11.85 38.34 29.39
CA PHE C 476 -12.62 37.07 29.34
C PHE C 476 -12.85 36.51 30.75
N ALA C 477 -12.20 37.06 31.76
CA ALA C 477 -12.31 36.54 33.14
C ALA C 477 -13.75 36.69 33.68
N ASN C 478 -14.40 37.82 33.43
CA ASN C 478 -15.75 38.08 34.01
C ASN C 478 -16.86 37.67 33.05
N ALA C 479 -16.52 37.16 31.87
CA ALA C 479 -17.53 36.83 30.84
C ALA C 479 -18.35 35.58 31.21
N ASP C 480 -19.58 35.49 30.68
CA ASP C 480 -20.46 34.31 30.93
C ASP C 480 -19.81 33.06 30.32
N PRO C 481 -19.78 31.88 31.00
CA PRO C 481 -19.08 30.72 30.48
C PRO C 481 -19.54 30.37 29.05
N ASN C 482 -20.79 30.69 28.72
CA ASN C 482 -21.29 30.43 27.35
C ASN C 482 -20.45 31.25 26.36
N PHE C 483 -20.26 32.55 26.65
CA PHE C 483 -19.47 33.44 25.75
C PHE C 483 -18.02 32.96 25.67
N VAL C 484 -17.44 32.58 26.80
CA VAL C 484 -16.00 32.18 26.80
C VAL C 484 -15.89 30.95 25.91
N THR C 485 -16.83 30.01 26.01
CA THR C 485 -16.76 28.77 25.20
C THR C 485 -16.84 29.13 23.72
N ALA C 486 -17.66 30.10 23.36
CA ALA C 486 -17.71 30.54 21.94
C ALA C 486 -16.37 31.11 21.50
N MET C 487 -15.74 31.95 22.33
CA MET C 487 -14.42 32.54 21.99
C MET C 487 -13.38 31.43 21.89
N LEU C 488 -13.42 30.47 22.80
CA LEU C 488 -12.38 29.41 22.84
C LEU C 488 -12.39 28.64 21.52
N SER C 489 -13.57 28.44 20.93
CA SER C 489 -13.64 27.75 19.61
C SER C 489 -12.92 28.57 18.55
N LYS C 490 -13.03 29.90 18.60
CA LYS C 490 -12.40 30.78 17.57
C LYS C 490 -10.87 30.70 17.62
N LEU C 491 -10.27 30.60 18.81
CA LEU C 491 -8.79 30.57 18.95
C LEU C 491 -8.17 29.59 17.95
N ARG C 492 -7.14 30.01 17.21
CA ARG C 492 -6.44 29.14 16.24
C ARG C 492 -5.01 28.93 16.74
N PHE C 493 -4.48 27.72 16.57
CA PHE C 493 -3.15 27.38 17.07
C PHE C 493 -2.09 27.78 16.05
N GLU C 494 -1.05 28.50 16.51
CA GLU C 494 0.01 28.98 15.60
C GLU C 494 1.37 28.85 16.27
N VAL C 495 2.36 28.27 15.58
CA VAL C 495 3.73 28.12 16.14
C VAL C 495 4.65 29.12 15.43
N PHE C 496 5.34 29.99 16.17
CA PHE C 496 6.27 30.98 15.58
C PHE C 496 7.70 30.56 15.93
N GLN C 497 8.57 30.43 14.94
CA GLN C 497 9.96 29.93 15.15
C GLN C 497 10.82 31.02 15.78
N PRO C 498 12.00 30.71 16.35
CA PRO C 498 12.82 31.72 17.00
C PRO C 498 13.25 32.83 16.05
N GLY C 499 13.13 34.08 16.47
CA GLY C 499 13.49 35.24 15.63
C GLY C 499 12.32 35.76 14.80
N ASP C 500 11.23 35.01 14.72
CA ASP C 500 10.08 35.43 13.86
C ASP C 500 9.41 36.63 14.50
N TYR C 501 8.85 37.54 13.71
CA TYR C 501 8.12 38.67 14.32
C TYR C 501 6.63 38.34 14.33
N ILE C 502 6.10 37.99 15.51
CA ILE C 502 4.66 37.63 15.62
C ILE C 502 3.84 38.86 15.25
N ILE C 503 4.17 40.01 15.84
CA ILE C 503 3.46 41.29 15.52
C ILE C 503 4.55 42.30 15.16
N ARG C 504 4.32 43.14 14.15
CA ARG C 504 5.32 44.16 13.72
C ARG C 504 4.77 45.55 14.03
N GLU C 505 5.59 46.43 14.61
CA GLU C 505 5.11 47.76 15.03
C GLU C 505 4.66 48.56 13.81
N GLY C 506 3.52 49.25 13.91
CA GLY C 506 3.02 50.09 12.81
C GLY C 506 2.15 49.34 11.83
N ALA C 507 2.06 48.02 11.96
CA ALA C 507 1.16 47.24 11.08
C ALA C 507 -0.27 47.30 11.64
N VAL C 508 -1.28 47.20 10.76
CA VAL C 508 -2.69 47.18 11.23
C VAL C 508 -2.88 45.91 12.07
N GLY C 509 -3.61 46.01 13.18
CA GLY C 509 -3.75 44.84 14.07
C GLY C 509 -5.03 44.08 13.79
N LYS C 510 -4.91 42.87 13.24
CA LYS C 510 -6.12 42.08 12.87
C LYS C 510 -6.27 40.86 13.79
N LYS C 511 -5.38 40.66 14.76
CA LYS C 511 -5.45 39.43 15.60
C LYS C 511 -4.62 39.55 16.88
N MET C 512 -5.17 39.12 18.00
CA MET C 512 -4.45 39.09 19.26
C MET C 512 -3.98 37.67 19.54
N TYR C 513 -2.96 37.55 20.39
CA TYR C 513 -2.28 36.28 20.62
C TYR C 513 -2.28 35.95 22.10
N PHE C 514 -2.64 34.71 22.42
CA PHE C 514 -2.51 34.16 23.76
C PHE C 514 -1.31 33.25 23.76
N ILE C 515 -0.32 33.39 24.66
CA ILE C 515 0.90 32.52 24.57
C ILE C 515 0.78 31.21 25.35
N GLN C 516 0.59 30.05 24.71
CA GLN C 516 0.57 28.74 25.41
C GLN C 516 1.96 28.33 25.90
N HIS C 517 3.00 28.50 25.09
CA HIS C 517 4.38 28.05 25.45
C HIS C 517 5.39 28.96 24.75
N GLY C 518 6.65 28.91 25.15
CA GLY C 518 7.70 29.69 24.49
C GLY C 518 7.95 31.03 25.15
N VAL C 519 9.11 31.63 24.92
CA VAL C 519 9.44 32.95 25.50
C VAL C 519 9.45 33.98 24.38
N ALA C 520 8.46 34.87 24.32
CA ALA C 520 8.47 35.93 23.33
C ALA C 520 9.17 37.16 23.92
N GLY C 521 9.12 38.28 23.20
CA GLY C 521 9.68 39.51 23.72
C GLY C 521 9.10 40.74 23.06
N VAL C 522 8.63 41.69 23.85
CA VAL C 522 7.98 42.88 23.33
C VAL C 522 9.02 43.98 23.19
N ILE C 523 9.47 44.21 21.96
CA ILE C 523 10.40 45.29 21.64
C ILE C 523 9.59 46.51 21.25
N THR C 524 9.82 47.62 21.97
CA THR C 524 9.13 48.87 21.73
C THR C 524 10.15 50.00 21.66
N LYS C 525 9.65 51.23 21.58
CA LYS C 525 10.51 52.39 21.54
C LYS C 525 10.71 53.02 22.92
N SER C 526 9.69 52.98 23.78
CA SER C 526 9.77 53.61 25.09
C SER C 526 10.52 52.73 26.08
N SER C 527 9.98 51.55 26.39
CA SER C 527 10.57 50.67 27.38
C SER C 527 11.60 49.73 26.77
N LYS C 528 11.27 49.12 25.62
CA LYS C 528 12.12 48.28 24.79
C LYS C 528 12.62 47.01 25.47
N GLU C 529 12.00 46.56 26.56
CA GLU C 529 12.42 45.34 27.23
C GLU C 529 11.23 44.77 28.00
N MET C 530 10.58 43.76 27.43
CA MET C 530 9.50 43.06 28.13
C MET C 530 9.43 41.65 27.54
N LYS C 531 9.92 40.65 28.26
CA LYS C 531 9.93 39.25 27.73
C LYS C 531 8.76 38.44 28.29
N LEU C 532 7.65 38.31 27.54
CA LEU C 532 6.46 37.54 27.96
C LEU C 532 6.77 36.03 27.87
N THR C 533 6.23 35.21 28.80
CA THR C 533 6.52 33.75 28.82
C THR C 533 5.22 32.96 28.77
N ASP C 534 5.24 31.68 29.15
CA ASP C 534 4.03 30.81 29.04
C ASP C 534 2.85 31.42 29.79
N GLY C 535 1.67 31.46 29.16
CA GLY C 535 0.43 31.95 29.82
C GLY C 535 0.17 33.42 29.57
N SER C 536 1.15 34.16 29.05
CA SER C 536 0.99 35.62 28.82
C SER C 536 0.13 35.91 27.59
N TYR C 537 -0.48 37.09 27.53
CA TYR C 537 -1.33 37.48 26.36
C TYR C 537 -0.77 38.78 25.77
N PHE C 538 -0.71 38.87 24.43
CA PHE C 538 -0.22 40.11 23.77
C PHE C 538 -1.08 40.46 22.57
N GLY C 539 -1.09 41.72 22.16
CA GLY C 539 -1.95 42.15 21.04
C GLY C 539 -3.37 42.45 21.50
N GLU C 540 -3.60 42.55 22.81
CA GLU C 540 -4.98 42.71 23.35
C GLU C 540 -5.64 44.00 22.86
N ILE C 541 -4.90 45.11 22.80
CA ILE C 541 -5.52 46.43 22.43
C ILE C 541 -6.21 46.31 21.08
N CYS C 542 -5.70 45.46 20.20
CA CYS C 542 -6.28 45.28 18.83
C CYS C 542 -7.57 44.47 18.93
N LEU C 543 -8.56 44.97 19.65
CA LEU C 543 -9.84 44.27 19.72
C LEU C 543 -11.03 45.18 19.46
N LEU C 544 -10.96 46.45 19.87
CA LEU C 544 -12.02 47.40 19.63
C LEU C 544 -11.51 48.73 19.10
N THR C 545 -10.20 48.90 18.89
CA THR C 545 -9.66 50.16 18.41
C THR C 545 -9.66 50.24 16.89
N LYS C 546 -9.32 49.11 16.24
CA LYS C 546 -9.20 49.00 14.77
C LYS C 546 -8.20 50.03 14.20
N GLY C 547 -7.02 50.08 14.83
CA GLY C 547 -5.97 51.04 14.40
C GLY C 547 -4.66 50.33 14.07
N ARG C 548 -3.55 50.73 14.70
CA ARG C 548 -2.22 50.15 14.36
C ARG C 548 -1.47 49.73 15.63
N ARG C 549 -0.67 48.66 15.55
CA ARG C 549 0.03 48.12 16.74
C ARG C 549 1.18 49.05 17.14
N THR C 550 1.34 49.28 18.45
CA THR C 550 2.41 50.21 18.94
C THR C 550 3.68 49.45 19.31
N ALA C 551 3.64 48.12 19.38
CA ALA C 551 4.83 47.35 19.83
C ALA C 551 5.07 46.16 18.91
N SER C 552 6.32 45.73 18.79
CA SER C 552 6.65 44.58 17.91
C SER C 552 7.07 43.41 18.79
N VAL C 553 6.40 42.26 18.66
CA VAL C 553 6.72 41.11 19.53
C VAL C 553 7.49 40.11 18.68
N ARG C 554 8.67 39.70 19.13
CA ARG C 554 9.52 38.77 18.37
C ARG C 554 9.64 37.48 19.17
N ALA C 555 9.34 36.32 18.57
CA ALA C 555 9.53 35.05 19.28
C ALA C 555 11.01 34.90 19.60
N ASP C 556 11.34 34.50 20.82
CA ASP C 556 12.71 34.29 21.21
C ASP C 556 12.90 32.81 21.47
N THR C 557 11.95 32.00 21.10
CA THR C 557 12.15 30.56 21.20
C THR C 557 11.02 30.15 20.37
N TYR C 558 10.86 28.87 20.10
CA TYR C 558 9.67 28.51 19.39
C TYR C 558 8.61 29.09 20.30
N CYS C 559 7.41 29.32 19.80
CA CYS C 559 6.42 29.97 20.63
C CYS C 559 5.12 29.49 20.17
N ARG C 560 4.45 28.70 20.95
CA ARG C 560 3.17 28.12 20.48
C ARG C 560 2.11 29.05 21.01
N LEU C 561 1.35 29.71 20.15
CA LEU C 561 0.40 30.76 20.62
C LEU C 561 -0.99 30.44 20.09
N TYR C 562 -2.02 31.04 20.67
CA TYR C 562 -3.41 30.85 20.17
C TYR C 562 -3.88 32.21 19.69
N SER C 563 -4.26 32.34 18.43
CA SER C 563 -4.58 33.66 17.88
C SER C 563 -6.09 33.84 17.72
N LEU C 564 -6.62 34.92 18.25
CA LEU C 564 -8.07 35.20 18.07
C LEU C 564 -8.20 36.38 17.10
N SER C 565 -8.70 36.25 15.94
CA SER C 565 -8.77 37.35 14.99
C SER C 565 -9.87 38.34 15.36
N VAL C 566 -9.69 39.57 15.14
CA VAL C 566 -10.64 40.65 15.56
C VAL C 566 -11.99 40.35 14.91
N ASP C 567 -12.00 39.85 13.68
CA ASP C 567 -13.27 39.50 13.00
C ASP C 567 -13.98 38.39 13.76
N ASN C 568 -13.26 37.35 14.18
CA ASN C 568 -13.86 36.22 14.94
C ASN C 568 -14.36 36.69 16.30
N PHE C 569 -13.63 37.60 16.94
CA PHE C 569 -14.07 38.14 18.24
C PHE C 569 -15.40 38.87 18.02
N ASN C 570 -15.50 39.62 16.93
CA ASN C 570 -16.75 40.36 16.64
C ASN C 570 -17.90 39.37 16.40
N GLU C 571 -17.65 38.28 15.67
CA GLU C 571 -18.76 37.33 15.34
C GLU C 571 -19.33 36.71 16.62
N VAL C 572 -18.46 36.27 17.54
CA VAL C 572 -18.93 35.71 18.84
C VAL C 572 -19.59 36.82 19.65
N LEU C 573 -19.04 38.05 19.55
CA LEU C 573 -19.61 39.17 20.29
C LEU C 573 -20.96 39.55 19.73
N GLU C 574 -21.18 39.35 18.46
CA GLU C 574 -22.49 39.64 17.82
C GLU C 574 -23.55 38.70 18.41
N GLU C 575 -23.19 37.42 18.62
CA GLU C 575 -24.17 36.44 19.15
C GLU C 575 -24.54 36.78 20.60
N TYR C 576 -23.57 37.25 21.40
CA TYR C 576 -23.88 37.68 22.79
C TYR C 576 -23.83 39.20 22.86
N PRO C 577 -24.98 39.91 22.76
CA PRO C 577 -24.98 41.38 22.71
C PRO C 577 -24.49 42.11 23.98
N MET C 578 -24.87 41.64 25.16
CA MET C 578 -24.52 42.34 26.42
C MET C 578 -23.00 42.41 26.58
N MET C 579 -22.33 41.26 26.60
CA MET C 579 -20.89 41.20 26.78
C MET C 579 -20.16 42.14 25.82
N GLN D 97 25.93 16.73 41.54
CA GLN D 97 25.47 16.48 40.15
C GLN D 97 24.49 15.31 40.14
N PHE D 98 24.37 14.59 41.26
CA PHE D 98 23.49 13.40 41.28
C PHE D 98 22.05 13.82 41.02
N THR D 99 21.61 14.91 41.63
CA THR D 99 20.25 15.42 41.36
C THR D 99 20.13 15.84 39.89
N SER D 100 21.17 16.47 39.34
CA SER D 100 21.10 16.96 37.94
C SER D 100 20.95 15.80 36.96
N MET D 101 21.70 14.72 37.17
CA MET D 101 21.64 13.56 36.25
C MET D 101 20.26 12.92 36.32
N LEU D 102 19.70 12.81 37.52
CA LEU D 102 18.39 12.12 37.67
C LEU D 102 17.27 13.02 37.12
N GLN D 103 17.58 14.29 36.84
CA GLN D 103 16.51 15.24 36.39
C GLN D 103 16.57 15.51 34.86
N PRO D 104 15.43 15.60 34.14
CA PRO D 104 15.42 15.79 32.68
C PRO D 104 16.02 17.13 32.27
N GLY D 105 17.25 17.08 31.76
CA GLY D 105 17.94 18.30 31.43
C GLY D 105 17.38 18.96 30.19
N VAL D 106 17.59 20.27 30.08
CA VAL D 106 17.04 21.04 28.94
C VAL D 106 17.77 20.62 27.66
N ASN D 107 17.12 19.81 26.83
CA ASN D 107 17.75 19.28 25.61
C ASN D 107 16.76 19.48 24.46
N LYS D 108 17.16 19.19 23.23
CA LYS D 108 16.22 19.30 22.09
C LYS D 108 15.03 18.37 22.33
N PHE D 109 15.24 17.16 22.84
CA PHE D 109 14.07 16.29 23.14
C PHE D 109 13.22 16.89 24.26
N SER D 110 13.81 17.32 25.36
CA SER D 110 13.02 17.83 26.48
C SER D 110 12.20 19.03 26.04
N LEU D 111 12.83 19.98 25.36
CA LEU D 111 12.14 21.21 24.90
C LEU D 111 11.14 20.88 23.79
N ARG D 112 11.08 19.72 23.26
CA ARG D 112 10.14 19.37 22.21
C ARG D 112 9.10 18.45 22.78
N MET D 113 9.43 17.80 23.90
CA MET D 113 8.41 16.98 24.59
C MET D 113 7.61 17.88 25.55
N PHE D 114 8.27 18.39 26.58
CA PHE D 114 7.65 19.34 27.47
C PHE D 114 7.81 20.56 26.64
N GLY D 115 6.90 21.51 26.72
CA GLY D 115 6.99 22.63 25.82
C GLY D 115 8.26 23.46 25.72
N SER D 116 8.73 24.00 26.84
CA SER D 116 9.90 24.84 26.80
C SER D 116 10.56 24.85 28.15
N GLN D 117 11.60 25.65 28.29
CA GLN D 117 12.33 25.64 29.53
C GLN D 117 11.40 25.70 30.72
N LYS D 118 10.59 26.73 30.84
CA LYS D 118 9.73 26.90 32.05
C LYS D 118 8.91 25.62 32.27
N ALA D 119 8.58 24.87 31.22
CA ALA D 119 7.91 23.56 31.40
C ALA D 119 8.90 22.49 31.84
N VAL D 120 10.10 22.45 31.25
CA VAL D 120 11.14 21.45 31.64
C VAL D 120 11.52 21.72 33.08
N GLU D 121 11.72 22.99 33.45
CA GLU D 121 12.12 23.35 34.84
C GLU D 121 10.99 22.99 35.80
N LYS D 122 9.74 23.03 35.34
CA LYS D 122 8.61 22.59 36.19
C LYS D 122 8.70 21.08 36.44
N GLU D 123 9.00 20.28 35.40
CA GLU D 123 9.15 18.81 35.54
C GLU D 123 10.37 18.48 36.41
N GLN D 124 11.46 19.22 36.24
CA GLN D 124 12.68 18.97 37.03
C GLN D 124 12.30 19.15 38.50
N GLU D 125 11.50 20.17 38.79
CA GLU D 125 11.01 20.37 40.18
C GLU D 125 10.09 19.24 40.64
N ARG D 126 9.27 18.69 39.75
CA ARG D 126 8.34 17.58 40.12
C ARG D 126 9.18 16.37 40.56
N VAL D 127 10.30 16.12 39.89
CA VAL D 127 11.21 15.01 40.31
C VAL D 127 11.77 15.33 41.70
N LYS D 128 12.12 16.59 41.96
CA LYS D 128 12.75 16.95 43.26
C LYS D 128 11.78 16.74 44.42
N THR D 129 10.52 16.40 44.17
CA THR D 129 9.59 16.08 45.29
C THR D 129 10.06 14.80 46.01
N ALA D 130 10.48 13.76 45.27
CA ALA D 130 11.05 12.54 45.92
C ALA D 130 12.57 12.69 45.98
N GLY D 131 13.25 12.10 46.98
CA GLY D 131 14.68 12.40 47.14
C GLY D 131 15.68 11.28 46.87
N PHE D 132 16.53 11.45 45.84
CA PHE D 132 17.64 10.50 45.54
C PHE D 132 17.08 9.18 45.04
N TRP D 133 15.76 9.08 44.96
CA TRP D 133 15.14 7.78 44.59
C TRP D 133 14.16 7.99 43.45
N ILE D 134 14.29 8.98 42.63
CA ILE D 134 13.41 9.05 41.50
C ILE D 134 14.24 9.44 40.31
N ILE D 135 14.21 8.66 39.29
CA ILE D 135 14.97 8.93 38.04
C ILE D 135 13.93 9.18 36.96
N HIS D 136 14.07 10.22 36.16
CA HIS D 136 13.00 10.50 35.17
C HIS D 136 13.24 9.56 33.99
N PRO D 137 12.20 9.08 33.29
CA PRO D 137 12.41 8.18 32.19
C PRO D 137 13.28 8.85 31.12
N TYR D 138 13.20 10.16 30.97
CA TYR D 138 14.01 10.87 29.99
C TYR D 138 15.33 11.35 30.57
N SER D 139 15.59 11.02 31.83
CA SER D 139 16.83 11.44 32.48
C SER D 139 18.04 10.91 31.73
N ASP D 140 19.15 11.65 31.77
CA ASP D 140 20.35 11.23 31.07
C ASP D 140 20.99 10.03 31.77
N PHE D 141 20.63 9.81 33.04
CA PHE D 141 21.17 8.68 33.76
C PHE D 141 20.40 7.55 33.16
N ARG D 142 19.09 7.65 33.06
CA ARG D 142 18.38 6.57 32.36
C ARG D 142 18.97 6.42 30.97
N PHE D 143 19.35 7.50 30.32
CA PHE D 143 20.01 7.31 29.01
C PHE D 143 21.33 6.57 29.15
N TYR D 144 22.17 6.96 30.09
CA TYR D 144 23.50 6.32 30.24
C TYR D 144 23.38 4.91 30.79
N TRP D 145 22.52 4.67 31.77
CA TRP D 145 22.34 3.29 32.26
C TRP D 145 21.80 2.41 31.14
N ASP D 146 20.83 2.90 30.37
CA ASP D 146 20.26 2.11 29.26
C ASP D 146 21.30 1.84 28.17
N LEU D 147 22.23 2.77 27.89
CA LEU D 147 23.31 2.50 26.91
C LEU D 147 24.31 1.48 27.48
N ILE D 148 24.55 1.50 28.79
CA ILE D 148 25.41 0.47 29.42
C ILE D 148 24.68 -0.87 29.36
N MET D 149 23.40 -0.90 29.71
CA MET D 149 22.66 -2.18 29.75
C MET D 149 22.60 -2.76 28.34
N LEU D 150 22.25 -1.97 27.34
CA LEU D 150 22.08 -2.51 25.96
C LEU D 150 23.38 -3.13 25.47
N ILE D 151 24.53 -2.50 25.67
CA ILE D 151 25.81 -3.18 25.26
C ILE D 151 25.95 -4.47 26.06
N MET D 152 25.74 -4.41 27.37
CA MET D 152 25.86 -5.62 28.21
C MET D 152 24.81 -6.62 27.75
N MET D 153 23.60 -6.34 27.51
CA MET D 153 22.58 -7.33 27.15
C MET D 153 22.73 -7.87 25.77
N VAL D 154 23.41 -7.15 24.82
CA VAL D 154 23.73 -7.84 23.53
C VAL D 154 24.90 -8.79 23.79
N GLY D 155 25.89 -8.35 24.55
CA GLY D 155 27.02 -9.25 24.78
C GLY D 155 26.59 -10.51 25.50
N ASN D 156 25.76 -10.39 26.53
CA ASN D 156 25.30 -11.56 27.32
C ASN D 156 24.44 -12.47 26.45
N LEU D 157 23.60 -11.90 25.59
CA LEU D 157 22.69 -12.73 24.80
C LEU D 157 23.45 -13.39 23.64
N VAL D 158 24.68 -12.92 23.35
CA VAL D 158 25.51 -13.61 22.32
C VAL D 158 26.55 -14.56 22.95
N ILE D 159 27.21 -14.18 24.04
CA ILE D 159 28.22 -15.01 24.77
C ILE D 159 27.56 -16.10 25.63
N ILE D 160 26.42 -15.82 26.27
CA ILE D 160 25.78 -16.78 27.20
C ILE D 160 25.19 -18.03 26.57
N PRO D 161 24.54 -17.95 25.45
CA PRO D 161 24.09 -19.17 24.80
C PRO D 161 25.28 -20.05 24.36
N VAL D 162 26.34 -19.48 23.80
CA VAL D 162 27.55 -20.24 23.35
C VAL D 162 28.24 -20.85 24.55
N GLY D 163 28.32 -20.13 25.65
CA GLY D 163 29.06 -20.65 26.81
C GLY D 163 28.42 -21.87 27.41
N ILE D 164 27.10 -21.90 27.54
CA ILE D 164 26.38 -23.09 28.05
C ILE D 164 26.46 -24.23 27.04
N THR D 165 26.13 -23.97 25.76
CA THR D 165 26.05 -25.06 24.77
C THR D 165 27.37 -25.63 24.30
N PHE D 166 28.38 -24.82 23.96
CA PHE D 166 29.61 -25.36 23.34
C PHE D 166 30.79 -25.48 24.29
N PHE D 167 30.65 -25.11 25.55
CA PHE D 167 31.76 -25.29 26.53
C PHE D 167 31.29 -26.16 27.70
N THR D 168 32.01 -27.25 27.97
CA THR D 168 31.61 -28.20 29.04
C THR D 168 31.64 -27.59 30.43
N GLU D 169 32.65 -26.79 30.75
CA GLU D 169 32.78 -26.25 32.14
C GLU D 169 32.34 -24.79 32.20
N GLN D 170 31.26 -24.53 32.92
CA GLN D 170 30.80 -23.12 33.12
C GLN D 170 30.98 -22.74 34.59
N THR D 171 31.69 -23.58 35.35
CA THR D 171 32.00 -23.29 36.78
C THR D 171 33.46 -22.83 36.88
N THR D 172 34.11 -22.62 35.74
CA THR D 172 35.53 -22.18 35.72
C THR D 172 35.59 -20.74 36.24
N THR D 173 36.74 -20.28 36.74
CA THR D 173 36.81 -18.93 37.34
C THR D 173 36.48 -17.84 36.32
N PRO D 174 36.95 -17.82 35.06
CA PRO D 174 36.57 -16.76 34.14
C PRO D 174 35.05 -16.68 33.86
N TRP D 175 34.38 -17.82 33.77
CA TRP D 175 32.92 -17.81 33.45
C TRP D 175 32.13 -17.44 34.70
N ILE D 176 32.66 -17.69 35.90
CA ILE D 176 31.95 -17.26 37.14
C ILE D 176 32.12 -15.75 37.33
N ILE D 177 33.30 -15.19 37.04
CA ILE D 177 33.45 -13.72 37.13
C ILE D 177 32.52 -13.06 36.10
N PHE D 178 32.47 -13.59 34.86
CA PHE D 178 31.61 -12.98 33.82
C PHE D 178 30.14 -13.10 34.21
N ASN D 179 29.66 -14.20 34.66
CA ASN D 179 28.25 -14.38 35.00
C ASN D 179 27.83 -13.69 36.29
N VAL D 180 28.76 -13.57 37.28
CA VAL D 180 28.47 -12.76 38.50
C VAL D 180 28.48 -11.26 38.17
N ALA D 181 29.46 -10.80 37.39
CA ALA D 181 29.55 -9.35 37.10
C ALA D 181 28.33 -8.92 36.29
N SER D 182 27.96 -9.69 35.28
CA SER D 182 26.76 -9.35 34.46
C SER D 182 25.51 -9.41 35.33
N ASP D 183 25.38 -10.42 36.19
CA ASP D 183 24.19 -10.56 37.07
C ASP D 183 24.13 -9.38 38.04
N THR D 184 25.27 -8.90 38.55
CA THR D 184 25.26 -7.71 39.42
C THR D 184 24.74 -6.49 38.66
N VAL D 185 25.21 -6.25 37.44
CA VAL D 185 24.77 -5.05 36.65
C VAL D 185 23.27 -5.19 36.40
N PHE D 186 22.82 -6.39 36.06
CA PHE D 186 21.39 -6.64 35.78
C PHE D 186 20.55 -6.52 37.04
N LEU D 187 21.05 -6.97 38.19
CA LEU D 187 20.31 -6.83 39.47
C LEU D 187 20.22 -5.35 39.86
N LEU D 188 21.28 -4.57 39.68
CA LEU D 188 21.19 -3.12 39.96
C LEU D 188 20.06 -2.57 39.09
N ASP D 189 20.00 -2.98 37.83
CA ASP D 189 18.99 -2.41 36.91
C ASP D 189 17.59 -2.70 37.45
N LEU D 190 17.37 -3.87 38.03
CA LEU D 190 16.05 -4.20 38.63
C LEU D 190 15.77 -3.22 39.79
N ILE D 191 16.76 -2.91 40.64
CA ILE D 191 16.57 -1.94 41.75
C ILE D 191 16.26 -0.56 41.17
N MET D 192 17.01 -0.14 40.15
CA MET D 192 16.79 1.19 39.52
C MET D 192 15.41 1.24 38.88
N ASN D 193 14.95 0.18 38.24
CA ASN D 193 13.64 0.20 37.54
C ASN D 193 12.54 0.45 38.57
N PHE D 194 12.72 -0.01 39.81
CA PHE D 194 11.75 0.26 40.90
C PHE D 194 11.69 1.76 41.23
N ARG D 195 12.75 2.50 40.92
CA ARG D 195 12.79 3.94 41.25
C ARG D 195 12.93 4.80 39.99
N THR D 196 12.44 4.33 38.84
CA THR D 196 12.45 5.19 37.61
C THR D 196 11.02 5.44 37.14
N GLY D 197 10.66 6.69 36.91
CA GLY D 197 9.30 7.02 36.47
C GLY D 197 8.99 6.40 35.13
N THR D 198 7.76 5.98 34.91
CA THR D 198 7.42 5.29 33.66
C THR D 198 6.60 6.22 32.76
N VAL D 199 7.04 6.47 31.53
CA VAL D 199 6.23 7.28 30.58
C VAL D 199 4.85 6.62 30.49
N ASN D 200 3.79 7.41 30.44
CA ASN D 200 2.44 6.85 30.40
C ASN D 200 1.62 7.43 29.26
N GLU D 201 1.00 6.56 28.46
CA GLU D 201 0.18 7.03 27.36
C GLU D 201 -1.01 7.82 27.89
N ASP D 202 -1.24 9.00 27.34
CA ASP D 202 -2.32 9.84 27.82
C ASP D 202 -1.96 10.44 29.17
N SER D 203 -0.70 10.49 29.52
CA SER D 203 -0.42 11.16 30.80
C SER D 203 0.97 11.69 31.01
N SER D 204 1.30 11.88 32.28
CA SER D 204 2.62 12.35 32.61
C SER D 204 3.51 11.14 32.83
N GLU D 205 4.71 11.36 33.37
CA GLU D 205 5.56 10.23 33.69
C GLU D 205 5.32 9.83 35.14
N ILE D 206 4.67 8.68 35.35
CA ILE D 206 4.41 8.22 36.71
C ILE D 206 5.66 8.45 37.51
N ILE D 207 5.56 9.18 38.61
CA ILE D 207 6.78 9.53 39.34
C ILE D 207 6.76 9.22 40.84
N LEU D 208 5.60 8.94 41.42
CA LEU D 208 5.58 8.74 42.90
C LEU D 208 6.32 7.44 43.23
N ASP D 209 7.43 7.53 43.97
CA ASP D 209 8.26 6.32 44.19
C ASP D 209 7.54 5.20 44.94
N PRO D 210 6.79 5.44 46.04
CA PRO D 210 6.22 4.34 46.81
C PRO D 210 5.23 3.42 46.09
N LYS D 211 4.29 3.98 45.34
CA LYS D 211 3.28 3.06 44.75
C LYS D 211 3.12 3.27 43.25
N VAL D 212 3.34 4.48 42.77
CA VAL D 212 3.07 4.71 41.33
C VAL D 212 4.05 3.86 40.51
N ILE D 213 5.32 3.79 40.93
CA ILE D 213 6.35 3.06 40.14
C ILE D 213 6.57 1.65 40.72
N LYS D 214 6.74 1.52 42.03
CA LYS D 214 7.06 0.19 42.62
C LYS D 214 5.93 -0.81 42.37
N MET D 215 4.68 -0.38 42.51
CA MET D 215 3.57 -1.36 42.38
C MET D 215 3.18 -1.54 40.91
N ASN D 216 3.71 -0.73 40.00
CA ASN D 216 3.45 -0.99 38.56
C ASN D 216 4.48 -1.99 38.03
N TYR D 217 5.74 -1.89 38.45
CA TYR D 217 6.77 -2.87 38.04
C TYR D 217 6.41 -4.26 38.57
N LEU D 218 6.00 -4.36 39.83
CA LEU D 218 5.71 -5.68 40.44
C LEU D 218 4.57 -6.34 39.67
N LYS D 219 3.58 -5.55 39.25
CA LYS D 219 2.40 -6.11 38.56
C LYS D 219 2.70 -6.28 37.07
N SER D 220 3.87 -5.85 36.60
CA SER D 220 4.15 -5.91 35.14
C SER D 220 5.30 -6.86 34.83
N TRP D 221 6.55 -6.35 34.83
CA TRP D 221 7.69 -7.17 34.39
C TRP D 221 8.63 -7.58 35.52
N PHE D 222 8.24 -7.48 36.78
CA PHE D 222 9.21 -7.82 37.84
C PHE D 222 9.57 -9.30 37.72
N VAL D 223 8.71 -10.19 37.57
CA VAL D 223 9.11 -11.57 37.56
C VAL D 223 10.11 -11.85 36.45
N VAL D 224 9.73 -11.51 35.17
CA VAL D 224 10.66 -11.91 34.07
C VAL D 224 12.02 -11.32 34.39
N ASP D 225 12.05 -10.09 34.88
CA ASP D 225 13.32 -9.39 35.25
C ASP D 225 14.00 -10.05 36.45
N PHE D 226 13.24 -10.50 37.45
CA PHE D 226 13.88 -11.20 38.59
C PHE D 226 14.51 -12.50 38.13
N ILE D 227 13.81 -13.30 37.32
CA ILE D 227 14.34 -14.63 36.92
C ILE D 227 15.63 -14.42 36.11
N SER D 228 15.62 -13.45 35.20
CA SER D 228 16.83 -13.17 34.38
C SER D 228 17.99 -12.64 35.23
N SER D 229 17.75 -11.72 36.15
CA SER D 229 18.83 -11.10 36.96
C SER D 229 19.47 -12.10 37.93
N ILE D 230 18.67 -12.91 38.61
CA ILE D 230 19.24 -13.80 39.67
C ILE D 230 20.08 -14.92 39.03
N PRO D 231 21.19 -15.41 39.63
CA PRO D 231 21.92 -16.54 39.07
C PRO D 231 21.28 -17.85 39.55
N VAL D 232 20.14 -18.23 38.99
CA VAL D 232 19.45 -19.42 39.42
C VAL D 232 20.37 -20.62 39.35
N ASP D 233 21.19 -20.67 38.31
CA ASP D 233 22.06 -21.85 38.12
C ASP D 233 22.99 -22.01 39.33
N TYR D 234 23.61 -20.91 39.77
CA TYR D 234 24.54 -20.96 40.92
C TYR D 234 23.80 -21.26 42.22
N ILE D 235 22.59 -20.73 42.38
CA ILE D 235 21.79 -21.02 43.61
C ILE D 235 21.50 -22.52 43.67
N PHE D 236 21.12 -23.14 42.55
CA PHE D 236 20.84 -24.60 42.52
C PHE D 236 22.13 -25.36 42.82
N LEU D 237 23.24 -24.92 42.25
CA LEU D 237 24.52 -25.64 42.44
C LEU D 237 24.89 -25.60 43.92
N ILE D 238 24.75 -24.42 44.56
CA ILE D 238 25.09 -24.27 46.01
C ILE D 238 24.14 -25.11 46.87
N VAL D 239 22.84 -25.06 46.59
CA VAL D 239 21.84 -25.84 47.37
C VAL D 239 22.09 -27.34 47.21
N GLU D 240 22.38 -27.79 45.99
CA GLU D 240 22.54 -29.25 45.75
C GLU D 240 23.87 -29.73 46.34
N LYS D 241 24.86 -28.83 46.44
CA LYS D 241 26.15 -29.19 47.09
C LYS D 241 26.25 -28.50 48.45
N ARG D 252 25.67 -39.13 39.17
CA ARG D 252 24.47 -38.34 39.58
C ARG D 252 24.77 -36.85 39.36
N ALA D 253 26.05 -36.50 39.21
CA ALA D 253 26.43 -35.11 38.91
C ALA D 253 26.10 -34.72 37.45
N LEU D 254 26.08 -35.71 36.55
CA LEU D 254 25.81 -35.42 35.12
C LEU D 254 24.39 -34.88 34.95
N ARG D 255 23.41 -35.42 35.67
CA ARG D 255 22.04 -34.85 35.61
C ARG D 255 22.07 -33.43 36.18
N ILE D 256 22.89 -33.20 37.21
CA ILE D 256 23.00 -31.83 37.82
C ILE D 256 23.58 -30.88 36.77
N VAL D 257 24.62 -31.30 36.05
CA VAL D 257 25.22 -30.45 34.99
C VAL D 257 24.18 -30.19 33.89
N ARG D 258 23.38 -31.18 33.53
CA ARG D 258 22.32 -30.97 32.51
C ARG D 258 21.26 -29.98 33.03
N PHE D 259 20.81 -30.04 34.24
CA PHE D 259 19.88 -29.03 34.70
C PHE D 259 20.54 -27.68 34.70
N THR D 260 21.76 -27.57 35.28
CA THR D 260 22.34 -26.22 35.38
C THR D 260 22.33 -25.58 33.99
N LYS D 261 22.61 -26.34 32.94
CA LYS D 261 22.67 -25.77 31.58
C LYS D 261 21.29 -25.23 31.19
N ILE D 262 20.20 -25.94 31.50
CA ILE D 262 18.83 -25.43 31.22
C ILE D 262 18.49 -24.22 32.12
N LEU D 263 18.88 -24.24 33.40
CA LEU D 263 18.60 -23.14 34.37
C LEU D 263 19.36 -21.87 33.98
N SER D 264 20.51 -21.99 33.32
CA SER D 264 21.34 -20.82 32.98
C SER D 264 20.84 -20.20 31.67
N LEU D 265 19.78 -20.76 31.10
CA LEU D 265 19.20 -20.15 29.88
C LEU D 265 17.98 -19.36 30.32
N LEU D 266 17.78 -19.18 31.63
CA LEU D 266 16.69 -18.30 32.11
C LEU D 266 17.29 -16.90 32.09
N ARG D 267 18.57 -16.80 31.77
CA ARG D 267 19.29 -15.49 31.72
C ARG D 267 19.13 -14.95 30.32
N LEU D 268 18.34 -15.61 29.49
CA LEU D 268 18.10 -15.16 28.10
C LEU D 268 16.77 -14.42 28.12
N LEU D 269 16.18 -14.27 29.29
CA LEU D 269 14.91 -13.50 29.43
C LEU D 269 15.28 -12.02 29.45
N ARG D 270 16.57 -11.70 29.43
CA ARG D 270 17.04 -10.30 29.37
C ARG D 270 16.64 -9.77 28.01
N LEU D 271 16.21 -10.65 27.11
CA LEU D 271 15.71 -10.20 25.78
C LEU D 271 14.51 -9.29 26.03
N SER D 272 13.79 -9.50 27.14
CA SER D 272 12.63 -8.64 27.47
C SER D 272 13.16 -7.23 27.67
N ARG D 273 14.18 -7.06 28.48
CA ARG D 273 14.77 -5.72 28.71
C ARG D 273 15.39 -5.18 27.42
N LEU D 274 16.09 -5.96 26.60
CA LEU D 274 16.70 -5.37 25.39
C LEU D 274 15.58 -4.87 24.50
N ILE D 275 14.49 -5.63 24.36
CA ILE D 275 13.36 -5.22 23.50
C ILE D 275 12.70 -3.97 24.08
N ARG D 276 12.47 -3.93 25.39
CA ARG D 276 11.78 -2.78 26.02
C ARG D 276 12.67 -1.53 25.97
N TYR D 277 13.95 -1.64 26.29
CA TYR D 277 14.87 -0.48 26.29
C TYR D 277 15.07 0.07 24.89
N ILE D 278 15.20 -0.81 23.89
CA ILE D 278 15.38 -0.38 22.47
C ILE D 278 14.13 0.37 22.04
N HIS D 279 12.94 -0.13 22.39
CA HIS D 279 11.67 0.55 22.01
C HIS D 279 11.51 1.90 22.70
N GLN D 280 11.91 2.02 23.96
CA GLN D 280 11.81 3.30 24.71
C GLN D 280 12.74 4.31 24.07
N TRP D 281 13.98 3.93 23.79
CA TRP D 281 14.96 4.92 23.29
C TRP D 281 14.79 5.17 21.79
N GLU D 282 14.20 4.24 21.06
CA GLU D 282 13.90 4.53 19.64
C GLU D 282 12.80 5.58 19.56
N GLU D 283 11.79 5.51 20.44
CA GLU D 283 10.73 6.55 20.47
C GLU D 283 11.31 7.90 20.86
N ILE D 284 12.22 7.93 21.84
CA ILE D 284 12.88 9.21 22.24
C ILE D 284 13.70 9.74 21.06
N PHE D 285 14.39 8.88 20.33
CA PHE D 285 15.17 9.30 19.14
C PHE D 285 14.26 9.78 18.01
N HIS D 286 13.08 9.18 17.85
CA HIS D 286 12.12 9.62 16.80
C HIS D 286 11.71 11.07 17.05
N MET D 287 11.59 11.49 18.31
CA MET D 287 11.30 12.88 18.60
C MET D 287 12.55 13.71 18.38
N THR D 288 13.68 13.18 18.82
CA THR D 288 14.95 13.89 18.67
C THR D 288 15.36 13.98 17.20
N TYR D 289 15.10 12.97 16.41
CA TYR D 289 15.45 13.08 15.04
C TYR D 289 14.32 12.48 14.26
N ASP D 290 14.34 12.60 12.97
CA ASP D 290 13.30 12.06 12.10
C ASP D 290 13.73 10.80 11.40
N LEU D 291 13.95 9.76 12.17
CA LEU D 291 14.36 8.50 11.61
C LEU D 291 13.18 7.95 10.82
N ALA D 292 13.43 7.39 9.64
CA ALA D 292 12.36 6.83 8.89
C ALA D 292 11.89 5.65 9.66
N SER D 293 10.59 5.53 9.82
CA SER D 293 10.01 4.39 10.58
C SER D 293 10.42 3.07 9.96
N ALA D 294 10.40 2.96 8.63
CA ALA D 294 10.69 1.68 7.97
C ALA D 294 12.13 1.26 8.22
N VAL D 295 13.08 2.18 8.17
CA VAL D 295 14.52 1.87 8.41
C VAL D 295 14.73 1.44 9.85
N VAL D 296 14.03 2.06 10.80
CA VAL D 296 14.16 1.68 12.24
C VAL D 296 13.56 0.31 12.44
N ARG D 297 12.39 0.03 11.85
CA ARG D 297 11.69 -1.27 12.05
C ARG D 297 12.45 -2.42 11.40
N ILE D 298 12.99 -2.23 10.19
CA ILE D 298 13.72 -3.33 9.48
C ILE D 298 14.95 -3.68 10.29
N PHE D 299 15.64 -2.69 10.86
CA PHE D 299 16.86 -2.95 11.67
C PHE D 299 16.53 -3.67 12.97
N ASN D 300 15.39 -3.38 13.59
CA ASN D 300 15.01 -4.16 14.79
C ASN D 300 14.80 -5.62 14.40
N LEU D 301 14.15 -5.91 13.28
CA LEU D 301 14.01 -7.31 12.80
C LEU D 301 15.38 -7.89 12.43
N ILE D 302 16.26 -7.18 11.74
CA ILE D 302 17.55 -7.79 11.35
C ILE D 302 18.29 -8.12 12.64
N GLY D 303 18.19 -7.30 13.68
CA GLY D 303 18.79 -7.68 14.96
C GLY D 303 18.13 -8.88 15.59
N MET D 304 16.80 -8.93 15.57
CA MET D 304 16.04 -10.07 16.14
C MET D 304 16.28 -11.34 15.33
N MET D 305 16.34 -11.25 14.00
CA MET D 305 16.62 -12.42 13.13
C MET D 305 18.03 -12.96 13.40
N LEU D 306 19.03 -12.10 13.53
CA LEU D 306 20.41 -12.54 13.83
C LEU D 306 20.46 -13.19 15.21
N LEU D 307 19.76 -12.64 16.20
CA LEU D 307 19.77 -13.22 17.57
C LEU D 307 19.06 -14.56 17.58
N LEU D 308 17.91 -14.69 16.92
CA LEU D 308 17.16 -15.97 16.87
C LEU D 308 17.96 -17.01 16.10
N CYS D 309 18.64 -16.62 15.02
CA CYS D 309 19.50 -17.56 14.27
C CYS D 309 20.66 -18.02 15.14
N HIS D 310 21.24 -17.15 15.97
CA HIS D 310 22.33 -17.54 16.90
C HIS D 310 21.77 -18.54 17.90
N TRP D 311 20.64 -18.25 18.52
CA TRP D 311 20.01 -19.12 19.54
C TRP D 311 19.54 -20.44 18.93
N ASP D 312 18.99 -20.46 17.72
CA ASP D 312 18.62 -21.72 17.04
C ASP D 312 19.88 -22.54 16.77
N GLY D 313 20.97 -21.92 16.36
CA GLY D 313 22.20 -22.69 16.18
C GLY D 313 22.65 -23.34 17.46
N CYS D 314 22.60 -22.61 18.57
CA CYS D 314 22.99 -23.17 19.88
C CYS D 314 22.01 -24.27 20.32
N LEU D 315 20.71 -24.11 20.07
CA LEU D 315 19.68 -25.11 20.50
C LEU D 315 19.93 -26.41 19.76
N GLN D 316 20.33 -26.32 18.50
CA GLN D 316 20.57 -27.52 17.67
C GLN D 316 21.74 -28.31 18.24
N PHE D 317 22.65 -27.70 18.98
CA PHE D 317 23.72 -28.49 19.65
C PHE D 317 23.38 -28.74 21.11
N LEU D 318 22.64 -27.87 21.79
CA LEU D 318 22.25 -28.13 23.20
C LEU D 318 21.31 -29.33 23.30
N VAL D 319 20.29 -29.44 22.47
CA VAL D 319 19.37 -30.61 22.67
C VAL D 319 20.17 -31.89 22.47
N PRO D 320 21.04 -32.07 21.43
CA PRO D 320 21.92 -33.24 21.35
C PRO D 320 22.91 -33.38 22.51
N LEU D 321 23.51 -32.30 23.00
CA LEU D 321 24.45 -32.34 24.18
C LEU D 321 23.71 -32.80 25.43
N LEU D 322 22.49 -32.32 25.68
CA LEU D 322 21.77 -32.63 26.93
C LEU D 322 21.30 -34.08 26.88
N GLN D 323 21.51 -34.76 25.76
CA GLN D 323 21.07 -36.17 25.60
C GLN D 323 22.32 -37.03 25.42
N ASP D 324 23.48 -36.52 25.81
CA ASP D 324 24.77 -37.25 25.68
C ASP D 324 25.05 -37.62 24.23
N PHE D 325 24.74 -36.73 23.28
CA PHE D 325 25.08 -36.97 21.86
C PHE D 325 24.52 -38.32 21.42
N PRO D 326 23.19 -38.50 21.31
CA PRO D 326 22.61 -39.80 20.99
C PRO D 326 23.13 -40.27 19.64
N PRO D 327 23.20 -41.59 19.32
CA PRO D 327 23.82 -42.05 18.06
C PRO D 327 23.20 -41.54 16.75
N ASP D 328 21.96 -41.03 16.80
CA ASP D 328 21.27 -40.57 15.58
C ASP D 328 21.29 -39.04 15.48
N CYS D 329 21.92 -38.37 16.43
CA CYS D 329 21.98 -36.89 16.42
C CYS D 329 22.93 -36.43 15.34
N TRP D 330 22.73 -35.26 14.77
CA TRP D 330 23.56 -34.78 13.65
C TRP D 330 25.02 -34.66 14.08
N VAL D 331 25.23 -34.33 15.39
CA VAL D 331 26.58 -34.17 15.88
C VAL D 331 27.33 -35.48 15.73
N SER D 332 26.73 -36.55 16.17
CA SER D 332 27.33 -37.91 16.06
C SER D 332 27.37 -38.43 14.62
N LEU D 333 26.30 -38.22 13.85
CA LEU D 333 26.22 -38.70 12.44
C LEU D 333 27.25 -38.00 11.56
N ASN D 334 27.48 -36.70 11.76
CA ASN D 334 28.49 -35.93 10.99
C ASN D 334 29.85 -36.05 11.70
N GLU D 335 29.92 -36.83 12.78
CA GLU D 335 31.18 -37.08 13.52
C GLU D 335 31.80 -35.78 14.05
N MET D 336 31.00 -34.87 14.62
CA MET D 336 31.51 -33.57 15.12
C MET D 336 31.35 -33.48 16.64
N VAL D 337 31.25 -34.61 17.33
CA VAL D 337 31.18 -34.60 18.83
C VAL D 337 32.49 -34.08 19.40
N ASN D 338 33.63 -34.45 18.80
CA ASN D 338 34.96 -34.10 19.35
C ASN D 338 35.62 -32.93 18.60
N ASP D 339 34.90 -32.25 17.71
CA ASP D 339 35.45 -31.11 16.93
C ASP D 339 35.59 -29.88 17.84
N SER D 340 36.31 -28.86 17.39
CA SER D 340 36.54 -27.65 18.20
C SER D 340 35.26 -26.85 18.31
N TRP D 341 35.17 -25.93 19.26
CA TRP D 341 33.92 -25.16 19.47
C TRP D 341 33.61 -24.37 18.20
N GLY D 342 34.62 -23.94 17.46
CA GLY D 342 34.40 -23.22 16.20
C GLY D 342 33.75 -24.08 15.15
N LYS D 343 34.14 -25.34 15.01
CA LYS D 343 33.60 -26.19 13.91
C LYS D 343 32.25 -26.74 14.36
N GLN D 344 32.01 -26.86 15.66
CA GLN D 344 30.69 -27.24 16.19
C GLN D 344 29.73 -26.05 16.10
N TYR D 345 30.14 -24.85 16.49
CA TYR D 345 29.28 -23.65 16.39
C TYR D 345 29.01 -23.27 14.93
N SER D 346 30.03 -23.30 14.09
CA SER D 346 29.85 -22.85 12.69
C SER D 346 28.87 -23.78 12.00
N TYR D 347 28.87 -25.05 12.18
CA TYR D 347 27.96 -25.98 11.52
C TYR D 347 26.62 -25.99 12.15
N ALA D 348 26.53 -25.71 13.46
CA ALA D 348 25.21 -25.50 14.09
C ALA D 348 24.56 -24.21 13.61
N LEU D 349 25.29 -23.10 13.47
CA LEU D 349 24.72 -21.86 12.89
C LEU D 349 24.35 -22.11 11.44
N PHE D 350 25.20 -22.83 10.70
CA PHE D 350 24.93 -23.11 9.27
C PHE D 350 23.63 -23.87 9.19
N LYS D 351 23.48 -24.86 10.06
CA LYS D 351 22.26 -25.70 10.06
C LYS D 351 21.07 -24.82 10.41
N ALA D 352 21.17 -23.91 11.37
CA ALA D 352 20.02 -23.10 11.81
C ALA D 352 19.69 -21.99 10.83
N MET D 353 20.69 -21.36 10.24
CA MET D 353 20.46 -20.34 9.18
C MET D 353 19.83 -21.02 7.96
N SER D 354 20.27 -22.23 7.63
CA SER D 354 19.74 -22.94 6.44
C SER D 354 18.26 -23.23 6.63
N HIS D 355 17.83 -23.67 7.81
CA HIS D 355 16.39 -23.89 8.11
C HIS D 355 15.65 -22.56 8.07
N MET D 356 16.25 -21.50 8.60
CA MET D 356 15.58 -20.18 8.66
C MET D 356 15.34 -19.58 7.27
N LEU D 357 16.35 -19.42 6.45
CA LEU D 357 16.19 -18.86 5.11
C LEU D 357 15.60 -20.01 4.30
N CYS D 358 15.30 -21.10 5.00
CA CYS D 358 14.65 -22.25 4.35
C CYS D 358 15.43 -22.80 3.17
N ILE D 359 16.76 -22.76 3.23
CA ILE D 359 17.54 -23.42 2.13
C ILE D 359 17.51 -24.96 2.07
N GLY D 360 17.95 -25.63 3.15
CA GLY D 360 17.98 -27.08 3.18
C GLY D 360 18.40 -27.62 4.54
N TYR D 361 19.50 -28.36 4.57
CA TYR D 361 19.99 -28.92 5.82
C TYR D 361 21.51 -28.88 5.93
N GLY D 362 22.04 -29.21 7.09
CA GLY D 362 23.47 -29.23 7.26
C GLY D 362 24.06 -30.35 6.44
N ALA D 363 23.63 -31.58 6.71
CA ALA D 363 24.13 -32.73 5.96
C ALA D 363 23.00 -33.57 5.38
N GLN D 364 22.06 -33.97 6.23
CA GLN D 364 20.95 -34.81 5.77
C GLN D 364 19.68 -34.49 6.54
N ALA D 365 18.55 -35.07 6.11
CA ALA D 365 17.26 -34.78 6.78
C ALA D 365 17.25 -35.42 8.16
N PRO D 366 16.71 -34.77 9.24
CA PRO D 366 16.80 -35.32 10.59
C PRO D 366 16.30 -36.75 10.87
N VAL D 367 17.19 -37.68 11.21
CA VAL D 367 16.79 -39.07 11.58
C VAL D 367 16.07 -39.18 12.93
N SER D 368 16.55 -38.53 14.00
CA SER D 368 15.99 -38.73 15.36
C SER D 368 14.78 -37.84 15.64
N MET D 369 14.06 -38.09 16.72
CA MET D 369 12.82 -37.32 16.96
C MET D 369 13.15 -36.01 17.66
N SER D 370 14.22 -35.93 18.43
CA SER D 370 14.60 -34.62 18.98
C SER D 370 15.00 -33.73 17.80
N ASP D 371 15.73 -34.28 16.82
CA ASP D 371 16.16 -33.54 15.62
C ASP D 371 14.97 -33.19 14.74
N LEU D 372 14.02 -34.05 14.51
CA LEU D 372 12.91 -33.78 13.61
C LEU D 372 12.05 -32.71 14.20
N TRP D 373 11.92 -32.64 15.53
CA TRP D 373 11.16 -31.56 16.20
C TRP D 373 11.93 -30.25 16.37
N ILE D 374 13.22 -30.27 16.70
CA ILE D 374 14.04 -29.04 16.80
C ILE D 374 14.28 -28.46 15.43
N THR D 375 14.32 -29.26 14.39
CA THR D 375 14.39 -28.75 13.00
C THR D 375 13.07 -28.10 12.63
N MET D 376 11.94 -28.68 13.01
CA MET D 376 10.61 -28.10 12.72
C MET D 376 10.38 -26.81 13.50
N LEU D 377 10.84 -26.70 14.74
CA LEU D 377 10.76 -25.42 15.47
C LEU D 377 11.60 -24.37 14.77
N SER D 378 12.79 -24.71 14.30
CA SER D 378 13.70 -23.73 13.66
C SER D 378 13.17 -23.42 12.26
N MET D 379 12.46 -24.35 11.64
CA MET D 379 11.83 -24.07 10.32
C MET D 379 10.67 -23.10 10.49
N ILE D 380 9.79 -23.29 11.48
CA ILE D 380 8.61 -22.39 11.72
C ILE D 380 9.08 -21.03 12.21
N VAL D 381 10.06 -20.95 13.12
CA VAL D 381 10.64 -19.66 13.59
C VAL D 381 11.31 -18.97 12.41
N GLY D 382 12.07 -19.70 11.60
CA GLY D 382 12.77 -19.11 10.46
C GLY D 382 11.87 -18.59 9.36
N ALA D 383 10.85 -19.35 8.96
CA ALA D 383 9.91 -18.92 7.92
C ALA D 383 9.09 -17.72 8.37
N THR D 384 8.64 -17.68 9.62
CA THR D 384 7.90 -16.50 10.15
C THR D 384 8.80 -15.27 10.16
N CYS D 385 10.07 -15.39 10.54
CA CYS D 385 11.01 -14.25 10.51
C CYS D 385 11.27 -13.78 9.07
N TYR D 386 11.46 -14.70 8.13
CA TYR D 386 11.65 -14.30 6.71
C TYR D 386 10.38 -13.69 6.11
N ALA D 387 9.20 -14.25 6.36
CA ALA D 387 7.94 -13.64 5.89
C ALA D 387 7.86 -12.21 6.40
N MET D 388 8.29 -11.97 7.66
CA MET D 388 8.31 -10.62 8.23
C MET D 388 9.39 -9.76 7.59
N PHE D 389 10.53 -10.30 7.24
CA PHE D 389 11.58 -9.55 6.52
C PHE D 389 11.11 -9.19 5.11
N VAL D 390 10.44 -10.09 4.40
CA VAL D 390 9.88 -9.73 3.07
C VAL D 390 8.83 -8.62 3.28
N GLY D 391 8.03 -8.69 4.34
CA GLY D 391 7.04 -7.63 4.65
C GLY D 391 7.66 -6.30 5.01
N HIS D 392 8.70 -6.28 5.82
CA HIS D 392 9.41 -5.03 6.20
C HIS D 392 10.15 -4.47 4.99
N ALA D 393 10.72 -5.33 4.14
CA ALA D 393 11.37 -4.89 2.90
C ALA D 393 10.36 -4.24 1.97
N THR D 394 9.15 -4.81 1.85
CA THR D 394 8.10 -4.22 0.99
C THR D 394 7.74 -2.81 1.50
N ALA D 395 7.58 -2.64 2.81
CA ALA D 395 7.25 -1.33 3.39
C ALA D 395 8.39 -0.32 3.22
N LEU D 396 9.64 -0.72 3.37
CA LEU D 396 10.77 0.21 3.12
C LEU D 396 10.77 0.61 1.65
N ILE D 397 10.59 -0.34 0.73
CA ILE D 397 10.65 -0.04 -0.73
C ILE D 397 9.49 0.86 -1.13
N GLN D 398 8.29 0.64 -0.60
CA GLN D 398 7.13 1.51 -0.91
C GLN D 398 7.37 2.91 -0.34
N SER D 399 7.94 3.11 0.76
CA SER D 399 8.13 4.42 1.36
C SER D 399 9.30 5.20 0.82
N LEU D 400 10.23 4.51 0.16
CA LEU D 400 11.33 5.26 -0.53
C LEU D 400 10.79 6.02 -1.74
N ASP D 401 9.86 5.46 -2.50
CA ASP D 401 9.38 6.13 -3.75
C ASP D 401 7.99 6.72 -3.54
N SER D 402 7.62 7.09 -2.32
CA SER D 402 6.22 7.52 -2.07
C SER D 402 5.86 8.73 -2.92
N SER D 403 6.73 9.72 -3.02
CA SER D 403 6.36 10.95 -3.76
C SER D 403 6.18 10.68 -5.26
N ARG D 404 7.05 9.89 -5.87
CA ARG D 404 6.94 9.52 -7.30
C ARG D 404 5.73 8.61 -7.54
N ARG D 405 5.44 7.68 -6.65
CA ARG D 405 4.26 6.81 -6.78
C ARG D 405 3.00 7.64 -6.69
N GLN D 406 2.96 8.60 -5.78
CA GLN D 406 1.77 9.47 -5.61
C GLN D 406 1.55 10.34 -6.85
N TYR D 407 2.61 10.83 -7.51
CA TYR D 407 2.38 11.58 -8.78
C TYR D 407 1.77 10.66 -9.82
N GLN D 408 2.27 9.44 -9.93
CA GLN D 408 1.77 8.55 -11.01
C GLN D 408 0.29 8.25 -10.75
N GLU D 409 -0.11 8.05 -9.51
CA GLU D 409 -1.53 7.83 -9.17
C GLU D 409 -2.34 9.09 -9.50
N LYS D 410 -1.76 10.28 -9.39
CA LYS D 410 -2.49 11.54 -9.74
C LYS D 410 -2.65 11.64 -11.25
N TYR D 411 -1.58 11.45 -12.02
CA TYR D 411 -1.73 11.48 -13.49
C TYR D 411 -2.62 10.32 -13.97
N LYS D 412 -2.56 9.14 -13.36
CA LYS D 412 -3.41 8.06 -13.90
C LYS D 412 -4.87 8.49 -13.80
N GLN D 413 -5.25 9.19 -12.74
CA GLN D 413 -6.64 9.71 -12.61
C GLN D 413 -6.92 10.74 -13.70
N VAL D 414 -5.95 11.58 -14.09
CA VAL D 414 -6.18 12.51 -15.23
C VAL D 414 -6.41 11.68 -16.49
N GLU D 415 -5.68 10.60 -16.68
CA GLU D 415 -5.87 9.71 -17.85
C GLU D 415 -7.28 9.10 -17.81
N GLN D 416 -7.77 8.72 -16.64
CA GLN D 416 -9.15 8.19 -16.49
C GLN D 416 -10.19 9.26 -16.79
N TYR D 417 -9.97 10.52 -16.41
CA TYR D 417 -10.91 11.60 -16.79
C TYR D 417 -10.92 11.72 -18.30
N MET D 418 -9.75 11.72 -18.91
CA MET D 418 -9.67 11.87 -20.37
C MET D 418 -10.32 10.67 -21.04
N SER D 419 -10.13 9.46 -20.49
CA SER D 419 -10.76 8.22 -21.04
C SER D 419 -12.28 8.27 -20.94
N PHE D 420 -12.83 8.74 -19.82
CA PHE D 420 -14.30 8.77 -19.62
C PHE D 420 -14.90 9.72 -20.64
N HIS D 421 -14.27 10.87 -20.84
CA HIS D 421 -14.81 11.89 -21.78
C HIS D 421 -14.37 11.54 -23.19
N LYS D 422 -13.57 10.49 -23.37
CA LYS D 422 -13.11 10.01 -24.70
C LYS D 422 -12.41 11.14 -25.44
N LEU D 423 -11.53 11.88 -24.77
CA LEU D 423 -10.87 13.06 -25.39
C LEU D 423 -9.99 12.57 -26.53
N PRO D 424 -9.82 13.31 -27.66
CA PRO D 424 -9.05 12.81 -28.80
C PRO D 424 -7.59 12.64 -28.36
N ALA D 425 -6.81 11.82 -29.08
CA ALA D 425 -5.42 11.55 -28.65
C ALA D 425 -4.58 12.82 -28.69
N ASP D 426 -4.86 13.74 -29.61
CA ASP D 426 -4.11 15.01 -29.67
C ASP D 426 -4.33 15.81 -28.39
N MET D 427 -5.56 15.93 -27.91
CA MET D 427 -5.87 16.66 -26.66
C MET D 427 -5.23 15.93 -25.49
N ARG D 428 -5.24 14.61 -25.52
CA ARG D 428 -4.62 13.83 -24.42
C ARG D 428 -3.13 14.14 -24.34
N GLN D 429 -2.45 14.40 -25.46
CA GLN D 429 -1.02 14.76 -25.41
C GLN D 429 -0.83 16.23 -25.01
N LYS D 430 -1.73 17.13 -25.37
CA LYS D 430 -1.58 18.51 -24.88
C LYS D 430 -1.66 18.49 -23.36
N ILE D 431 -2.60 17.74 -22.79
CA ILE D 431 -2.77 17.65 -21.32
C ILE D 431 -1.58 16.96 -20.67
N HIS D 432 -1.02 15.91 -21.27
CA HIS D 432 0.20 15.27 -20.70
C HIS D 432 1.35 16.26 -20.68
N ASP D 433 1.54 17.02 -21.75
CA ASP D 433 2.62 18.01 -21.81
C ASP D 433 2.36 19.12 -20.78
N TYR D 434 1.11 19.51 -20.56
CA TYR D 434 0.85 20.53 -19.50
C TYR D 434 1.26 19.97 -18.15
N TYR D 435 0.90 18.73 -17.83
CA TYR D 435 1.19 18.18 -16.49
C TYR D 435 2.70 18.05 -16.29
N GLU D 436 3.42 17.64 -17.32
CA GLU D 436 4.91 17.54 -17.24
C GLU D 436 5.51 18.92 -17.00
N HIS D 437 4.97 19.96 -17.63
CA HIS D 437 5.58 21.31 -17.51
C HIS D 437 4.92 22.15 -16.42
N ARG D 438 3.87 21.68 -15.78
CA ARG D 438 3.29 22.47 -14.66
C ARG D 438 3.73 21.88 -13.34
N TYR D 439 3.59 20.58 -13.15
CA TYR D 439 3.93 19.95 -11.86
C TYR D 439 5.35 19.42 -11.89
N GLN D 440 5.92 19.21 -13.07
CA GLN D 440 7.35 18.80 -13.20
C GLN D 440 7.59 17.49 -12.45
N GLY D 441 6.62 16.59 -12.45
CA GLY D 441 6.79 15.28 -11.80
C GLY D 441 6.67 15.37 -10.29
N LYS D 442 6.16 16.49 -9.78
CA LYS D 442 6.10 16.70 -8.32
C LYS D 442 4.65 16.75 -7.85
N ILE D 443 4.28 15.94 -6.85
CA ILE D 443 2.92 16.02 -6.27
C ILE D 443 3.01 16.89 -5.02
N PHE D 444 2.25 17.98 -4.98
CA PHE D 444 2.20 18.84 -3.79
C PHE D 444 0.87 19.58 -3.81
N ASP D 445 0.35 20.02 -2.67
CA ASP D 445 -0.85 20.87 -2.69
C ASP D 445 -0.41 22.24 -2.20
N GLU D 446 -0.29 23.22 -3.09
CA GLU D 446 0.27 24.51 -2.64
C GLU D 446 -0.66 25.10 -1.60
N GLU D 447 -1.98 25.01 -1.80
CA GLU D 447 -2.92 25.66 -0.86
C GLU D 447 -2.81 25.03 0.53
N ASN D 448 -2.80 23.70 0.62
CA ASN D 448 -2.65 23.04 1.94
C ASN D 448 -1.26 23.32 2.53
N ILE D 449 -0.20 23.21 1.74
CA ILE D 449 1.18 23.38 2.30
C ILE D 449 1.33 24.81 2.78
N LEU D 450 0.82 25.77 2.01
CA LEU D 450 0.89 27.20 2.41
C LEU D 450 0.01 27.47 3.64
N ASN D 451 -1.16 26.84 3.75
CA ASN D 451 -2.07 27.09 4.90
C ASN D 451 -1.41 26.62 6.20
N GLU D 452 -0.69 25.50 6.16
CA GLU D 452 -0.01 24.96 7.36
C GLU D 452 1.07 25.93 7.86
N LEU D 453 1.79 26.59 6.97
CA LEU D 453 2.92 27.48 7.33
C LEU D 453 2.43 28.74 8.04
N ASN D 454 3.25 29.34 8.91
CA ASN D 454 2.85 30.52 9.70
C ASN D 454 2.96 31.75 8.83
N ASP D 455 2.47 32.90 9.29
CA ASP D 455 2.48 34.10 8.41
C ASP D 455 3.92 34.48 8.01
N PRO D 456 4.94 34.48 8.88
CA PRO D 456 6.31 34.76 8.42
C PRO D 456 6.92 33.82 7.38
N LEU D 457 6.74 32.50 7.52
CA LEU D 457 7.23 31.52 6.52
C LEU D 457 6.46 31.66 5.21
N ARG D 458 5.15 31.91 5.25
CA ARG D 458 4.42 32.12 3.99
C ARG D 458 4.96 33.35 3.28
N GLU D 459 5.23 34.44 4.00
CA GLU D 459 5.73 35.68 3.38
C GLU D 459 7.09 35.41 2.76
N GLU D 460 7.95 34.66 3.44
CA GLU D 460 9.32 34.41 2.91
C GLU D 460 9.22 33.61 1.61
N ILE D 461 8.40 32.57 1.57
CA ILE D 461 8.28 31.71 0.35
C ILE D 461 7.71 32.56 -0.77
N VAL D 462 6.72 33.38 -0.52
CA VAL D 462 6.12 34.22 -1.54
C VAL D 462 7.05 35.30 -2.03
N ASN D 463 7.79 35.92 -1.13
CA ASN D 463 8.79 36.92 -1.58
C ASN D 463 9.87 36.24 -2.43
N PHE D 464 10.38 35.08 -2.05
CA PHE D 464 11.48 34.50 -2.86
C PHE D 464 10.92 34.17 -4.25
N ASN D 465 9.73 33.56 -4.30
CA ASN D 465 9.12 33.15 -5.60
C ASN D 465 8.71 34.32 -6.47
N CYS D 466 8.06 35.36 -5.82
CA CYS D 466 7.50 36.43 -6.63
C CYS D 466 8.08 37.84 -6.52
N ARG D 467 8.98 38.15 -5.62
CA ARG D 467 9.35 39.58 -5.39
C ARG D 467 10.08 40.17 -6.59
N LYS D 468 11.02 39.43 -7.17
CA LYS D 468 11.81 40.01 -8.29
C LYS D 468 10.86 40.51 -9.38
N LEU D 469 9.95 39.66 -9.85
CA LEU D 469 9.06 40.03 -10.99
C LEU D 469 8.16 41.22 -10.65
N VAL D 470 7.52 41.21 -9.48
CA VAL D 470 6.58 42.31 -9.11
C VAL D 470 7.35 43.62 -8.94
N ALA D 471 8.59 43.55 -8.43
CA ALA D 471 9.40 44.77 -8.17
C ALA D 471 9.67 45.52 -9.47
N THR D 472 9.89 44.81 -10.58
CA THR D 472 10.15 45.45 -11.89
C THR D 472 8.94 46.30 -12.30
N MET D 473 7.72 45.82 -12.05
CA MET D 473 6.53 46.57 -12.53
C MET D 473 6.54 47.96 -11.91
N PRO D 474 6.29 49.04 -12.69
CA PRO D 474 6.37 50.41 -12.18
C PRO D 474 5.37 50.74 -11.07
N LEU D 475 4.13 50.24 -11.19
CA LEU D 475 3.08 50.55 -10.19
C LEU D 475 3.50 50.00 -8.83
N PHE D 476 4.07 48.80 -8.78
CA PHE D 476 4.42 48.17 -7.48
C PHE D 476 5.81 48.60 -7.00
N ALA D 477 6.59 49.27 -7.85
CA ALA D 477 7.97 49.67 -7.48
C ALA D 477 7.97 50.67 -6.31
N ASN D 478 7.06 51.64 -6.31
CA ASN D 478 7.09 52.72 -5.27
C ASN D 478 6.17 52.37 -4.10
N ALA D 479 5.49 51.22 -4.15
CA ALA D 479 4.51 50.86 -3.10
C ALA D 479 5.17 50.48 -1.77
N ASP D 480 4.44 50.65 -0.65
CA ASP D 480 4.97 50.29 0.69
C ASP D 480 5.20 48.77 0.76
N PRO D 481 6.33 48.26 1.32
CA PRO D 481 6.60 46.83 1.28
C PRO D 481 5.44 46.01 1.86
N ASN D 482 4.67 46.59 2.78
CA ASN D 482 3.49 45.88 3.34
C ASN D 482 2.51 45.62 2.20
N PHE D 483 2.21 46.64 1.39
CA PHE D 483 1.24 46.48 0.27
C PHE D 483 1.78 45.47 -0.75
N VAL D 484 3.07 45.55 -1.07
CA VAL D 484 3.63 44.66 -2.12
C VAL D 484 3.48 43.22 -1.60
N THR D 485 3.73 42.99 -0.31
CA THR D 485 3.65 41.61 0.24
C THR D 485 2.20 41.12 0.14
N ALA D 486 1.23 41.99 0.35
CA ALA D 486 -0.18 41.58 0.20
C ALA D 486 -0.47 41.20 -1.26
N MET D 487 0.01 41.98 -2.22
CA MET D 487 -0.20 41.69 -3.67
C MET D 487 0.51 40.39 -4.01
N LEU D 488 1.72 40.18 -3.50
CA LEU D 488 2.51 38.98 -3.88
C LEU D 488 1.74 37.73 -3.49
N SER D 489 1.02 37.76 -2.36
CA SER D 489 0.22 36.58 -1.96
C SER D 489 -0.87 36.31 -3.00
N LYS D 490 -1.48 37.36 -3.56
CA LYS D 490 -2.58 37.20 -4.54
C LYS D 490 -2.10 36.52 -5.83
N LEU D 491 -0.89 36.82 -6.30
CA LEU D 491 -0.37 36.26 -7.58
C LEU D 491 -0.61 34.75 -7.62
N ARG D 492 -1.15 34.23 -8.73
CA ARG D 492 -1.38 32.77 -8.91
C ARG D 492 -0.49 32.28 -10.03
N PHE D 493 0.07 31.08 -9.90
CA PHE D 493 1.00 30.54 -10.88
C PHE D 493 0.25 29.84 -12.00
N GLU D 494 0.56 30.18 -13.25
CA GLU D 494 -0.15 29.61 -14.42
C GLU D 494 0.84 29.28 -15.53
N VAL D 495 0.79 28.08 -16.10
CA VAL D 495 1.70 27.69 -17.22
C VAL D 495 0.88 27.66 -18.52
N PHE D 496 1.28 28.41 -19.54
CA PHE D 496 0.58 28.42 -20.84
C PHE D 496 1.44 27.70 -21.88
N GLN D 497 0.90 26.70 -22.57
CA GLN D 497 1.67 25.87 -23.52
C GLN D 497 1.93 26.65 -24.81
N PRO D 498 2.87 26.23 -25.68
CA PRO D 498 3.18 26.96 -26.89
C PRO D 498 1.96 27.09 -27.82
N GLY D 499 1.71 28.29 -28.34
CA GLY D 499 0.56 28.54 -29.22
C GLY D 499 -0.69 28.98 -28.47
N ASP D 500 -0.71 28.84 -27.14
CA ASP D 500 -1.93 29.18 -26.36
C ASP D 500 -2.11 30.69 -26.38
N TYR D 501 -3.35 31.17 -26.35
CA TYR D 501 -3.54 32.63 -26.27
C TYR D 501 -3.78 33.01 -24.81
N ILE D 502 -2.77 33.61 -24.18
CA ILE D 502 -2.88 34.02 -22.75
C ILE D 502 -3.98 35.07 -22.66
N ILE D 503 -3.93 36.09 -23.50
CA ILE D 503 -4.97 37.15 -23.53
C ILE D 503 -5.46 37.25 -24.99
N ARG D 504 -6.76 37.41 -25.20
CA ARG D 504 -7.32 37.52 -26.57
C ARG D 504 -7.85 38.94 -26.79
N GLU D 505 -7.53 39.54 -27.94
CA GLU D 505 -7.94 40.95 -28.18
C GLU D 505 -9.46 41.07 -28.18
N GLY D 506 -9.99 42.11 -27.54
CA GLY D 506 -11.44 42.36 -27.54
C GLY D 506 -12.16 41.65 -26.41
N ALA D 507 -11.47 40.79 -25.67
CA ALA D 507 -12.09 40.14 -24.49
C ALA D 507 -12.02 41.08 -23.28
N VAL D 508 -12.98 40.95 -22.37
CA VAL D 508 -12.96 41.79 -21.13
C VAL D 508 -11.70 41.39 -20.33
N GLY D 509 -11.00 42.36 -19.74
CA GLY D 509 -9.75 42.02 -19.05
C GLY D 509 -9.97 41.85 -17.56
N LYS D 510 -9.85 40.62 -17.06
CA LYS D 510 -10.11 40.36 -15.62
C LYS D 510 -8.82 40.01 -14.88
N LYS D 511 -7.66 40.01 -15.56
CA LYS D 511 -6.40 39.58 -14.88
C LYS D 511 -5.17 40.00 -15.66
N MET D 512 -4.15 40.50 -14.97
CA MET D 512 -2.87 40.85 -15.58
C MET D 512 -1.86 39.76 -15.28
N TYR D 513 -0.82 39.71 -16.10
CA TYR D 513 0.13 38.61 -16.06
C TYR D 513 1.55 39.15 -15.89
N PHE D 514 2.28 38.56 -14.96
CA PHE D 514 3.71 38.81 -14.80
C PHE D 514 4.45 37.63 -15.39
N ILE D 515 5.41 37.79 -16.32
CA ILE D 515 6.06 36.59 -16.95
C ILE D 515 7.30 36.10 -16.19
N GLN D 516 7.22 34.99 -15.46
CA GLN D 516 8.42 34.41 -14.78
C GLN D 516 9.39 33.79 -15.78
N HIS D 517 8.91 33.03 -16.77
CA HIS D 517 9.77 32.32 -17.74
C HIS D 517 9.04 32.19 -19.07
N GLY D 518 9.74 31.82 -20.14
CA GLY D 518 9.09 31.61 -21.44
C GLY D 518 9.10 32.83 -22.31
N VAL D 519 8.94 32.66 -23.63
CA VAL D 519 8.90 33.82 -24.57
C VAL D 519 7.48 33.97 -25.09
N ALA D 520 6.77 35.00 -24.68
CA ALA D 520 5.44 35.27 -25.21
C ALA D 520 5.55 36.18 -26.42
N GLY D 521 4.42 36.63 -26.94
CA GLY D 521 4.44 37.58 -28.04
C GLY D 521 3.16 38.37 -28.16
N VAL D 522 3.27 39.70 -28.21
CA VAL D 522 2.11 40.58 -28.24
C VAL D 522 1.76 40.86 -29.69
N ILE D 523 0.73 40.19 -30.19
CA ILE D 523 0.21 40.42 -31.54
C ILE D 523 -0.90 41.45 -31.45
N THR D 524 -0.75 42.55 -32.20
CA THR D 524 -1.71 43.63 -32.22
C THR D 524 -2.02 43.99 -33.67
N LYS D 525 -2.79 45.07 -33.85
CA LYS D 525 -3.12 45.55 -35.17
C LYS D 525 -2.19 46.64 -35.65
N SER D 526 -1.72 47.50 -34.74
CA SER D 526 -0.88 48.63 -35.14
C SER D 526 0.57 48.21 -35.34
N SER D 527 1.22 47.72 -34.28
CA SER D 527 2.63 47.35 -34.37
C SER D 527 2.83 45.90 -34.79
N LYS D 528 2.04 44.98 -34.19
CA LYS D 528 1.95 43.56 -34.52
C LYS D 528 3.24 42.78 -34.32
N GLU D 529 4.20 43.30 -33.56
CA GLU D 529 5.45 42.58 -33.31
C GLU D 529 6.05 43.07 -32.01
N MET D 530 5.86 42.30 -30.94
CA MET D 530 6.49 42.61 -29.65
C MET D 530 6.63 41.30 -28.88
N LYS D 531 7.83 40.73 -28.81
CA LYS D 531 8.02 39.41 -28.13
C LYS D 531 8.56 39.62 -26.70
N LEU D 532 7.69 39.59 -25.68
CA LEU D 532 8.10 39.74 -24.26
C LEU D 532 8.78 38.46 -23.78
N THR D 533 9.80 38.58 -22.91
CA THR D 533 10.57 37.39 -22.44
C THR D 533 10.55 37.33 -20.91
N ASP D 534 11.47 36.58 -20.30
CA ASP D 534 11.46 36.40 -18.81
C ASP D 534 11.49 37.74 -18.09
N GLY D 535 10.64 37.93 -17.09
CA GLY D 535 10.64 39.16 -16.26
C GLY D 535 9.68 40.22 -16.76
N SER D 536 9.17 40.08 -17.97
CA SER D 536 8.25 41.09 -18.56
C SER D 536 6.85 41.02 -17.97
N TYR D 537 6.08 42.11 -18.01
CA TYR D 537 4.70 42.13 -17.48
C TYR D 537 3.74 42.53 -18.61
N PHE D 538 2.59 41.87 -18.71
CA PHE D 538 1.59 42.22 -19.75
C PHE D 538 0.17 42.21 -19.18
N GLY D 539 -0.75 42.92 -19.80
CA GLY D 539 -2.12 43.01 -19.26
C GLY D 539 -2.24 44.06 -18.19
N GLU D 540 -1.24 44.93 -18.03
CA GLU D 540 -1.23 45.91 -16.92
C GLU D 540 -2.42 46.88 -16.99
N ILE D 541 -2.78 47.36 -18.17
CA ILE D 541 -3.86 48.38 -18.30
C ILE D 541 -5.15 47.87 -17.65
N CYS D 542 -5.36 46.55 -17.66
CA CYS D 542 -6.58 45.95 -17.07
C CYS D 542 -6.48 45.95 -15.55
N LEU D 543 -6.35 47.11 -14.93
CA LEU D 543 -6.32 47.17 -13.48
C LEU D 543 -7.27 48.21 -12.90
N LEU D 544 -7.47 49.33 -13.59
CA LEU D 544 -8.41 50.35 -13.15
C LEU D 544 -9.34 50.83 -14.25
N THR D 545 -9.24 50.28 -15.46
CA THR D 545 -10.08 50.73 -16.56
C THR D 545 -11.40 49.98 -16.61
N LYS D 546 -11.36 48.66 -16.34
CA LYS D 546 -12.51 47.75 -16.39
C LYS D 546 -13.20 47.78 -17.76
N GLY D 547 -12.38 47.67 -18.82
CA GLY D 547 -12.91 47.69 -20.20
C GLY D 547 -12.51 46.44 -20.98
N ARG D 548 -11.88 46.60 -22.15
CA ARG D 548 -11.55 45.44 -23.01
C ARG D 548 -10.09 45.49 -23.45
N ARG D 549 -9.45 44.32 -23.62
CA ARG D 549 -7.99 44.26 -23.96
C ARG D 549 -7.77 44.67 -25.42
N THR D 550 -6.74 45.47 -25.68
CA THR D 550 -6.46 45.97 -27.06
C THR D 550 -5.46 45.06 -27.79
N ALA D 551 -4.80 44.14 -27.09
CA ALA D 551 -3.76 43.32 -27.74
C ALA D 551 -3.93 41.86 -27.35
N SER D 552 -3.50 40.95 -28.22
CA SER D 552 -3.62 39.50 -27.93
C SER D 552 -2.23 38.93 -27.72
N VAL D 553 -1.99 38.30 -26.57
CA VAL D 553 -0.63 37.77 -26.27
C VAL D 553 -0.68 36.26 -26.43
N ARG D 554 0.19 35.71 -27.26
CA ARG D 554 0.21 34.26 -27.52
C ARG D 554 1.52 33.68 -26.99
N ALA D 555 1.45 32.65 -26.17
CA ALA D 555 2.69 32.01 -25.69
C ALA D 555 3.43 31.44 -26.90
N ASP D 556 4.73 31.66 -26.98
CA ASP D 556 5.52 31.12 -28.07
C ASP D 556 6.47 30.10 -27.49
N THR D 557 6.29 29.71 -26.27
CA THR D 557 7.08 28.63 -25.74
C THR D 557 6.28 28.36 -24.54
N TYR D 558 6.60 27.35 -23.77
CA TYR D 558 5.84 27.20 -22.57
C TYR D 558 6.06 28.56 -21.94
N CYS D 559 5.21 28.96 -21.01
CA CYS D 559 5.35 30.30 -20.47
C CYS D 559 4.83 30.25 -19.09
N ARG D 560 5.70 30.37 -18.12
CA ARG D 560 5.22 30.22 -16.73
C ARG D 560 4.96 31.65 -16.28
N LEU D 561 3.72 32.00 -15.94
CA LEU D 561 3.39 33.41 -15.64
C LEU D 561 2.72 33.48 -14.27
N TYR D 562 2.67 34.67 -13.67
CA TYR D 562 1.97 34.84 -12.38
C TYR D 562 0.80 35.79 -12.65
N SER D 563 -0.42 35.37 -12.39
CA SER D 563 -1.60 36.19 -12.76
C SER D 563 -2.20 36.86 -11.55
N LEU D 564 -2.40 38.18 -11.62
CA LEU D 564 -3.06 38.88 -10.51
C LEU D 564 -4.45 39.30 -10.98
N SER D 565 -5.52 38.79 -10.48
CA SER D 565 -6.85 39.12 -10.97
C SER D 565 -7.27 40.51 -10.50
N VAL D 566 -7.98 41.22 -11.27
CA VAL D 566 -8.38 42.63 -10.98
C VAL D 566 -9.14 42.64 -9.66
N ASP D 567 -9.97 41.62 -9.41
CA ASP D 567 -10.72 41.54 -8.14
C ASP D 567 -9.74 41.44 -6.95
N ASN D 568 -8.71 40.59 -7.07
CA ASN D 568 -7.72 40.40 -5.98
C ASN D 568 -6.91 41.69 -5.79
N PHE D 569 -6.58 42.39 -6.87
CA PHE D 569 -5.86 43.68 -6.76
C PHE D 569 -6.73 44.64 -5.96
N ASN D 570 -8.03 44.66 -6.26
CA ASN D 570 -8.95 45.58 -5.54
C ASN D 570 -9.00 45.20 -4.06
N GLU D 571 -9.04 43.91 -3.72
CA GLU D 571 -9.19 43.51 -2.30
C GLU D 571 -7.96 43.97 -1.49
N VAL D 572 -6.75 43.77 -2.02
CA VAL D 572 -5.51 44.25 -1.33
C VAL D 572 -5.52 45.77 -1.32
N LEU D 573 -6.02 46.39 -2.39
CA LEU D 573 -6.06 47.85 -2.47
C LEU D 573 -7.07 48.41 -1.47
N GLU D 574 -8.12 47.66 -1.20
CA GLU D 574 -9.13 48.09 -0.20
C GLU D 574 -8.48 48.16 1.18
N GLU D 575 -7.61 47.19 1.51
CA GLU D 575 -6.97 47.16 2.85
C GLU D 575 -6.01 48.33 2.99
N TYR D 576 -5.29 48.69 1.92
CA TYR D 576 -4.38 49.88 1.98
C TYR D 576 -5.02 51.02 1.18
N PRO D 577 -5.74 51.96 1.82
CA PRO D 577 -6.45 53.02 1.09
C PRO D 577 -5.59 54.02 0.30
N MET D 578 -4.46 54.46 0.87
CA MET D 578 -3.64 55.51 0.21
C MET D 578 -3.13 54.99 -1.14
N MET D 579 -2.41 53.88 -1.14
CA MET D 579 -1.83 53.33 -2.36
C MET D 579 -2.89 53.20 -3.46
C1 CLR E . 20.08 -2.28 -16.70
C2 CLR E . 21.34 -2.82 -16.03
C3 CLR E . 22.48 -1.85 -16.12
C4 CLR E . 22.07 -0.51 -15.53
C5 CLR E . 20.81 0.04 -16.16
C6 CLR E . 20.75 1.25 -16.69
C7 CLR E . 19.49 1.97 -17.04
C8 CLR E . 18.25 1.16 -16.72
C9 CLR E . 18.51 -0.32 -17.07
C10 CLR E . 19.62 -0.91 -16.16
C11 CLR E . 17.24 -1.19 -17.06
C12 CLR E . 16.06 -0.55 -17.80
C13 CLR E . 15.76 0.84 -17.24
C14 CLR E . 17.03 1.68 -17.47
C15 CLR E . 16.58 3.12 -17.24
C16 CLR E . 15.09 3.14 -17.62
C17 CLR E . 14.71 1.69 -18.00
C18 CLR E . 15.38 0.77 -15.75
C19 CLR E . 19.14 -1.06 -14.71
C20 CLR E . 13.20 1.38 -17.79
C21 CLR E . 12.71 0.21 -18.63
C22 CLR E . 12.34 2.62 -18.06
C23 CLR E . 10.88 2.45 -17.75
C24 CLR E . 9.98 3.18 -18.72
C25 CLR E . 8.70 2.46 -19.11
C26 CLR E . 8.99 1.08 -19.67
C27 CLR E . 7.74 2.35 -17.93
O1 CLR E . 23.62 -2.37 -15.42
O1 VNZ F . 22.41 7.73 -24.95
C6 VNZ F . 21.32 7.18 -24.93
C5 VNZ F . 21.08 5.81 -25.54
C4 VNZ F . 21.31 4.68 -24.54
C24 VNZ F . 22.18 3.65 -24.92
C25 VNZ F . 22.34 2.52 -24.12
O4 VNZ F . 23.17 1.52 -24.55
C26 VNZ F . 24.41 1.44 -23.87
C1 VNZ F . 21.61 2.41 -22.94
O VNZ F . 21.67 1.26 -22.18
C VNZ F . 20.59 0.36 -22.44
N VNZ F . 20.22 7.60 -24.27
C22 VNZ F . 20.12 7.14 -22.90
C23 VNZ F . 19.66 5.68 -22.79
C3 VNZ F . 20.63 4.60 -23.30
C2 VNZ F . 20.80 3.45 -22.52
C7 VNZ F . 18.99 8.02 -24.94
C8 VNZ F . 19.16 8.92 -26.18
C9 VNZ F . 17.91 9.79 -26.42
N1 VNZ F . 18.17 11.27 -26.08
C10 VNZ F . 17.02 12.16 -26.57
C11 VNZ F . 18.54 11.61 -24.60
C12 VNZ F . 20.01 12.05 -24.45
C21 VNZ F . 20.39 13.30 -23.66
C14 VNZ F . 21.08 13.87 -24.72
C13 VNZ F . 20.73 12.74 -25.67
C20 VNZ F . 20.29 13.98 -22.44
C18 VNZ F . 20.94 15.21 -22.29
O3 VNZ F . 20.82 15.91 -21.12
C19 VNZ F . 21.86 15.64 -20.20
C16 VNZ F . 21.70 15.75 -23.35
C15 VNZ F . 21.75 15.09 -24.58
O2 VNZ F . 22.45 16.89 -23.18
C17 VNZ F . 21.74 18.12 -23.20
C1 CLR G . -7.78 -19.02 -16.29
C2 CLR G . -6.62 -19.58 -17.11
C3 CLR G . -6.85 -19.40 -18.60
C4 CLR G . -7.07 -17.93 -18.91
C5 CLR G . -8.20 -17.34 -18.08
C6 CLR G . -9.22 -16.70 -18.64
C7 CLR G . -10.18 -15.83 -17.91
C8 CLR G . -9.86 -15.73 -16.41
C9 CLR G . -9.41 -17.11 -15.91
C10 CLR G . -8.07 -17.52 -16.58
C11 CLR G . -9.34 -17.21 -14.38
C12 CLR G . -10.56 -16.63 -13.67
C13 CLR G . -10.81 -15.19 -14.10
C14 CLR G . -11.05 -15.23 -15.62
C15 CLR G . -11.66 -13.86 -15.95
C16 CLR G . -12.38 -13.42 -14.65
C17 CLR G . -12.13 -14.53 -13.60
C18 CLR G . -9.62 -14.29 -13.74
C19 CLR G . -6.89 -16.66 -16.09
C20 CLR G . -12.21 -14.00 -12.16
C21 CLR G . -12.50 -15.10 -11.14
C22 CLR G . -13.23 -12.87 -12.03
C23 CLR G . -13.28 -12.22 -10.67
C24 CLR G . -14.67 -11.82 -10.26
C25 CLR G . -15.01 -12.02 -8.78
C26 CLR G . -14.78 -13.45 -8.34
C27 CLR G . -14.23 -11.06 -7.89
O1 CLR G . -5.71 -19.89 -19.32
O1 VNZ H . -18.76 -17.01 -23.31
C6 VNZ H . -18.78 -16.95 -22.08
C5 VNZ H . -18.74 -18.18 -21.19
C4 VNZ H . -17.31 -18.59 -20.83
C24 VNZ H . -16.92 -19.91 -21.08
C25 VNZ H . -15.68 -20.38 -20.64
O4 VNZ H . -15.37 -21.71 -20.87
C26 VNZ H . -14.42 -21.92 -21.92
C1 VNZ H . -14.81 -19.53 -19.95
O VNZ H . -13.63 -20.00 -19.44
C VNZ H . -13.72 -20.34 -18.06
N VNZ H . -18.71 -15.83 -21.34
C22 VNZ H . -17.35 -15.41 -21.02
C23 VNZ H . -16.72 -16.23 -19.90
C3 VNZ H . -16.40 -17.70 -20.19
C2 VNZ H . -15.16 -18.20 -19.78
C7 VNZ H . -19.79 -15.37 -20.48
C8 VNZ H . -21.21 -15.42 -21.07
C9 VNZ H . -22.14 -14.40 -20.42
N1 VNZ H . -22.47 -13.24 -21.39
C10 VNZ H . -23.60 -12.36 -20.84
C11 VNZ H . -21.29 -12.37 -21.87
C12 VNZ H . -20.97 -12.58 -23.38
C21 VNZ H . -20.77 -11.39 -24.33
C14 VNZ H . -21.76 -11.83 -25.20
C13 VNZ H . -22.13 -13.02 -24.33
C20 VNZ H . -20.08 -10.21 -24.57
C18 VNZ H . -20.36 -9.49 -25.75
O3 VNZ H . -19.71 -8.31 -25.99
C19 VNZ H . -18.53 -8.46 -26.75
C16 VNZ H . -21.29 -9.99 -26.67
C15 VNZ H . -22.01 -11.15 -26.39
O2 VNZ H . -21.48 -9.37 -27.90
C17 VNZ H . -22.25 -8.18 -27.89
C1 CLR I . -7.09 -19.36 16.21
C2 CLR I . -7.22 -20.70 15.48
C3 CLR I . -8.62 -21.26 15.58
C4 CLR I . -9.62 -20.25 15.05
C5 CLR I . -9.49 -18.90 15.72
C6 CLR I . -10.53 -18.30 16.29
C7 CLR I . -10.56 -16.86 16.69
C8 CLR I . -9.26 -16.13 16.37
C9 CLR I . -8.08 -17.07 16.67
C10 CLR I . -8.09 -18.29 15.71
C11 CLR I . -6.72 -16.36 16.66
C12 CLR I . -6.71 -15.04 17.43
C13 CLR I . -7.80 -14.10 16.93
C14 CLR I . -9.14 -14.84 17.16
C15 CLR I . -10.20 -13.76 17.00
C16 CLR I . -9.50 -12.44 17.41
C17 CLR I . -8.04 -12.80 17.75
C18 CLR I . -7.59 -13.75 15.45
C19 CLR I . -7.77 -17.89 14.26
C20 CLR I . -7.07 -11.61 17.55
C21 CLR I . -5.79 -11.75 18.36
C22 CLR I . -7.76 -10.28 17.88
C23 CLR I . -6.92 -9.06 17.60
C24 CLR I . -7.13 -7.96 18.60
C25 CLR I . -5.87 -7.18 19.00
C26 CLR I . -4.77 -8.10 19.51
C27 CLR I . -5.35 -6.33 17.84
O1 CLR I . -8.71 -22.48 14.84
O1 VNZ J . -16.86 -16.99 24.73
C6 VNZ J . -15.86 -16.28 24.71
C5 VNZ J . -14.53 -16.73 25.29
C4 VNZ J . -13.65 -17.44 24.25
C24 VNZ J . -13.15 -18.71 24.56
C25 VNZ J . -12.24 -19.35 23.73
O4 VNZ J . -11.73 -20.57 24.11
C26 VNZ J . -12.26 -21.68 23.40
C1 VNZ J . -11.82 -18.72 22.56
O VNZ J . -10.86 -19.29 21.77
C VNZ J . -9.55 -18.77 22.01
N VNZ J . -15.73 -15.09 24.09
C22 VNZ J . -15.30 -15.19 22.71
C23 VNZ J . -13.79 -15.46 22.57
C3 VNZ J . -13.28 -16.83 23.02
C2 VNZ J . -12.37 -17.50 22.19
C7 VNZ J . -15.51 -13.85 24.81
C8 VNZ J . -16.36 -13.60 26.07
C9 VNZ J . -16.52 -12.11 26.36
N1 VNZ J . -17.96 -11.64 26.07
C10 VNZ J . -18.19 -10.22 26.62
C11 VNZ J . -18.46 -11.75 24.60
C12 VNZ J . -19.55 -12.83 24.43
C21 VNZ J . -20.85 -12.56 23.67
C14 VNZ J . -21.65 -12.92 24.74
C13 VNZ J . -20.47 -13.18 25.66
C20 VNZ J . -21.42 -12.10 22.48
C18 VNZ J . -22.82 -12.09 22.36
O3 VNZ J . -23.40 -11.62 21.22
C19 VNZ J . -23.66 -12.63 20.28
C16 VNZ J . -23.63 -12.55 23.43
C15 VNZ J . -23.04 -12.95 24.63
O2 VNZ J . -25.00 -12.67 23.27
C17 VNZ J . -25.75 -11.47 23.35
C1 CLR K . 20.77 -2.61 15.79
C2 CLR K . 20.74 -3.92 16.57
C3 CLR K . 20.72 -3.69 18.07
C4 CLR K . 19.54 -2.82 18.43
C5 CLR K . 19.52 -1.52 17.65
C6 CLR K . 19.44 -0.34 18.25
C7 CLR K . 19.11 0.95 17.56
C8 CLR K . 18.85 0.77 16.07
C9 CLR K . 19.85 -0.26 15.51
C10 CLR K . 19.60 -1.66 16.13
C11 CLR K . 19.88 -0.32 13.97
C12 CLR K . 19.92 1.06 13.31
C13 CLR K . 18.78 1.94 13.80
C14 CLR K . 18.96 2.09 15.31
C15 CLR K . 18.03 3.24 15.70
C16 CLR K . 17.96 4.13 14.44
C17 CLR K . 18.81 3.43 13.35
C18 CLR K . 17.41 1.32 13.43
C19 CLR K . 18.27 -2.28 15.66
C20 CLR K . 18.35 3.79 11.92
C21 CLR K . 19.43 3.57 10.88
C22 CLR K . 17.83 5.23 11.86
C23 CLR K . 17.25 5.63 10.53
C24 CLR K . 17.54 7.06 10.15
C25 CLR K . 17.85 7.31 8.67
C26 CLR K . 18.99 6.45 8.18
C27 CLR K . 16.61 7.10 7.80
O1 CLR K . 20.63 -4.94 18.75
O1 VNZ L . 24.32 7.77 23.10
C6 VNZ L . 24.23 7.86 21.87
C5 VNZ L . 25.28 7.27 20.94
C4 VNZ L . 24.96 5.84 20.53
C24 VNZ L . 25.95 4.87 20.72
C25 VNZ L . 25.78 3.57 20.26
O4 VNZ L . 26.80 2.66 20.43
C26 VNZ L . 26.57 1.70 21.44
C1 VNZ L . 24.61 3.23 19.58
O VNZ L . 24.45 1.99 19.02
C VNZ L . 24.77 1.95 17.64
N VNZ L . 23.21 8.35 21.17
C22 VNZ L . 22.18 7.37 20.84
C23 VNZ L . 22.59 6.46 19.66
C3 VNZ L . 23.74 5.48 19.91
C2 VNZ L . 23.59 4.17 19.45
C7 VNZ L . 23.29 9.56 20.35
C8 VNZ L . 24.02 10.76 20.97
C9 VNZ L . 23.54 12.09 20.37
N1 VNZ L . 22.69 12.89 21.39
C10 VNZ L . 22.44 14.32 20.88
C11 VNZ L . 21.36 12.23 21.87
C12 VNZ L . 21.43 11.81 23.36
C21 VNZ L . 20.32 12.16 24.35
C14 VNZ L . 21.19 12.80 25.23
C13 VNZ L . 22.39 12.60 24.32
C20 VNZ L . 18.95 12.10 24.61
C18 VNZ L . 18.48 12.62 25.82
O3 VNZ L . 17.13 12.62 26.09
C19 VNZ L . 16.73 11.48 26.82
C16 VNZ L . 19.37 13.20 26.75
C15 VNZ L . 20.73 13.30 26.45
O2 VNZ L . 18.94 13.61 28.00
C17 VNZ L . 18.25 14.85 28.05
#